data_8DMJ
#
_entry.id   8DMJ
#
loop_
_entity.id
_entity.type
_entity.pdbx_description
1 polymer 'Fusion glycoprotein F0,Fusion glycoprotein F1'
2 polymer 'antibody 1H1 heavy chain'
3 polymer 'antibody 1H1 light chain'
#
loop_
_entity_poly.entity_id
_entity_poly.type
_entity_poly.pdbx_seq_one_letter_code
_entity_poly.pdbx_strand_id
1 'polypeptide(L)'
;MYSMQLASCVTLTLVLLVNSQGILHYEKLSKIGLVKGVTRKYKIKSNPLTKDIVIKMIPNVSNMSQCTGSVMENYKTRLN
GILTPIKGALEIYKNGGSGVAIGIATAAQITAGVALYEAMKNADNINKLKSSIESTNEAVVKLQETAEKTVYVLTALQDY
INTNLVPTIDKISCKQTELSLDLALSKYLSDLLFVFGPNLQDPVSNSMTIQAISQAFGGNYETLLRTLGYATEDFDDLLE
SDSITGQIIYVDLSSYYIIVRVYFPILTEIQQAYIQELLPVSFNNDNSEWISIVPNFILVRNTLISNIEIGFCLITKRSV
ICNQDYATPMTNNMRECLTGSTEKCPRELVVSSHVPRFALSNGVLFANCISVTCQCQTTGRAISQSGEQTLLMIDNTTCP
TAVLGNVIISLGKYLGSVNYNSEGIAIGPPVFTDKVDISSQISSMNQSLQQSKDYIKEAQRLLDTVNPSLKLMKQIEDKI
EEILSKIYHIENEIARIKKLIGEAPGGLVPRGSHHHHHHSAWSHPQFEK
;
A,B,C
2 'polypeptide(L)'
;AVQLQQSGAELMRPGASMKISCKATGYTFSSYWIDWVKQRPGHGLEWIGEILPGSGDTNYNENFKGKAAFTADTSSNTAY
MQLTSLTSEDSAVFYCARGGRYHGQGFFDYWGQGTTLTVSS
;
D,H
3 'polypeptide(L)'
;AIQMTQSPASLSASVGETVTITCRPSENVHIYLAWYQQKQGKSPQLLVYNAKTLADGVPSRFSGSASGTQFSLKINSLQP
EDFGSYYCQHFWSIPYTFGGGTKLEIK
;
E,L
#
# COMPACT_ATOMS: atom_id res chain seq x y z
N ILE A 23 28.48 21.96 -15.49
CA ILE A 23 28.66 20.56 -15.12
C ILE A 23 28.39 19.68 -16.33
N LEU A 24 27.12 19.35 -16.56
CA LEU A 24 26.76 18.57 -17.73
C LEU A 24 26.94 19.38 -19.00
N HIS A 25 27.49 18.75 -20.03
CA HIS A 25 27.73 19.39 -21.32
C HIS A 25 26.65 18.96 -22.30
N TYR A 26 25.57 19.73 -22.34
CA TYR A 26 24.41 19.33 -23.13
C TYR A 26 24.63 19.47 -24.63
N GLU A 27 25.61 20.27 -25.06
CA GLU A 27 25.88 20.38 -26.49
C GLU A 27 26.42 19.07 -27.05
N LYS A 28 27.51 18.57 -26.46
CA LYS A 28 28.11 17.35 -26.96
C LYS A 28 27.26 16.12 -26.65
N LEU A 29 26.53 16.14 -25.54
CA LEU A 29 25.57 15.06 -25.28
C LEU A 29 24.44 15.08 -26.30
N SER A 30 23.98 16.28 -26.67
CA SER A 30 22.95 16.39 -27.70
C SER A 30 23.44 15.87 -29.04
N LYS A 31 24.71 16.15 -29.37
CA LYS A 31 25.26 15.63 -30.62
C LYS A 31 25.48 14.13 -30.59
N ILE A 32 25.35 13.49 -29.44
CA ILE A 32 25.43 12.03 -29.32
C ILE A 32 24.04 11.43 -29.13
N GLY A 33 23.00 12.23 -29.33
CA GLY A 33 21.64 11.75 -29.26
C GLY A 33 20.98 11.86 -27.90
N LEU A 34 21.69 12.33 -26.89
CA LEU A 34 21.13 12.51 -25.55
C LEU A 34 20.30 13.79 -25.54
N VAL A 35 19.14 13.74 -24.91
CA VAL A 35 18.29 14.91 -24.78
C VAL A 35 18.15 15.29 -23.31
N LYS A 36 18.16 16.59 -23.04
CA LYS A 36 17.91 17.07 -21.69
C LYS A 36 16.43 16.96 -21.37
N GLY A 37 16.10 16.27 -20.28
CA GLY A 37 14.74 16.06 -19.87
C GLY A 37 14.34 16.97 -18.72
N VAL A 38 13.26 16.58 -18.05
CA VAL A 38 12.76 17.36 -16.92
C VAL A 38 13.79 17.35 -15.80
N THR A 39 14.08 18.52 -15.25
CA THR A 39 15.02 18.66 -14.15
C THR A 39 14.24 18.85 -12.86
N ARG A 40 14.52 17.99 -11.88
CA ARG A 40 13.78 17.96 -10.63
C ARG A 40 14.76 18.09 -9.47
N LYS A 41 14.29 18.69 -8.37
CA LYS A 41 15.12 18.81 -7.18
C LYS A 41 15.02 17.53 -6.35
N TYR A 42 16.12 17.17 -5.71
CA TYR A 42 16.21 15.92 -4.96
C TYR A 42 15.81 16.17 -3.52
N LYS A 43 14.74 15.50 -3.08
CA LYS A 43 14.21 15.67 -1.73
C LYS A 43 14.11 14.32 -1.04
N ILE A 44 14.35 14.32 0.27
CA ILE A 44 14.30 13.11 1.08
C ILE A 44 13.10 13.19 2.00
N LYS A 45 12.32 12.10 2.06
CA LYS A 45 11.13 12.04 2.91
C LYS A 45 11.53 11.49 4.27
N SER A 46 11.54 12.39 5.25
CA SER A 46 11.89 12.02 6.62
C SER A 46 10.68 11.44 7.34
N ASN A 47 10.87 11.16 8.62
CA ASN A 47 9.76 10.68 9.44
C ASN A 47 8.69 11.75 9.55
N PRO A 48 7.42 11.42 9.36
CA PRO A 48 6.40 12.46 9.26
C PRO A 48 5.91 12.93 10.62
N LEU A 49 5.53 14.21 10.67
CA LEU A 49 4.83 14.73 11.83
C LEU A 49 3.41 14.19 11.84
N THR A 50 2.84 14.07 13.04
CA THR A 50 1.56 13.41 13.21
C THR A 50 0.60 14.31 13.98
N LYS A 51 -0.58 14.51 13.41
CA LYS A 51 -1.67 15.22 14.06
C LYS A 51 -2.89 14.32 14.11
N ASP A 52 -3.78 14.61 15.05
CA ASP A 52 -5.02 13.86 15.23
C ASP A 52 -6.21 14.77 14.98
N ILE A 53 -7.22 14.24 14.30
CA ILE A 53 -8.44 14.98 14.01
C ILE A 53 -9.62 14.16 14.55
N VAL A 54 -10.26 14.68 15.59
CA VAL A 54 -11.45 14.05 16.16
C VAL A 54 -12.65 14.55 15.37
N ILE A 55 -13.38 13.64 14.76
CA ILE A 55 -14.51 13.97 13.90
C ILE A 55 -15.77 13.40 14.55
N LYS A 56 -16.49 14.25 15.27
CA LYS A 56 -17.77 13.86 15.84
C LYS A 56 -18.83 13.84 14.75
N MET A 57 -19.34 12.65 14.45
CA MET A 57 -20.37 12.51 13.42
C MET A 57 -21.77 12.79 13.94
N ILE A 58 -21.92 13.05 15.23
CA ILE A 58 -23.18 13.52 15.79
C ILE A 58 -23.02 15.00 16.10
N PRO A 59 -23.59 15.90 15.31
CA PRO A 59 -23.39 17.33 15.56
C PRO A 59 -24.09 17.77 16.83
N ASN A 60 -23.73 18.97 17.28
CA ASN A 60 -24.27 19.50 18.52
C ASN A 60 -25.73 19.92 18.34
N VAL A 61 -26.63 18.93 18.30
CA VAL A 61 -28.04 19.23 18.14
C VAL A 61 -28.57 19.88 19.41
N SER A 62 -29.65 20.66 19.26
CA SER A 62 -30.25 21.32 20.41
C SER A 62 -30.97 20.32 21.30
N ASN A 63 -31.26 20.74 22.53
CA ASN A 63 -31.93 19.89 23.50
C ASN A 63 -33.43 19.79 23.26
N MET A 64 -33.94 20.26 22.13
CA MET A 64 -35.35 20.19 21.85
C MET A 64 -35.77 18.73 21.58
N SER A 65 -37.06 18.48 21.75
CA SER A 65 -37.62 17.14 21.56
C SER A 65 -38.85 17.11 20.67
N GLN A 66 -39.10 18.16 19.90
CA GLN A 66 -40.28 18.19 19.04
C GLN A 66 -40.08 17.31 17.82
N CYS A 67 -40.37 16.01 17.98
CA CYS A 67 -40.29 15.04 16.89
C CYS A 67 -38.87 14.95 16.32
N THR A 68 -37.88 14.81 17.20
CA THR A 68 -36.49 14.68 16.79
C THR A 68 -35.90 13.31 17.10
N GLY A 69 -36.61 12.49 17.88
CA GLY A 69 -36.06 11.19 18.24
C GLY A 69 -35.93 10.24 17.06
N SER A 70 -36.95 10.22 16.20
CA SER A 70 -36.96 9.28 15.08
C SER A 70 -35.81 9.54 14.12
N VAL A 71 -35.61 10.81 13.75
CA VAL A 71 -34.52 11.14 12.84
C VAL A 71 -33.17 10.89 13.50
N MET A 72 -33.05 11.15 14.80
CA MET A 72 -31.79 10.89 15.48
C MET A 72 -31.46 9.41 15.46
N GLU A 73 -32.44 8.56 15.76
CA GLU A 73 -32.21 7.12 15.73
C GLU A 73 -31.90 6.64 14.31
N ASN A 74 -32.60 7.17 13.32
CA ASN A 74 -32.35 6.76 11.94
C ASN A 74 -30.97 7.18 11.48
N TYR A 75 -30.52 8.37 11.86
CA TYR A 75 -29.19 8.82 11.47
C TYR A 75 -28.11 8.04 12.21
N LYS A 76 -28.38 7.65 13.46
CA LYS A 76 -27.44 6.78 14.17
C LYS A 76 -27.34 5.42 13.49
N THR A 77 -28.48 4.87 13.05
CA THR A 77 -28.46 3.63 12.29
C THR A 77 -27.71 3.80 10.97
N ARG A 78 -27.88 4.95 10.31
CA ARG A 78 -27.14 5.25 9.09
C ARG A 78 -25.64 5.27 9.35
N LEU A 79 -25.22 5.89 10.45
CA LEU A 79 -23.80 5.88 10.81
C LEU A 79 -23.32 4.49 11.17
N ASN A 80 -24.21 3.63 11.65
CA ASN A 80 -23.80 2.27 12.00
C ASN A 80 -23.22 1.54 10.80
N GLY A 81 -23.89 1.62 9.65
CA GLY A 81 -23.38 0.98 8.45
C GLY A 81 -22.10 1.59 7.95
N ILE A 82 -21.90 2.89 8.19
CA ILE A 82 -20.67 3.55 7.80
C ILE A 82 -19.50 3.09 8.67
N LEU A 83 -19.75 2.95 9.97
CA LEU A 83 -18.66 2.85 10.93
C LEU A 83 -18.34 1.42 11.34
N THR A 84 -19.32 0.52 11.36
CA THR A 84 -19.08 -0.86 11.77
C THR A 84 -18.03 -1.54 10.91
N PRO A 85 -18.06 -1.40 9.57
CA PRO A 85 -16.94 -1.95 8.78
C PRO A 85 -15.59 -1.37 9.16
N ILE A 86 -15.55 -0.11 9.57
CA ILE A 86 -14.29 0.48 10.03
C ILE A 86 -13.88 -0.12 11.37
N LYS A 87 -14.87 -0.30 12.26
CA LYS A 87 -14.59 -0.89 13.59
C LYS A 87 -14.32 -2.39 13.41
N GLY A 88 -15.17 -3.08 12.65
CA GLY A 88 -15.00 -4.52 12.40
C GLY A 88 -13.72 -4.80 11.63
N ALA A 89 -13.36 -3.90 10.70
CA ALA A 89 -12.12 -4.04 9.91
C ALA A 89 -11.10 -4.90 10.67
N LYS A 171 -50.18 17.33 12.69
CA LYS A 171 -48.76 17.02 12.86
C LYS A 171 -47.93 17.69 11.79
N ILE A 172 -48.45 18.78 11.21
CA ILE A 172 -47.72 19.49 10.16
C ILE A 172 -46.44 20.10 10.73
N SER A 173 -46.54 20.75 11.89
CA SER A 173 -45.36 21.34 12.51
C SER A 173 -44.39 20.26 12.98
N CYS A 174 -44.90 19.13 13.45
CA CYS A 174 -44.05 18.06 13.94
C CYS A 174 -43.17 17.49 12.83
N LYS A 175 -43.77 17.22 11.66
CA LYS A 175 -43.02 16.58 10.59
C LYS A 175 -42.13 17.56 9.85
N GLN A 176 -42.53 18.83 9.78
CA GLN A 176 -41.68 19.82 9.12
C GLN A 176 -40.36 19.99 9.86
N THR A 177 -40.41 20.04 11.19
CA THR A 177 -39.17 20.07 11.96
C THR A 177 -38.45 18.73 11.84
N GLU A 178 -39.20 17.63 11.68
CA GLU A 178 -38.60 16.33 11.45
C GLU A 178 -37.79 16.32 10.15
N LEU A 179 -38.37 16.87 9.07
CA LEU A 179 -37.67 16.89 7.79
C LEU A 179 -36.57 17.95 7.77
N SER A 180 -36.83 19.12 8.35
CA SER A 180 -35.84 20.19 8.33
C SER A 180 -34.58 19.79 9.07
N LEU A 181 -34.74 19.17 10.24
CA LEU A 181 -33.57 18.76 11.01
C LEU A 181 -32.97 17.48 10.44
N ASP A 182 -33.76 16.68 9.72
CA ASP A 182 -33.19 15.54 9.01
C ASP A 182 -32.35 16.00 7.83
N LEU A 183 -32.82 17.01 7.10
CA LEU A 183 -32.04 17.56 5.99
C LEU A 183 -30.77 18.25 6.50
N ALA A 184 -30.87 18.91 7.66
CA ALA A 184 -29.69 19.54 8.24
C ALA A 184 -28.63 18.50 8.60
N LEU A 185 -29.06 17.35 9.14
CA LEU A 185 -28.12 16.31 9.49
C LEU A 185 -27.51 15.67 8.25
N SER A 186 -28.31 15.47 7.20
CA SER A 186 -27.78 14.88 5.97
C SER A 186 -26.76 15.79 5.31
N LYS A 187 -27.00 17.10 5.32
CA LYS A 187 -26.03 18.04 4.79
C LYS A 187 -24.72 17.99 5.58
N TYR A 188 -24.82 17.90 6.91
CA TYR A 188 -23.61 17.82 7.73
C TYR A 188 -22.82 16.56 7.43
N LEU A 189 -23.51 15.42 7.32
CA LEU A 189 -22.81 14.19 6.98
C LEU A 189 -22.27 14.23 5.56
N SER A 190 -22.98 14.89 4.64
CA SER A 190 -22.46 15.06 3.30
C SER A 190 -21.19 15.90 3.30
N ASP A 191 -21.17 16.98 4.08
CA ASP A 191 -19.95 17.77 4.24
C ASP A 191 -18.86 16.96 4.91
N LEU A 192 -19.21 16.23 5.97
CA LEU A 192 -18.23 15.40 6.66
C LEU A 192 -17.71 14.29 5.76
N LEU A 193 -18.60 13.66 4.99
CA LEU A 193 -18.16 12.62 4.06
C LEU A 193 -17.45 13.20 2.85
N PHE A 194 -17.60 14.49 2.59
CA PHE A 194 -16.79 15.13 1.57
C PHE A 194 -15.37 15.36 2.07
N VAL A 195 -15.22 15.82 3.30
CA VAL A 195 -13.89 16.10 3.84
C VAL A 195 -13.18 14.81 4.22
N PHE A 196 -13.87 13.89 4.89
CA PHE A 196 -13.25 12.68 5.43
C PHE A 196 -13.83 11.40 4.86
N GLY A 197 -14.47 11.44 3.70
CA GLY A 197 -14.96 10.26 3.05
C GLY A 197 -13.91 9.24 2.66
N PRO A 198 -12.84 9.69 2.00
CA PRO A 198 -11.77 8.74 1.62
C PRO A 198 -11.17 8.02 2.81
N ASN A 199 -11.05 8.68 3.96
CA ASN A 199 -10.47 8.02 5.12
C ASN A 199 -11.42 7.00 5.72
N LEU A 200 -12.73 7.21 5.59
CA LEU A 200 -13.68 6.20 6.02
C LEU A 200 -13.75 5.02 5.04
N GLN A 201 -13.63 5.31 3.74
CA GLN A 201 -13.65 4.25 2.74
C GLN A 201 -12.41 3.37 2.84
N ASP A 202 -11.25 3.97 3.06
CA ASP A 202 -9.98 3.26 3.25
C ASP A 202 -9.44 3.68 4.61
N PRO A 203 -9.80 2.97 5.68
CA PRO A 203 -9.38 3.39 7.03
C PRO A 203 -7.88 3.30 7.26
N VAL A 204 -7.13 2.65 6.38
CA VAL A 204 -5.68 2.51 6.53
C VAL A 204 -4.99 3.10 5.32
N SER A 205 -4.11 4.07 5.58
CA SER A 205 -3.18 4.64 4.60
C SER A 205 -3.87 5.32 3.42
N ASN A 206 -5.03 5.95 3.61
CA ASN A 206 -5.61 6.74 2.55
C ASN A 206 -5.13 8.18 2.63
N SER A 207 -4.91 8.79 1.47
CA SER A 207 -4.41 10.15 1.41
C SER A 207 -5.45 11.14 1.92
N MET A 208 -4.97 12.31 2.32
CA MET A 208 -5.82 13.32 2.93
C MET A 208 -6.43 14.25 1.89
N THR A 209 -7.73 14.50 2.05
CA THR A 209 -8.38 15.56 1.28
C THR A 209 -7.80 16.91 1.66
N ILE A 210 -7.75 17.81 0.68
CA ILE A 210 -7.16 19.13 0.93
C ILE A 210 -7.97 19.90 1.95
N GLN A 211 -9.29 19.67 2.00
CA GLN A 211 -10.10 20.29 3.04
C GLN A 211 -9.68 19.80 4.42
N ALA A 212 -9.45 18.49 4.55
CA ALA A 212 -9.04 17.94 5.84
C ALA A 212 -7.68 18.45 6.26
N ILE A 213 -6.79 18.71 5.29
CA ILE A 213 -5.49 19.30 5.59
C ILE A 213 -5.68 20.68 6.20
N SER A 214 -6.62 21.47 5.65
CA SER A 214 -6.92 22.77 6.24
C SER A 214 -7.57 22.62 7.61
N GLN A 215 -8.40 21.60 7.80
CA GLN A 215 -9.03 21.37 9.11
C GLN A 215 -7.98 21.08 10.18
N ALA A 216 -6.90 20.39 9.81
CA ALA A 216 -5.85 20.08 10.77
C ALA A 216 -5.14 21.33 11.27
N PHE A 217 -5.30 22.46 10.59
CA PHE A 217 -4.65 23.70 10.99
C PHE A 217 -5.61 24.88 10.94
N GLY A 218 -6.89 24.65 11.19
CA GLY A 218 -7.86 25.73 11.27
C GLY A 218 -8.06 26.49 9.98
N GLY A 219 -7.62 25.95 8.85
CA GLY A 219 -7.77 26.61 7.57
C GLY A 219 -6.71 27.64 7.25
N ASN A 220 -5.77 27.88 8.17
CA ASN A 220 -4.68 28.84 7.95
C ASN A 220 -3.49 28.07 7.41
N TYR A 221 -3.28 28.15 6.10
CA TYR A 221 -2.13 27.49 5.49
C TYR A 221 -0.83 28.15 5.91
N GLU A 222 -0.87 29.40 6.34
CA GLU A 222 0.33 30.05 6.86
C GLU A 222 0.84 29.35 8.11
N THR A 223 -0.07 28.93 8.99
CA THR A 223 0.32 28.16 10.16
C THR A 223 0.93 26.83 9.75
N LEU A 224 0.33 26.17 8.76
CA LEU A 224 0.83 24.87 8.30
C LEU A 224 2.24 24.99 7.73
N LEU A 225 2.48 26.01 6.90
CA LEU A 225 3.80 26.20 6.32
C LEU A 225 4.83 26.52 7.40
N ARG A 226 4.45 27.36 8.36
CA ARG A 226 5.39 27.78 9.40
C ARG A 226 5.64 26.68 10.43
N THR A 227 4.60 25.94 10.83
CA THR A 227 4.76 24.91 11.85
C THR A 227 5.57 23.73 11.32
N LEU A 228 5.27 23.30 10.11
CA LEU A 228 5.85 22.09 9.56
C LEU A 228 7.11 22.35 8.73
N GLY A 229 7.52 23.61 8.59
CA GLY A 229 8.70 23.93 7.82
C GLY A 229 8.52 23.90 6.32
N TYR A 230 7.27 23.85 5.84
CA TYR A 230 7.01 23.66 4.42
C TYR A 230 7.21 24.96 3.67
N ALA A 231 8.21 24.97 2.77
CA ALA A 231 8.22 25.99 1.74
C ALA A 231 7.06 25.75 0.79
N THR A 232 6.63 26.82 0.12
CA THR A 232 5.49 26.70 -0.80
C THR A 232 5.73 25.63 -1.86
N GLU A 233 6.99 25.42 -2.25
CA GLU A 233 7.29 24.38 -3.22
C GLU A 233 7.11 22.99 -2.60
N ASP A 234 7.57 22.80 -1.36
CA ASP A 234 7.47 21.50 -0.72
C ASP A 234 6.01 21.09 -0.52
N PHE A 235 5.15 22.02 -0.11
CA PHE A 235 3.75 21.70 0.09
C PHE A 235 3.08 21.31 -1.23
N ASP A 236 3.39 22.03 -2.31
CA ASP A 236 2.81 21.72 -3.60
C ASP A 236 3.32 20.39 -4.13
N ASP A 237 4.59 20.08 -3.88
CA ASP A 237 5.14 18.79 -4.29
C ASP A 237 4.44 17.63 -3.56
N LEU A 238 4.20 17.81 -2.26
CA LEU A 238 3.52 16.77 -1.50
C LEU A 238 2.07 16.60 -1.96
N LEU A 239 1.39 17.72 -2.24
CA LEU A 239 0.00 17.65 -2.64
C LEU A 239 -0.17 16.92 -3.97
N GLU A 240 0.71 17.19 -4.94
CA GLU A 240 0.60 16.53 -6.23
C GLU A 240 1.20 15.13 -6.21
N SER A 241 1.96 14.79 -5.16
CA SER A 241 2.37 13.42 -4.94
C SER A 241 1.43 12.67 -4.02
N ASP A 242 0.48 13.38 -3.38
CA ASP A 242 -0.55 12.78 -2.54
C ASP A 242 0.05 12.03 -1.35
N SER A 243 1.10 12.58 -0.76
CA SER A 243 1.81 11.91 0.32
C SER A 243 1.29 12.29 1.71
N ILE A 244 0.42 13.28 1.83
CA ILE A 244 -0.19 13.63 3.11
C ILE A 244 -1.33 12.63 3.32
N THR A 245 -1.09 11.64 4.17
CA THR A 245 -1.99 10.51 4.33
C THR A 245 -2.75 10.59 5.65
N GLY A 246 -3.59 9.58 5.87
CA GLY A 246 -4.36 9.48 7.10
C GLY A 246 -4.57 8.03 7.48
N GLN A 247 -5.14 7.83 8.67
CA GLN A 247 -5.40 6.49 9.18
C GLN A 247 -6.40 6.56 10.32
N ILE A 248 -7.46 5.78 10.20
CA ILE A 248 -8.45 5.65 11.27
C ILE A 248 -7.83 4.83 12.39
N ILE A 249 -7.65 5.44 13.56
CA ILE A 249 -7.02 4.76 14.68
C ILE A 249 -7.98 4.48 15.84
N TYR A 250 -9.21 5.01 15.80
CA TYR A 250 -10.15 4.79 16.88
C TYR A 250 -11.56 5.06 16.37
N VAL A 251 -12.46 4.11 16.61
CA VAL A 251 -13.87 4.24 16.27
C VAL A 251 -14.69 3.93 17.52
N ASP A 252 -15.55 4.87 17.91
CA ASP A 252 -16.43 4.71 19.06
C ASP A 252 -17.86 4.59 18.56
N LEU A 253 -18.57 3.56 19.04
CA LEU A 253 -19.94 3.31 18.60
C LEU A 253 -20.99 3.81 19.58
N SER A 254 -20.60 4.15 20.81
CA SER A 254 -21.54 4.74 21.75
C SER A 254 -21.74 6.21 21.47
N SER A 255 -20.66 6.99 21.56
CA SER A 255 -20.62 8.36 21.08
C SER A 255 -19.93 8.35 19.72
N TYR A 256 -20.71 8.55 18.66
CA TYR A 256 -20.24 8.28 17.31
C TYR A 256 -19.19 9.32 16.92
N TYR A 257 -17.93 8.95 17.06
CA TYR A 257 -16.84 9.81 16.59
C TYR A 257 -15.63 8.94 16.28
N ILE A 258 -14.72 9.50 15.50
CA ILE A 258 -13.49 8.83 15.10
C ILE A 258 -12.34 9.82 15.18
N ILE A 259 -11.16 9.30 15.56
CA ILE A 259 -9.93 10.06 15.55
C ILE A 259 -9.15 9.65 14.32
N VAL A 260 -8.78 10.62 13.49
CA VAL A 260 -8.11 10.36 12.21
C VAL A 260 -6.69 10.87 12.32
N ARG A 261 -5.73 9.96 12.17
CA ARG A 261 -4.34 10.36 12.02
C ARG A 261 -4.18 11.15 10.73
N VAL A 262 -3.21 12.05 10.71
CA VAL A 262 -2.80 12.72 9.48
C VAL A 262 -1.29 12.88 9.51
N TYR A 263 -0.61 12.10 8.67
CA TYR A 263 0.85 12.07 8.63
C TYR A 263 1.33 13.14 7.66
N PHE A 264 2.20 14.03 8.15
CA PHE A 264 2.75 15.10 7.34
C PHE A 264 4.21 14.81 7.05
N PRO A 265 4.55 14.29 5.88
CA PRO A 265 5.95 13.95 5.61
C PRO A 265 6.83 15.20 5.63
N ILE A 266 8.03 15.05 6.18
CA ILE A 266 8.99 16.14 6.24
C ILE A 266 9.91 15.99 5.04
N LEU A 267 9.88 16.97 4.14
CA LEU A 267 10.73 16.94 2.96
C LEU A 267 11.99 17.74 3.24
N THR A 268 13.14 17.10 3.05
CA THR A 268 14.44 17.75 3.25
C THR A 268 15.05 18.00 1.88
N GLU A 269 15.08 19.26 1.48
CA GLU A 269 15.64 19.62 0.18
C GLU A 269 17.16 19.48 0.21
N ILE A 270 17.66 18.46 -0.50
CA ILE A 270 19.11 18.31 -0.63
C ILE A 270 19.59 19.47 -1.52
N GLN A 271 20.28 20.43 -0.91
CA GLN A 271 20.56 21.69 -1.58
C GLN A 271 21.41 21.48 -2.82
N GLN A 272 21.03 22.14 -3.91
CA GLN A 272 21.76 22.15 -5.18
C GLN A 272 21.88 20.76 -5.80
N ALA A 273 20.99 19.84 -5.42
CA ALA A 273 20.97 18.50 -6.00
C ALA A 273 19.80 18.39 -6.97
N TYR A 274 20.10 18.03 -8.21
CA TYR A 274 19.09 17.95 -9.26
C TYR A 274 19.08 16.55 -9.87
N ILE A 275 17.89 15.99 -10.03
CA ILE A 275 17.72 14.68 -10.67
C ILE A 275 17.49 14.94 -12.16
N GLN A 276 18.57 15.01 -12.93
CA GLN A 276 18.45 15.29 -14.35
C GLN A 276 18.10 14.04 -15.12
N GLU A 277 17.18 14.19 -16.08
CA GLU A 277 16.71 13.09 -16.91
C GLU A 277 17.36 13.17 -18.28
N LEU A 278 18.07 12.12 -18.65
CA LEU A 278 18.71 12.02 -19.96
C LEU A 278 17.91 11.05 -20.83
N LEU A 279 17.41 11.55 -21.95
CA LEU A 279 16.56 10.77 -22.85
C LEU A 279 17.34 10.39 -24.10
N PRO A 280 17.75 9.14 -24.25
CA PRO A 280 18.49 8.76 -25.46
C PRO A 280 17.59 8.76 -26.69
N VAL A 281 18.11 9.32 -27.77
CA VAL A 281 17.46 9.29 -29.09
C VAL A 281 18.50 8.87 -30.11
N SER A 282 18.11 7.96 -31.00
CA SER A 282 19.05 7.43 -31.97
C SER A 282 19.49 8.52 -32.94
N PHE A 283 20.69 8.35 -33.48
CA PHE A 283 21.28 9.34 -34.38
C PHE A 283 22.02 8.61 -35.49
N ASN A 284 22.33 9.34 -36.55
CA ASN A 284 23.00 8.79 -37.72
C ASN A 284 24.45 9.25 -37.73
N ASN A 285 25.38 8.29 -37.90
CA ASN A 285 26.79 8.59 -37.99
C ASN A 285 27.46 7.56 -38.89
N ASP A 286 28.25 8.05 -39.85
CA ASP A 286 28.98 7.21 -40.79
C ASP A 286 28.03 6.28 -41.57
N ASN A 287 26.90 6.85 -41.98
CA ASN A 287 25.87 6.14 -42.76
C ASN A 287 25.30 4.93 -42.03
N SER A 288 25.47 4.89 -40.71
CA SER A 288 24.88 3.85 -39.87
C SER A 288 24.21 4.52 -38.68
N GLU A 289 23.18 3.86 -38.15
CA GLU A 289 22.36 4.41 -37.09
C GLU A 289 22.85 3.89 -35.74
N TRP A 290 23.12 4.81 -34.82
CA TRP A 290 23.66 4.48 -33.51
C TRP A 290 22.72 4.97 -32.41
N ILE A 291 22.92 4.43 -31.22
CA ILE A 291 22.28 4.91 -30.02
C ILE A 291 23.27 4.82 -28.86
N SER A 292 23.27 5.86 -28.03
CA SER A 292 24.16 5.93 -26.88
C SER A 292 23.42 5.47 -25.63
N ILE A 293 24.02 4.55 -24.88
CA ILE A 293 23.39 3.94 -23.72
C ILE A 293 23.91 4.67 -22.49
N VAL A 294 23.01 5.43 -21.84
CA VAL A 294 23.34 6.20 -20.64
C VAL A 294 22.24 6.02 -19.62
N PRO A 295 22.51 6.30 -18.35
CA PRO A 295 21.45 6.24 -17.34
C PRO A 295 20.34 7.23 -17.67
N ASN A 296 19.10 6.81 -17.38
CA ASN A 296 17.95 7.66 -17.65
C ASN A 296 17.84 8.83 -16.67
N PHE A 297 18.17 8.61 -15.40
CA PHE A 297 18.05 9.63 -14.38
C PHE A 297 19.40 9.82 -13.71
N ILE A 298 19.85 11.07 -13.60
CA ILE A 298 21.18 11.40 -13.11
C ILE A 298 21.05 12.45 -12.02
N LEU A 299 21.75 12.24 -10.90
CA LEU A 299 21.76 13.18 -9.80
C LEU A 299 22.99 14.08 -9.94
N VAL A 300 22.76 15.38 -10.02
CA VAL A 300 23.81 16.38 -10.14
C VAL A 300 23.74 17.30 -8.94
N ARG A 301 24.82 17.38 -8.17
CA ARG A 301 24.93 18.28 -7.02
C ARG A 301 26.30 18.92 -7.09
N ASN A 302 26.32 20.15 -7.60
CA ASN A 302 27.62 20.86 -7.82
C ASN A 302 28.45 20.02 -8.78
N THR A 303 29.73 19.84 -8.50
CA THR A 303 30.60 19.03 -9.33
C THR A 303 30.43 17.54 -9.09
N LEU A 304 29.46 17.13 -8.27
CA LEU A 304 29.26 15.72 -7.94
C LEU A 304 28.13 15.16 -8.80
N ILE A 305 28.43 14.13 -9.58
CA ILE A 305 27.46 13.44 -10.41
C ILE A 305 27.37 12.00 -9.94
N SER A 306 26.15 11.52 -9.69
CA SER A 306 25.94 10.18 -9.20
C SER A 306 24.70 9.57 -9.82
N ASN A 307 24.70 8.25 -9.96
CA ASN A 307 23.52 7.51 -10.38
C ASN A 307 22.46 7.53 -9.30
N ILE A 308 21.23 7.25 -9.70
CA ILE A 308 20.11 7.12 -8.77
C ILE A 308 19.13 6.10 -9.31
N GLU A 309 18.61 5.25 -8.42
CA GLU A 309 17.54 4.30 -8.76
C GLU A 309 16.23 4.91 -8.30
N ILE A 310 15.62 5.68 -9.20
CA ILE A 310 14.47 6.51 -8.85
C ILE A 310 13.15 5.74 -8.90
N GLY A 311 13.21 4.42 -9.08
CA GLY A 311 11.99 3.64 -9.20
C GLY A 311 11.09 3.72 -7.98
N PHE A 312 11.67 3.64 -6.79
CA PHE A 312 10.88 3.66 -5.56
C PHE A 312 10.42 5.05 -5.16
N CYS A 313 10.89 6.09 -5.83
CA CYS A 313 10.62 7.47 -5.43
C CYS A 313 9.37 8.00 -6.13
N LEU A 314 8.73 8.97 -5.48
CA LEU A 314 7.54 9.62 -6.03
C LEU A 314 7.99 10.78 -6.92
N ILE A 315 7.84 10.59 -8.24
CA ILE A 315 8.27 11.61 -9.18
C ILE A 315 7.24 12.74 -9.21
N THR A 316 7.75 13.97 -9.13
CA THR A 316 6.92 15.17 -9.10
C THR A 316 7.48 16.14 -10.13
N LYS A 317 6.59 16.98 -10.69
CA LYS A 317 7.00 17.89 -11.75
C LYS A 317 8.18 18.77 -11.34
N ARG A 318 8.21 19.21 -10.08
CA ARG A 318 9.24 20.11 -9.61
C ARG A 318 10.34 19.43 -8.80
N SER A 319 10.12 18.21 -8.32
CA SER A 319 11.08 17.58 -7.43
C SER A 319 10.90 16.07 -7.45
N VAL A 320 11.79 15.38 -6.75
CA VAL A 320 11.70 13.94 -6.56
C VAL A 320 11.67 13.66 -5.05
N ILE A 321 10.60 13.01 -4.60
CA ILE A 321 10.44 12.65 -3.19
C ILE A 321 10.91 11.21 -3.04
N CYS A 322 12.01 11.02 -2.33
CA CYS A 322 12.57 9.70 -2.06
C CYS A 322 12.50 9.41 -0.58
N ASN A 323 12.03 8.21 -0.23
CA ASN A 323 11.93 7.83 1.17
C ASN A 323 13.29 7.77 1.85
N GLN A 324 14.32 7.34 1.12
CA GLN A 324 15.70 7.42 1.60
C GLN A 324 16.57 7.85 0.43
N ASP A 325 17.79 8.29 0.75
CA ASP A 325 18.73 8.70 -0.28
C ASP A 325 19.15 7.49 -1.11
N TYR A 326 19.15 7.65 -2.43
CA TYR A 326 19.42 6.55 -3.35
C TYR A 326 20.62 6.84 -4.27
N ALA A 327 21.45 7.82 -3.93
CA ALA A 327 22.59 8.16 -4.78
C ALA A 327 23.66 7.07 -4.73
N THR A 328 24.04 6.56 -5.89
CA THR A 328 25.10 5.57 -5.99
C THR A 328 26.27 6.16 -6.78
N PRO A 329 27.51 5.81 -6.46
CA PRO A 329 28.66 6.45 -7.10
C PRO A 329 28.69 6.22 -8.61
N MET A 330 29.14 7.24 -9.33
CA MET A 330 29.31 7.15 -10.78
C MET A 330 30.70 6.68 -11.14
N THR A 331 30.79 5.79 -12.12
CA THR A 331 32.09 5.40 -12.65
C THR A 331 32.73 6.57 -13.38
N ASN A 332 34.06 6.66 -13.27
CA ASN A 332 34.76 7.81 -13.82
C ASN A 332 34.60 7.90 -15.33
N ASN A 333 34.49 6.75 -16.01
CA ASN A 333 34.26 6.75 -17.44
C ASN A 333 32.92 7.40 -17.79
N MET A 334 31.88 7.09 -17.01
CA MET A 334 30.57 7.68 -17.27
C MET A 334 30.55 9.16 -16.91
N ARG A 335 31.26 9.55 -15.85
CA ARG A 335 31.32 10.96 -15.48
C ARG A 335 32.02 11.78 -16.56
N GLU A 336 33.12 11.26 -17.09
CA GLU A 336 33.79 11.92 -18.21
C GLU A 336 32.91 11.94 -19.44
N CYS A 337 32.12 10.89 -19.65
CA CYS A 337 31.17 10.87 -20.77
C CYS A 337 30.15 11.98 -20.64
N LEU A 338 29.59 12.17 -19.44
CA LEU A 338 28.58 13.20 -19.25
C LEU A 338 29.19 14.58 -19.10
N THR A 339 30.47 14.67 -18.71
CA THR A 339 31.13 15.95 -18.58
C THR A 339 31.44 16.60 -19.94
N GLY A 340 31.59 15.80 -20.99
CA GLY A 340 31.84 16.35 -22.31
C GLY A 340 32.74 15.52 -23.19
N SER A 341 33.50 14.59 -22.59
CA SER A 341 34.32 13.67 -23.38
C SER A 341 33.46 12.50 -23.86
N THR A 342 32.67 12.79 -24.90
CA THR A 342 31.65 11.86 -25.38
C THR A 342 32.20 10.71 -26.23
N GLU A 343 33.48 10.74 -26.63
CA GLU A 343 33.95 9.67 -27.49
C GLU A 343 34.04 8.33 -26.76
N LYS A 344 33.91 8.30 -25.44
CA LYS A 344 33.90 7.05 -24.70
C LYS A 344 32.59 6.80 -23.97
N CYS A 345 31.48 7.34 -24.48
CA CYS A 345 30.17 6.94 -23.98
C CYS A 345 29.77 5.60 -24.59
N PRO A 346 29.01 4.79 -23.86
CA PRO A 346 28.57 3.50 -24.42
C PRO A 346 27.55 3.70 -25.53
N ARG A 347 27.92 3.29 -26.75
CA ARG A 347 27.02 3.41 -27.89
C ARG A 347 27.00 2.09 -28.65
N GLU A 348 25.82 1.76 -29.18
CA GLU A 348 25.59 0.50 -29.87
C GLU A 348 24.92 0.75 -31.20
N LEU A 349 25.13 -0.17 -32.14
CA LEU A 349 24.39 -0.13 -33.40
C LEU A 349 22.94 -0.51 -33.17
N VAL A 350 22.08 -0.08 -34.09
CA VAL A 350 20.64 -0.32 -33.94
C VAL A 350 20.15 -1.53 -34.71
N VAL A 351 21.05 -2.27 -35.37
CA VAL A 351 20.64 -3.40 -36.18
C VAL A 351 20.01 -4.47 -35.30
N SER A 352 18.91 -5.05 -35.78
CA SER A 352 18.19 -6.15 -35.16
C SER A 352 17.60 -5.81 -33.80
N SER A 353 17.38 -4.53 -33.50
CA SER A 353 16.80 -4.13 -32.23
C SER A 353 16.09 -2.80 -32.39
N HIS A 354 15.01 -2.60 -31.63
CA HIS A 354 14.27 -1.36 -31.67
C HIS A 354 14.90 -0.33 -30.74
N VAL A 355 15.04 0.89 -31.23
CA VAL A 355 15.67 1.97 -30.47
C VAL A 355 14.77 3.20 -30.51
N PRO A 356 14.78 4.04 -29.48
CA PRO A 356 13.97 5.26 -29.50
C PRO A 356 14.50 6.24 -30.52
N ARG A 357 13.68 6.55 -31.53
CA ARG A 357 14.02 7.53 -32.54
C ARG A 357 13.41 8.90 -32.24
N PHE A 358 12.76 9.06 -31.10
CA PHE A 358 12.19 10.35 -30.72
C PHE A 358 12.07 10.41 -29.21
N ALA A 359 11.92 11.64 -28.70
CA ALA A 359 11.65 11.87 -27.28
C ALA A 359 10.91 13.17 -27.13
N LEU A 360 10.16 13.29 -26.04
CA LEU A 360 9.39 14.48 -25.73
C LEU A 360 9.97 15.13 -24.48
N SER A 361 10.35 16.40 -24.59
CA SER A 361 10.93 17.15 -23.49
C SER A 361 10.16 18.46 -23.32
N ASN A 362 9.46 18.58 -22.18
CA ASN A 362 8.68 19.76 -21.81
C ASN A 362 7.89 20.34 -22.99
N GLY A 363 7.24 19.46 -23.76
CA GLY A 363 6.39 19.88 -24.85
C GLY A 363 7.07 19.97 -26.20
N VAL A 364 8.39 19.74 -26.27
CA VAL A 364 9.14 19.79 -27.52
C VAL A 364 9.51 18.37 -27.90
N LEU A 365 9.26 18.01 -29.15
CA LEU A 365 9.50 16.66 -29.65
C LEU A 365 10.82 16.64 -30.41
N PHE A 366 11.81 15.94 -29.87
CA PHE A 366 13.08 15.73 -30.56
C PHE A 366 12.97 14.48 -31.43
N ALA A 367 13.54 14.55 -32.63
CA ALA A 367 13.32 13.49 -33.61
C ALA A 367 14.60 13.19 -34.35
N ASN A 368 14.70 11.95 -34.83
CA ASN A 368 15.74 11.53 -35.76
C ASN A 368 15.10 11.35 -37.13
N CYS A 369 15.62 12.08 -38.13
CA CYS A 369 14.99 12.12 -39.44
C CYS A 369 15.94 11.76 -40.58
N ILE A 370 17.16 11.35 -40.27
CA ILE A 370 18.06 10.86 -41.31
C ILE A 370 17.89 9.37 -41.51
N SER A 371 17.87 8.60 -40.41
CA SER A 371 17.68 7.17 -40.52
C SER A 371 16.31 6.81 -41.06
N VAL A 372 15.27 7.52 -40.63
CA VAL A 372 13.91 7.30 -41.11
C VAL A 372 13.35 8.64 -41.59
N THR A 373 12.42 8.56 -42.53
CA THR A 373 11.82 9.77 -43.10
C THR A 373 10.67 10.24 -42.21
N CYS A 374 10.58 11.56 -42.03
CA CYS A 374 9.56 12.16 -41.20
C CYS A 374 8.78 13.19 -42.01
N GLN A 375 7.50 13.32 -41.68
CA GLN A 375 6.60 14.24 -42.36
C GLN A 375 5.62 14.81 -41.34
N CYS A 376 4.73 15.68 -41.83
CA CYS A 376 3.69 16.29 -41.00
C CYS A 376 2.33 16.05 -41.64
N GLN A 377 1.32 15.90 -40.79
CA GLN A 377 -0.03 15.61 -41.29
C GLN A 377 -0.67 16.84 -41.93
N THR A 378 -0.52 18.01 -41.30
CA THR A 378 -1.12 19.23 -41.83
C THR A 378 -0.51 19.65 -43.16
N THR A 379 0.80 19.50 -43.32
CA THR A 379 1.47 19.87 -44.57
C THR A 379 2.46 18.77 -44.92
N GLY A 380 2.38 18.27 -46.15
CA GLY A 380 3.24 17.18 -46.58
C GLY A 380 4.72 17.48 -46.45
N ARG A 381 5.39 16.73 -45.60
CA ARG A 381 6.81 16.91 -45.30
C ARG A 381 7.15 18.36 -44.99
N ALA A 382 6.56 18.84 -43.89
CA ALA A 382 6.92 20.16 -43.39
C ALA A 382 8.21 20.14 -42.57
N ILE A 383 8.77 18.96 -42.32
CA ILE A 383 9.96 18.81 -41.50
C ILE A 383 10.97 17.94 -42.25
N SER A 384 12.25 18.29 -42.11
CA SER A 384 13.34 17.50 -42.66
C SER A 384 14.59 17.78 -41.85
N GLN A 385 15.55 16.88 -41.94
CA GLN A 385 16.78 16.96 -41.15
C GLN A 385 17.96 17.33 -42.05
N SER A 386 18.74 18.30 -41.60
CA SER A 386 19.98 18.64 -42.27
C SER A 386 21.10 17.71 -41.79
N GLY A 387 22.14 17.57 -42.63
CA GLY A 387 23.24 16.68 -42.29
C GLY A 387 24.03 17.11 -41.07
N GLU A 388 24.22 18.41 -40.87
CA GLU A 388 25.00 18.89 -39.73
C GLU A 388 24.31 18.58 -38.40
N GLN A 389 23.00 18.80 -38.33
CA GLN A 389 22.25 18.56 -37.11
C GLN A 389 22.03 17.06 -36.91
N THR A 390 21.97 16.64 -35.65
CA THR A 390 21.77 15.22 -35.37
C THR A 390 20.33 14.92 -34.95
N LEU A 391 19.64 15.90 -34.35
CA LEU A 391 18.26 15.74 -33.95
C LEU A 391 17.47 16.96 -34.39
N LEU A 392 16.14 16.83 -34.36
CA LEU A 392 15.25 17.94 -34.67
C LEU A 392 14.67 18.55 -33.39
N MET A 393 14.03 19.70 -33.54
CA MET A 393 13.32 20.37 -32.45
C MET A 393 11.91 20.70 -32.95
N ILE A 394 11.01 19.73 -32.80
CA ILE A 394 9.64 19.89 -33.28
C ILE A 394 8.73 20.24 -32.10
N ASP A 395 7.90 21.26 -32.29
CA ASP A 395 7.02 21.73 -31.24
C ASP A 395 5.67 22.08 -31.86
N ASN A 396 4.81 22.70 -31.05
CA ASN A 396 3.45 23.01 -31.49
C ASN A 396 3.44 23.99 -32.65
N THR A 397 4.36 24.96 -32.65
CA THR A 397 4.37 25.97 -33.71
C THR A 397 4.68 25.39 -35.08
N THR A 398 5.62 24.45 -35.15
CA THR A 398 6.01 23.89 -36.44
C THR A 398 4.92 23.00 -37.02
N CYS A 399 4.61 21.91 -36.34
CA CYS A 399 3.58 20.97 -36.79
C CYS A 399 2.74 20.56 -35.60
N PRO A 400 1.42 20.43 -35.79
CA PRO A 400 0.58 19.95 -34.69
C PRO A 400 0.57 18.43 -34.59
N THR A 401 0.86 17.77 -35.70
CA THR A 401 0.91 16.31 -35.74
C THR A 401 2.09 15.89 -36.60
N ALA A 402 3.10 15.27 -35.99
CA ALA A 402 4.31 14.87 -36.68
C ALA A 402 4.30 13.38 -36.96
N VAL A 403 4.65 13.01 -38.19
CA VAL A 403 4.77 11.62 -38.60
C VAL A 403 6.25 11.27 -38.62
N LEU A 404 6.61 10.18 -37.93
CA LEU A 404 8.01 9.79 -37.79
C LEU A 404 8.14 8.36 -38.30
N GLY A 405 8.70 8.20 -39.49
CA GLY A 405 8.69 6.88 -40.11
C GLY A 405 7.26 6.46 -40.38
N ASN A 406 6.77 5.53 -39.57
CA ASN A 406 5.36 5.20 -39.52
C ASN A 406 4.70 5.65 -38.23
N VAL A 407 5.49 6.06 -37.23
CA VAL A 407 4.94 6.52 -35.97
C VAL A 407 4.37 7.91 -36.13
N ILE A 408 3.23 8.16 -35.49
CA ILE A 408 2.56 9.46 -35.54
C ILE A 408 2.61 10.06 -34.13
N ILE A 409 2.92 11.35 -34.05
CA ILE A 409 3.03 12.05 -32.78
C ILE A 409 2.16 13.30 -32.86
N SER A 410 1.24 13.44 -31.92
CA SER A 410 0.35 14.60 -31.84
C SER A 410 0.64 15.36 -30.56
N LEU A 411 0.83 16.67 -30.69
CA LEU A 411 1.24 17.51 -29.59
C LEU A 411 0.04 18.17 -28.92
N GLY A 412 0.32 18.98 -27.91
CA GLY A 412 -0.69 19.44 -26.97
C GLY A 412 -1.61 20.53 -27.48
N LYS A 413 -2.50 20.19 -28.40
CA LYS A 413 -3.55 21.12 -28.82
C LYS A 413 -4.49 21.41 -27.67
N TYR A 414 -4.85 22.67 -27.51
CA TYR A 414 -5.79 23.09 -26.46
C TYR A 414 -7.19 23.18 -27.06
N LEU A 415 -8.07 22.27 -26.65
CA LEU A 415 -9.46 22.35 -27.07
C LEU A 415 -10.18 23.44 -26.28
N GLY A 416 -11.42 23.70 -26.68
CA GLY A 416 -12.19 24.75 -26.06
C GLY A 416 -12.65 24.38 -24.66
N SER A 417 -13.28 25.35 -24.00
CA SER A 417 -13.82 25.13 -22.68
C SER A 417 -15.26 24.66 -22.77
N VAL A 418 -15.67 23.87 -21.78
CA VAL A 418 -17.03 23.33 -21.71
C VAL A 418 -17.63 23.72 -20.37
N ASN A 419 -18.96 23.77 -20.33
CA ASN A 419 -19.69 24.15 -19.13
C ASN A 419 -20.45 22.94 -18.61
N TYR A 420 -20.24 22.61 -17.34
CA TYR A 420 -20.94 21.49 -16.72
C TYR A 420 -22.44 21.75 -16.71
N ASN A 421 -23.20 20.76 -17.17
CA ASN A 421 -24.63 20.93 -17.42
C ASN A 421 -25.42 20.09 -16.42
N SER A 422 -26.34 20.73 -15.71
CA SER A 422 -27.25 20.06 -14.81
C SER A 422 -28.46 20.95 -14.59
N GLU A 423 -29.59 20.33 -14.26
CA GLU A 423 -30.83 21.07 -14.14
C GLU A 423 -30.77 22.07 -12.98
N GLY A 424 -31.15 23.31 -13.27
CA GLY A 424 -31.20 24.34 -12.26
C GLY A 424 -32.49 24.33 -11.48
N ILE A 425 -32.64 23.36 -10.57
CA ILE A 425 -33.88 23.23 -9.81
C ILE A 425 -33.99 24.37 -8.82
N ALA A 426 -35.17 25.00 -8.79
CA ALA A 426 -35.43 26.10 -7.88
C ALA A 426 -36.88 26.09 -7.39
N ILE B 23 8.51 -15.13 -34.34
CA ILE B 23 9.88 -14.70 -34.10
C ILE B 23 10.45 -15.48 -32.92
N LEU B 24 9.93 -15.20 -31.73
CA LEU B 24 10.30 -15.95 -30.54
C LEU B 24 9.89 -17.42 -30.69
N HIS B 25 10.78 -18.31 -30.26
CA HIS B 25 10.52 -19.75 -30.28
C HIS B 25 10.16 -20.21 -28.88
N TYR B 26 8.86 -20.12 -28.58
CA TYR B 26 8.41 -20.36 -27.20
C TYR B 26 8.50 -21.83 -26.83
N GLU B 27 8.52 -22.72 -27.82
CA GLU B 27 8.59 -24.15 -27.52
C GLU B 27 9.90 -24.51 -26.85
N LYS B 28 11.02 -24.03 -27.40
CA LYS B 28 12.32 -24.34 -26.82
C LYS B 28 12.63 -23.44 -25.63
N LEU B 29 11.90 -22.33 -25.48
CA LEU B 29 12.00 -21.54 -24.26
C LEU B 29 11.22 -22.18 -23.12
N SER B 30 10.10 -22.82 -23.43
CA SER B 30 9.34 -23.53 -22.41
C SER B 30 10.14 -24.70 -21.85
N LYS B 31 11.05 -25.24 -22.64
CA LYS B 31 11.89 -26.35 -22.20
C LYS B 31 13.09 -25.91 -21.38
N ILE B 32 13.29 -24.60 -21.19
CA ILE B 32 14.33 -24.11 -20.29
C ILE B 32 13.69 -23.28 -19.20
N GLY B 33 12.40 -23.50 -18.96
CA GLY B 33 11.70 -22.90 -17.84
C GLY B 33 11.00 -21.58 -18.12
N LEU B 34 11.14 -21.02 -19.31
CA LEU B 34 10.54 -19.73 -19.64
C LEU B 34 9.16 -19.96 -20.21
N VAL B 35 8.13 -19.46 -19.52
CA VAL B 35 6.75 -19.59 -19.95
C VAL B 35 6.25 -18.24 -20.44
N LYS B 36 5.41 -18.28 -21.48
CA LYS B 36 4.83 -17.05 -22.01
C LYS B 36 3.97 -16.37 -20.97
N GLY B 37 4.18 -15.07 -20.79
CA GLY B 37 3.35 -14.28 -19.92
C GLY B 37 2.30 -13.51 -20.69
N VAL B 38 1.78 -12.47 -20.05
CA VAL B 38 0.79 -11.61 -20.70
C VAL B 38 1.45 -10.85 -21.83
N THR B 39 0.83 -10.87 -23.00
CA THR B 39 1.30 -10.11 -24.16
C THR B 39 0.62 -8.74 -24.14
N ARG B 40 1.40 -7.71 -24.47
CA ARG B 40 0.93 -6.33 -24.38
C ARG B 40 1.56 -5.54 -25.51
N LYS B 41 0.80 -4.62 -26.10
CA LYS B 41 1.34 -3.78 -27.15
C LYS B 41 1.78 -2.43 -26.62
N TYR B 42 2.71 -1.82 -27.35
CA TYR B 42 3.50 -0.71 -26.84
C TYR B 42 2.86 0.61 -27.24
N LYS B 43 2.61 1.47 -26.25
CA LYS B 43 2.00 2.77 -26.49
C LYS B 43 2.83 3.85 -25.81
N ILE B 44 3.15 4.91 -26.55
CA ILE B 44 3.92 6.04 -26.06
C ILE B 44 2.96 7.20 -25.84
N LYS B 45 3.07 7.86 -24.69
CA LYS B 45 2.19 8.96 -24.33
C LYS B 45 2.80 10.27 -24.83
N SER B 46 2.06 10.98 -25.67
CA SER B 46 2.49 12.28 -26.15
C SER B 46 1.92 13.38 -25.26
N ASN B 47 2.03 14.62 -25.74
CA ASN B 47 1.47 15.75 -25.02
C ASN B 47 -0.06 15.63 -24.99
N PRO B 48 -0.69 15.77 -23.82
CA PRO B 48 -2.13 15.53 -23.74
C PRO B 48 -2.92 16.74 -24.18
N LEU B 49 -4.07 16.48 -24.80
CA LEU B 49 -5.02 17.54 -25.07
C LEU B 49 -5.68 17.99 -23.76
N THR B 50 -6.10 19.24 -23.72
CA THR B 50 -6.65 19.85 -22.52
C THR B 50 -7.98 20.49 -22.81
N LYS B 51 -8.94 20.26 -21.92
CA LYS B 51 -10.25 20.91 -21.96
C LYS B 51 -10.54 21.55 -20.62
N ASP B 52 -11.25 22.67 -20.65
CA ASP B 52 -11.57 23.43 -19.45
C ASP B 52 -13.05 23.25 -19.14
N ILE B 53 -13.34 22.46 -18.10
CA ILE B 53 -14.72 22.25 -17.68
C ILE B 53 -15.03 23.29 -16.60
N VAL B 54 -15.74 24.34 -16.99
CA VAL B 54 -16.16 25.37 -16.05
C VAL B 54 -17.38 24.87 -15.29
N ILE B 55 -17.26 24.80 -13.96
CA ILE B 55 -18.34 24.26 -13.14
C ILE B 55 -19.01 25.37 -12.35
N LYS B 56 -20.09 25.91 -12.90
CA LYS B 56 -20.85 26.92 -12.16
C LYS B 56 -21.55 26.25 -10.99
N MET B 57 -21.00 26.43 -9.79
CA MET B 57 -21.44 25.68 -8.63
C MET B 57 -22.72 26.21 -8.00
N ILE B 58 -23.23 27.33 -8.47
CA ILE B 58 -24.48 27.91 -7.98
C ILE B 58 -25.57 27.58 -9.00
N PRO B 59 -26.59 26.81 -8.63
CA PRO B 59 -27.66 26.51 -9.59
C PRO B 59 -28.44 27.77 -9.95
N ASN B 60 -29.01 27.74 -11.16
CA ASN B 60 -29.73 28.89 -11.68
C ASN B 60 -31.07 29.06 -10.97
N VAL B 61 -31.02 29.50 -9.71
CA VAL B 61 -32.27 29.69 -8.97
C VAL B 61 -32.96 30.97 -9.43
N SER B 62 -34.24 31.08 -9.08
CA SER B 62 -35.02 32.25 -9.46
C SER B 62 -34.58 33.47 -8.65
N ASN B 63 -34.66 34.63 -9.30
CA ASN B 63 -34.33 35.89 -8.63
C ASN B 63 -35.40 36.33 -7.65
N MET B 64 -36.56 35.67 -7.64
CA MET B 64 -37.62 36.03 -6.70
C MET B 64 -37.16 35.73 -5.27
N SER B 65 -37.48 36.66 -4.37
CA SER B 65 -36.88 36.66 -3.04
C SER B 65 -37.84 36.25 -1.92
N GLN B 66 -39.05 35.82 -2.24
CA GLN B 66 -40.00 35.43 -1.19
C GLN B 66 -39.75 33.99 -0.76
N CYS B 67 -39.72 33.77 0.55
CA CYS B 67 -39.64 32.45 1.17
C CYS B 67 -38.35 31.70 0.86
N THR B 68 -37.32 32.41 0.40
CA THR B 68 -36.00 31.79 0.29
C THR B 68 -35.19 32.00 1.57
N GLY B 69 -35.11 33.24 2.05
CA GLY B 69 -34.46 33.49 3.33
C GLY B 69 -32.98 33.14 3.32
N SER B 70 -32.57 32.40 4.35
CA SER B 70 -31.15 32.16 4.58
C SER B 70 -30.64 30.87 3.94
N VAL B 71 -31.47 30.16 3.17
CA VAL B 71 -30.99 28.94 2.52
C VAL B 71 -29.87 29.27 1.54
N MET B 72 -29.98 30.41 0.85
CA MET B 72 -28.94 30.80 -0.09
C MET B 72 -27.62 31.04 0.63
N GLU B 73 -27.66 31.73 1.77
CA GLU B 73 -26.43 32.02 2.50
C GLU B 73 -25.86 30.75 3.15
N ASN B 74 -26.73 29.85 3.59
CA ASN B 74 -26.23 28.57 4.10
C ASN B 74 -25.51 27.78 3.02
N TYR B 75 -26.08 27.74 1.81
CA TYR B 75 -25.37 27.08 0.72
C TYR B 75 -24.09 27.81 0.38
N LYS B 76 -24.09 29.14 0.50
CA LYS B 76 -22.89 29.92 0.20
C LYS B 76 -21.77 29.59 1.18
N THR B 77 -22.09 29.47 2.47
CA THR B 77 -21.04 29.13 3.43
C THR B 77 -20.62 27.67 3.30
N ARG B 78 -21.55 26.78 2.91
CA ARG B 78 -21.18 25.41 2.62
C ARG B 78 -20.20 25.35 1.46
N LEU B 79 -20.42 26.17 0.43
CA LEU B 79 -19.48 26.24 -0.69
C LEU B 79 -18.17 26.89 -0.27
N ASN B 80 -18.23 27.86 0.64
CA ASN B 80 -17.02 28.49 1.16
C ASN B 80 -16.13 27.46 1.84
N GLY B 81 -16.73 26.59 2.65
CA GLY B 81 -15.96 25.55 3.31
C GLY B 81 -15.24 24.63 2.34
N ILE B 82 -15.85 24.38 1.19
CA ILE B 82 -15.22 23.55 0.16
C ILE B 82 -14.12 24.32 -0.55
N LEU B 83 -14.38 25.58 -0.91
CA LEU B 83 -13.54 26.26 -1.88
C LEU B 83 -12.35 26.96 -1.24
N THR B 84 -12.50 27.45 -0.01
CA THR B 84 -11.38 28.15 0.64
C THR B 84 -10.12 27.30 0.75
N PRO B 85 -10.17 26.01 1.14
CA PRO B 85 -8.93 25.22 1.17
C PRO B 85 -8.26 25.08 -0.18
N ILE B 86 -9.07 25.13 -1.26
CA ILE B 86 -8.52 24.98 -2.64
C ILE B 86 -7.63 26.18 -2.93
N LYS B 87 -8.19 27.39 -2.83
CA LYS B 87 -7.39 28.63 -3.07
C LYS B 87 -6.29 28.72 -2.01
N GLY B 88 -6.61 28.32 -0.77
CA GLY B 88 -5.63 28.39 0.33
C GLY B 88 -4.37 27.60 0.00
N ALA B 89 -4.53 26.43 -0.62
CA ALA B 89 -3.38 25.63 -1.10
C ALA B 89 -3.35 25.63 -2.63
N LYS B 171 -47.13 30.30 7.54
CA LYS B 171 -45.75 30.12 7.12
C LYS B 171 -45.45 28.66 6.83
N ILE B 172 -46.50 27.84 6.79
CA ILE B 172 -46.34 26.42 6.50
C ILE B 172 -45.81 26.24 5.08
N SER B 173 -46.41 26.95 4.12
CA SER B 173 -45.93 26.86 2.75
C SER B 173 -44.60 27.57 2.57
N CYS B 174 -44.36 28.64 3.34
CA CYS B 174 -43.11 29.38 3.22
C CYS B 174 -41.92 28.50 3.63
N LYS B 175 -42.07 27.74 4.71
CA LYS B 175 -41.02 26.81 5.11
C LYS B 175 -40.86 25.68 4.10
N GLN B 176 -41.98 25.23 3.52
CA GLN B 176 -41.91 24.16 2.52
C GLN B 176 -41.17 24.61 1.27
N THR B 177 -41.37 25.86 0.86
CA THR B 177 -40.60 26.40 -0.26
C THR B 177 -39.11 26.43 0.08
N GLU B 178 -38.78 26.85 1.31
CA GLU B 178 -37.39 26.83 1.74
C GLU B 178 -36.85 25.40 1.77
N LEU B 179 -37.64 24.46 2.29
CA LEU B 179 -37.20 23.07 2.35
C LEU B 179 -37.03 22.48 0.96
N SER B 180 -37.95 22.78 0.05
CA SER B 180 -37.83 22.27 -1.32
C SER B 180 -36.57 22.80 -1.99
N LEU B 181 -36.28 24.09 -1.80
CA LEU B 181 -35.09 24.67 -2.40
C LEU B 181 -33.84 24.26 -1.64
N ASP B 182 -33.98 23.95 -0.35
CA ASP B 182 -32.84 23.45 0.43
C ASP B 182 -32.37 22.09 -0.10
N LEU B 183 -33.30 21.19 -0.41
CA LEU B 183 -32.91 19.86 -0.85
C LEU B 183 -32.42 19.87 -2.29
N ALA B 184 -32.98 20.74 -3.13
CA ALA B 184 -32.52 20.84 -4.51
C ALA B 184 -31.07 21.28 -4.59
N LEU B 185 -30.69 22.25 -3.76
CA LEU B 185 -29.30 22.70 -3.73
C LEU B 185 -28.38 21.60 -3.22
N SER B 186 -28.84 20.83 -2.23
CA SER B 186 -28.05 19.69 -1.76
C SER B 186 -27.93 18.63 -2.84
N LYS B 187 -29.02 18.35 -3.55
CA LYS B 187 -28.96 17.40 -4.65
C LYS B 187 -28.07 17.91 -5.77
N TYR B 188 -28.14 19.21 -6.06
CA TYR B 188 -27.28 19.81 -7.06
C TYR B 188 -25.81 19.65 -6.67
N LEU B 189 -25.50 19.91 -5.41
CA LEU B 189 -24.12 19.81 -4.95
C LEU B 189 -23.67 18.35 -4.86
N SER B 190 -24.54 17.47 -4.38
CA SER B 190 -24.17 16.06 -4.26
C SER B 190 -23.93 15.44 -5.63
N ASP B 191 -24.75 15.79 -6.62
CA ASP B 191 -24.49 15.33 -7.99
C ASP B 191 -23.22 15.95 -8.53
N LEU B 192 -23.01 17.23 -8.25
CA LEU B 192 -21.77 17.90 -8.66
C LEU B 192 -20.57 17.30 -7.95
N LEU B 193 -20.70 17.05 -6.64
CA LEU B 193 -19.60 16.48 -5.87
C LEU B 193 -19.39 15.00 -6.18
N PHE B 194 -20.19 14.42 -7.07
CA PHE B 194 -19.90 13.08 -7.54
C PHE B 194 -19.15 13.12 -8.87
N VAL B 195 -19.57 14.02 -9.77
CA VAL B 195 -18.89 14.18 -11.05
C VAL B 195 -17.52 14.81 -10.86
N PHE B 196 -17.42 15.83 -10.00
CA PHE B 196 -16.17 16.54 -9.78
C PHE B 196 -15.70 16.49 -8.33
N GLY B 197 -16.08 15.48 -7.56
CA GLY B 197 -15.66 15.36 -6.19
C GLY B 197 -14.17 15.16 -6.00
N PRO B 198 -13.60 14.13 -6.66
CA PRO B 198 -12.16 13.91 -6.50
C PRO B 198 -11.30 15.09 -6.88
N ASN B 199 -11.67 15.83 -7.93
CA ASN B 199 -10.88 16.99 -8.33
C ASN B 199 -10.89 18.07 -7.24
N LEU B 200 -12.04 18.28 -6.61
CA LEU B 200 -12.09 19.23 -5.51
C LEU B 200 -11.32 18.74 -4.30
N GLN B 201 -11.30 17.42 -4.07
CA GLN B 201 -10.60 16.87 -2.92
C GLN B 201 -9.09 16.92 -3.09
N ASP B 202 -8.60 16.64 -4.30
CA ASP B 202 -7.19 16.80 -4.65
C ASP B 202 -7.13 17.77 -5.81
N PRO B 203 -6.95 19.07 -5.55
CA PRO B 203 -7.01 20.06 -6.65
C PRO B 203 -5.96 19.85 -7.72
N VAL B 204 -4.80 19.28 -7.41
CA VAL B 204 -3.73 19.10 -8.37
C VAL B 204 -3.58 17.61 -8.67
N SER B 205 -3.70 17.25 -9.94
CA SER B 205 -3.42 15.90 -10.44
C SER B 205 -4.31 14.86 -9.79
N ASN B 206 -5.62 15.00 -9.98
CA ASN B 206 -6.55 13.93 -9.64
C ASN B 206 -7.21 13.38 -10.91
N SER B 207 -7.39 12.06 -10.92
CA SER B 207 -7.95 11.40 -12.09
C SER B 207 -9.42 11.72 -12.22
N MET B 208 -9.85 12.01 -13.45
CA MET B 208 -11.20 12.44 -13.70
C MET B 208 -12.17 11.27 -13.61
N THR B 209 -13.33 11.53 -13.00
CA THR B 209 -14.40 10.54 -13.00
C THR B 209 -14.95 10.37 -14.41
N ILE B 210 -15.50 9.18 -14.68
CA ILE B 210 -16.01 8.89 -16.01
C ILE B 210 -17.17 9.82 -16.36
N GLN B 211 -17.90 10.29 -15.34
CA GLN B 211 -18.97 11.27 -15.59
C GLN B 211 -18.38 12.59 -16.07
N ALA B 212 -17.28 13.02 -15.47
CA ALA B 212 -16.64 14.27 -15.89
C ALA B 212 -16.11 14.15 -17.31
N ILE B 213 -15.56 12.99 -17.67
CA ILE B 213 -15.08 12.77 -19.03
C ILE B 213 -16.24 12.86 -20.00
N SER B 214 -17.38 12.26 -19.65
CA SER B 214 -18.57 12.36 -20.49
C SER B 214 -19.08 13.80 -20.55
N GLN B 215 -19.10 14.49 -19.40
CA GLN B 215 -19.55 15.87 -19.38
C GLN B 215 -18.62 16.79 -20.16
N ALA B 216 -17.35 16.39 -20.35
CA ALA B 216 -16.43 17.17 -21.15
C ALA B 216 -16.83 17.20 -22.62
N PHE B 217 -17.63 16.23 -23.07
CA PHE B 217 -18.09 16.17 -24.45
C PHE B 217 -19.61 16.04 -24.51
N GLY B 218 -20.30 16.38 -23.43
CA GLY B 218 -21.75 16.32 -23.40
C GLY B 218 -22.32 14.94 -23.57
N GLY B 219 -21.63 13.91 -23.07
CA GLY B 219 -22.12 12.55 -23.15
C GLY B 219 -21.95 11.89 -24.50
N ASN B 220 -21.28 12.53 -25.44
CA ASN B 220 -21.10 11.99 -26.80
C ASN B 220 -19.75 11.31 -26.86
N TYR B 221 -19.73 10.01 -26.56
CA TYR B 221 -18.50 9.24 -26.70
C TYR B 221 -18.09 9.11 -28.17
N GLU B 222 -19.07 9.15 -29.08
CA GLU B 222 -18.74 9.13 -30.50
C GLU B 222 -17.90 10.33 -30.90
N THR B 223 -18.21 11.50 -30.34
CA THR B 223 -17.35 12.66 -30.55
C THR B 223 -16.02 12.50 -29.83
N LEU B 224 -16.07 12.00 -28.59
CA LEU B 224 -14.87 11.91 -27.75
C LEU B 224 -13.78 11.09 -28.42
N LEU B 225 -14.16 9.99 -29.07
CA LEU B 225 -13.18 9.12 -29.70
C LEU B 225 -12.56 9.78 -30.93
N ARG B 226 -13.34 10.63 -31.61
CA ARG B 226 -12.86 11.18 -32.89
C ARG B 226 -11.99 12.41 -32.69
N THR B 227 -12.44 13.37 -31.86
CA THR B 227 -11.68 14.61 -31.71
C THR B 227 -10.36 14.36 -30.99
N LEU B 228 -10.33 13.40 -30.07
CA LEU B 228 -9.09 13.06 -29.38
C LEU B 228 -8.28 12.03 -30.14
N GLY B 229 -8.80 11.50 -31.24
CA GLY B 229 -8.09 10.51 -32.02
C GLY B 229 -7.87 9.22 -31.27
N TYR B 230 -8.91 8.73 -30.60
CA TYR B 230 -8.83 7.51 -29.80
C TYR B 230 -9.44 6.34 -30.54
N ALA B 231 -8.73 5.22 -30.55
CA ALA B 231 -9.38 3.95 -30.84
C ALA B 231 -10.14 3.47 -29.61
N THR B 232 -11.03 2.50 -29.82
CA THR B 232 -11.78 1.95 -28.70
C THR B 232 -10.87 1.32 -27.67
N GLU B 233 -9.71 0.82 -28.11
CA GLU B 233 -8.76 0.23 -27.18
C GLU B 233 -8.05 1.28 -26.33
N ASP B 234 -7.65 2.39 -26.96
CA ASP B 234 -6.87 3.41 -26.25
C ASP B 234 -7.68 4.00 -25.09
N PHE B 235 -8.97 4.25 -25.30
CA PHE B 235 -9.82 4.76 -24.23
C PHE B 235 -9.94 3.75 -23.09
N ASP B 236 -10.08 2.46 -23.42
CA ASP B 236 -10.16 1.43 -22.39
C ASP B 236 -8.86 1.36 -21.59
N ASP B 237 -7.72 1.44 -22.28
CA ASP B 237 -6.43 1.37 -21.60
C ASP B 237 -6.22 2.59 -20.70
N LEU B 238 -6.58 3.77 -21.20
CA LEU B 238 -6.42 4.98 -20.39
C LEU B 238 -7.33 4.97 -19.17
N LEU B 239 -8.55 4.46 -19.33
CA LEU B 239 -9.48 4.40 -18.22
C LEU B 239 -8.96 3.49 -17.10
N GLU B 240 -8.51 2.29 -17.46
CA GLU B 240 -8.07 1.35 -16.43
C GLU B 240 -6.66 1.67 -15.94
N SER B 241 -5.92 2.49 -16.67
CA SER B 241 -4.65 3.01 -16.16
C SER B 241 -4.82 4.31 -15.38
N ASP B 242 -6.04 4.84 -15.32
CA ASP B 242 -6.37 6.04 -14.56
C ASP B 242 -5.50 7.23 -14.99
N SER B 243 -5.37 7.42 -16.31
CA SER B 243 -4.43 8.40 -16.86
C SER B 243 -5.10 9.71 -17.27
N ILE B 244 -6.42 9.74 -17.43
CA ILE B 244 -7.12 10.98 -17.76
C ILE B 244 -7.36 11.72 -16.45
N THR B 245 -6.57 12.76 -16.22
CA THR B 245 -6.51 13.43 -14.93
C THR B 245 -7.15 14.82 -15.02
N GLY B 246 -7.04 15.55 -13.92
CA GLY B 246 -7.63 16.88 -13.83
C GLY B 246 -6.88 17.75 -12.84
N GLN B 247 -7.06 19.05 -12.99
CA GLN B 247 -6.38 20.02 -12.16
C GLN B 247 -7.23 21.27 -11.99
N ILE B 248 -7.31 21.76 -10.76
CA ILE B 248 -8.01 23.00 -10.45
C ILE B 248 -7.09 24.17 -10.79
N ILE B 249 -7.54 25.04 -11.70
CA ILE B 249 -6.70 26.15 -12.14
C ILE B 249 -7.30 27.53 -11.84
N TYR B 250 -8.55 27.60 -11.40
CA TYR B 250 -9.18 28.88 -11.11
C TYR B 250 -10.39 28.69 -10.21
N VAL B 251 -10.32 29.26 -9.01
CA VAL B 251 -11.41 29.22 -8.04
C VAL B 251 -11.86 30.65 -7.79
N ASP B 252 -13.16 30.88 -7.91
CA ASP B 252 -13.73 32.21 -7.69
C ASP B 252 -14.63 32.16 -6.47
N LEU B 253 -14.33 32.99 -5.48
CA LEU B 253 -15.12 33.08 -4.26
C LEU B 253 -16.16 34.18 -4.30
N SER B 254 -16.26 34.92 -5.42
CA SER B 254 -17.33 35.90 -5.58
C SER B 254 -18.49 35.34 -6.38
N SER B 255 -18.22 34.87 -7.59
CA SER B 255 -19.18 34.09 -8.38
C SER B 255 -18.69 32.65 -8.37
N TYR B 256 -19.35 31.81 -7.60
CA TYR B 256 -18.82 30.50 -7.24
C TYR B 256 -18.75 29.60 -8.47
N TYR B 257 -17.55 29.44 -9.01
CA TYR B 257 -17.31 28.53 -10.13
C TYR B 257 -15.84 28.18 -10.13
N ILE B 258 -15.54 26.99 -10.64
CA ILE B 258 -14.17 26.51 -10.76
C ILE B 258 -13.96 25.89 -12.14
N ILE B 259 -12.79 26.14 -12.70
CA ILE B 259 -12.40 25.64 -14.02
C ILE B 259 -11.39 24.53 -13.80
N VAL B 260 -11.66 23.35 -14.36
CA VAL B 260 -10.81 22.19 -14.21
C VAL B 260 -10.24 21.82 -15.57
N ARG B 261 -8.91 21.87 -15.69
CA ARG B 261 -8.25 21.21 -16.80
C ARG B 261 -8.57 19.72 -16.73
N VAL B 262 -8.90 19.14 -17.86
CA VAL B 262 -9.02 17.69 -17.99
C VAL B 262 -8.04 17.23 -19.07
N TYR B 263 -6.91 16.70 -18.62
CA TYR B 263 -5.81 16.32 -19.50
C TYR B 263 -6.17 15.01 -20.18
N PHE B 264 -6.15 15.01 -21.51
CA PHE B 264 -6.47 13.82 -22.27
C PHE B 264 -5.20 13.29 -22.94
N PRO B 265 -4.55 12.28 -22.36
CA PRO B 265 -3.29 11.80 -22.94
C PRO B 265 -3.49 11.28 -24.36
N ILE B 266 -2.47 11.50 -25.20
CA ILE B 266 -2.50 11.03 -26.57
C ILE B 266 -1.64 9.77 -26.64
N LEU B 267 -2.29 8.62 -26.78
CA LEU B 267 -1.60 7.34 -26.78
C LEU B 267 -1.17 7.01 -28.19
N THR B 268 0.09 7.28 -28.51
CA THR B 268 0.66 6.83 -29.76
C THR B 268 1.04 5.36 -29.66
N GLU B 269 0.47 4.53 -30.54
CA GLU B 269 0.73 3.07 -30.45
C GLU B 269 1.82 2.68 -31.47
N ILE B 270 2.78 1.87 -31.05
CA ILE B 270 3.90 1.49 -31.96
C ILE B 270 3.32 0.75 -33.16
N GLN B 271 4.00 0.78 -34.31
CA GLN B 271 3.45 0.17 -35.55
C GLN B 271 3.15 -1.31 -35.31
N GLN B 272 4.11 -2.08 -34.79
CA GLN B 272 3.91 -3.54 -34.60
C GLN B 272 4.78 -4.04 -33.44
N ALA B 273 4.72 -3.35 -32.29
CA ALA B 273 5.57 -3.73 -31.17
C ALA B 273 4.70 -4.32 -30.06
N TYR B 274 5.13 -5.46 -29.53
CA TYR B 274 4.44 -6.13 -28.43
C TYR B 274 5.41 -6.31 -27.27
N ILE B 275 4.97 -5.93 -26.08
CA ILE B 275 5.75 -6.17 -24.87
C ILE B 275 5.33 -7.52 -24.29
N GLN B 276 6.28 -8.46 -24.28
CA GLN B 276 6.01 -9.83 -23.86
C GLN B 276 6.70 -10.08 -22.52
N GLU B 277 5.96 -10.68 -21.60
CA GLU B 277 6.51 -11.02 -20.28
C GLU B 277 7.07 -12.43 -20.32
N LEU B 278 8.35 -12.56 -19.98
CA LEU B 278 9.02 -13.85 -19.89
C LEU B 278 9.14 -14.22 -18.42
N LEU B 279 8.55 -15.34 -18.05
CA LEU B 279 8.47 -15.75 -16.65
C LEU B 279 9.36 -16.96 -16.41
N PRO B 280 10.53 -16.79 -15.79
CA PRO B 280 11.37 -17.95 -15.51
C PRO B 280 10.76 -18.86 -14.47
N VAL B 281 10.86 -20.17 -14.70
CA VAL B 281 10.44 -21.19 -13.75
C VAL B 281 11.55 -22.23 -13.65
N SER B 282 11.81 -22.69 -12.43
CA SER B 282 12.83 -23.70 -12.22
C SER B 282 12.47 -24.99 -12.96
N PHE B 283 13.50 -25.65 -13.50
CA PHE B 283 13.32 -26.90 -14.22
C PHE B 283 14.45 -27.84 -13.87
N ASN B 284 14.19 -29.14 -14.02
CA ASN B 284 15.18 -30.15 -13.70
C ASN B 284 15.93 -30.55 -14.97
N ASN B 285 17.25 -30.61 -14.86
CA ASN B 285 18.10 -31.03 -15.97
C ASN B 285 19.33 -31.72 -15.40
N ASP B 286 19.66 -32.88 -15.97
CA ASP B 286 20.78 -33.70 -15.50
C ASP B 286 20.65 -34.01 -14.01
N ASN B 287 19.42 -34.30 -13.57
CA ASN B 287 19.11 -34.61 -12.18
C ASN B 287 19.49 -33.47 -11.24
N SER B 288 19.42 -32.23 -11.75
CA SER B 288 19.67 -31.05 -10.94
C SER B 288 18.70 -29.97 -11.36
N GLU B 289 18.45 -29.04 -10.43
CA GLU B 289 17.48 -27.97 -10.64
C GLU B 289 18.18 -26.72 -11.13
N TRP B 290 17.68 -26.16 -12.22
CA TRP B 290 18.26 -24.97 -12.84
C TRP B 290 17.22 -23.86 -12.94
N ILE B 291 17.68 -22.67 -13.26
CA ILE B 291 16.83 -21.54 -13.57
C ILE B 291 17.49 -20.68 -14.63
N SER B 292 16.72 -20.21 -15.60
CA SER B 292 17.24 -19.36 -16.66
C SER B 292 17.15 -17.90 -16.26
N ILE B 293 18.05 -17.08 -16.79
CA ILE B 293 18.13 -15.66 -16.46
C ILE B 293 17.94 -14.89 -17.75
N VAL B 294 16.72 -14.42 -17.99
CA VAL B 294 16.41 -13.58 -19.15
C VAL B 294 15.61 -12.38 -18.64
N PRO B 295 15.58 -11.28 -19.41
CA PRO B 295 14.81 -10.12 -18.99
C PRO B 295 13.33 -10.46 -18.80
N ASN B 296 12.74 -9.88 -17.75
CA ASN B 296 11.36 -10.19 -17.41
C ASN B 296 10.38 -9.70 -18.47
N PHE B 297 10.60 -8.51 -19.02
CA PHE B 297 9.75 -7.94 -20.05
C PHE B 297 10.58 -7.69 -21.29
N ILE B 298 10.04 -8.05 -22.45
CA ILE B 298 10.77 -8.02 -23.70
C ILE B 298 9.96 -7.20 -24.70
N LEU B 299 10.63 -6.61 -25.69
CA LEU B 299 9.96 -5.87 -26.74
C LEU B 299 10.20 -6.60 -28.07
N VAL B 300 9.12 -7.00 -28.73
CA VAL B 300 9.18 -7.70 -30.00
C VAL B 300 8.40 -6.89 -31.03
N ARG B 301 9.09 -6.50 -32.10
CA ARG B 301 8.46 -5.80 -33.23
C ARG B 301 9.07 -6.39 -34.49
N ASN B 302 8.34 -7.34 -35.08
CA ASN B 302 8.86 -8.06 -36.26
C ASN B 302 10.11 -8.82 -35.81
N THR B 303 11.16 -8.79 -36.63
CA THR B 303 12.41 -9.45 -36.30
C THR B 303 13.19 -8.71 -35.21
N LEU B 304 12.76 -7.51 -34.83
CA LEU B 304 13.50 -6.71 -33.87
C LEU B 304 13.12 -7.08 -32.45
N ILE B 305 14.11 -7.41 -31.64
CA ILE B 305 13.94 -7.69 -30.21
C ILE B 305 14.80 -6.72 -29.43
N SER B 306 14.20 -6.03 -28.46
CA SER B 306 14.91 -5.02 -27.67
C SER B 306 14.49 -5.12 -26.21
N ASN B 307 15.43 -4.80 -25.33
CA ASN B 307 15.12 -4.73 -23.91
C ASN B 307 14.21 -3.54 -23.63
N ILE B 308 13.31 -3.70 -22.66
CA ILE B 308 12.45 -2.61 -22.22
C ILE B 308 12.59 -2.46 -20.71
N GLU B 309 12.79 -1.22 -20.26
CA GLU B 309 12.80 -0.89 -18.84
C GLU B 309 11.39 -0.42 -18.43
N ILE B 310 10.51 -1.41 -18.27
CA ILE B 310 9.08 -1.17 -18.10
C ILE B 310 8.74 -0.56 -16.75
N GLY B 311 9.70 -0.49 -15.83
CA GLY B 311 9.40 -0.08 -14.46
C GLY B 311 8.76 1.29 -14.34
N PHE B 312 9.10 2.23 -15.22
CA PHE B 312 8.54 3.57 -15.16
C PHE B 312 7.21 3.70 -15.88
N CYS B 313 6.72 2.64 -16.52
CA CYS B 313 5.53 2.71 -17.34
C CYS B 313 4.29 2.28 -16.57
N LEU B 314 3.14 2.37 -17.24
CA LEU B 314 1.87 1.94 -16.69
C LEU B 314 1.47 0.61 -17.33
N ILE B 315 1.52 -0.46 -16.54
CA ILE B 315 1.14 -1.77 -17.05
C ILE B 315 -0.38 -1.86 -17.09
N THR B 316 -0.92 -2.21 -18.26
CA THR B 316 -2.36 -2.30 -18.49
C THR B 316 -2.65 -3.66 -19.09
N LYS B 317 -3.85 -4.18 -18.80
CA LYS B 317 -4.21 -5.53 -19.24
C LYS B 317 -3.99 -5.73 -20.74
N ARG B 318 -4.28 -4.71 -21.54
CA ARG B 318 -4.15 -4.84 -22.99
C ARG B 318 -2.86 -4.25 -23.55
N SER B 319 -2.29 -3.25 -22.89
CA SER B 319 -1.15 -2.54 -23.47
C SER B 319 -0.25 -2.02 -22.37
N VAL B 320 0.85 -1.38 -22.78
CA VAL B 320 1.78 -0.72 -21.89
C VAL B 320 1.88 0.74 -22.28
N ILE B 321 1.60 1.63 -21.33
CA ILE B 321 1.64 3.07 -21.55
C ILE B 321 2.93 3.61 -20.96
N CYS B 322 3.78 4.20 -21.81
CA CYS B 322 5.05 4.75 -21.39
C CYS B 322 5.15 6.21 -21.81
N ASN B 323 5.74 7.03 -20.94
CA ASN B 323 5.92 8.44 -21.24
C ASN B 323 7.00 8.66 -22.29
N GLN B 324 7.85 7.67 -22.53
CA GLN B 324 8.86 7.74 -23.58
C GLN B 324 9.27 6.33 -23.96
N ASP B 325 9.90 6.22 -25.13
CA ASP B 325 10.36 4.92 -25.60
C ASP B 325 11.55 4.46 -24.76
N TYR B 326 11.39 3.35 -24.05
CA TYR B 326 12.44 2.81 -23.19
C TYR B 326 13.17 1.63 -23.81
N ALA B 327 12.98 1.37 -25.11
CA ALA B 327 13.64 0.24 -25.74
C ALA B 327 15.15 0.45 -25.77
N THR B 328 15.89 -0.63 -25.52
CA THR B 328 17.35 -0.60 -25.57
C THR B 328 17.83 -1.76 -26.44
N PRO B 329 18.97 -1.63 -27.09
CA PRO B 329 19.45 -2.69 -27.98
C PRO B 329 19.70 -4.00 -27.23
N MET B 330 19.53 -5.11 -27.95
CA MET B 330 19.78 -6.44 -27.43
C MET B 330 21.17 -6.93 -27.81
N THR B 331 21.75 -7.74 -26.92
CA THR B 331 22.96 -8.46 -27.27
C THR B 331 22.62 -9.58 -28.25
N ASN B 332 23.60 -9.93 -29.08
CA ASN B 332 23.39 -11.00 -30.05
C ASN B 332 23.14 -12.34 -29.36
N ASN B 333 23.76 -12.54 -28.20
CA ASN B 333 23.58 -13.80 -27.47
C ASN B 333 22.16 -13.93 -26.93
N MET B 334 21.61 -12.85 -26.36
CA MET B 334 20.27 -12.92 -25.78
C MET B 334 19.23 -13.09 -26.87
N ARG B 335 19.41 -12.43 -28.01
CA ARG B 335 18.49 -12.62 -29.13
C ARG B 335 18.55 -14.05 -29.64
N GLU B 336 19.74 -14.64 -29.67
CA GLU B 336 19.89 -16.02 -30.12
C GLU B 336 19.13 -16.98 -29.20
N CYS B 337 19.18 -16.75 -27.89
CA CYS B 337 18.37 -17.53 -26.95
C CYS B 337 16.89 -17.40 -27.29
N LEU B 338 16.42 -16.16 -27.45
CA LEU B 338 15.01 -15.92 -27.72
C LEU B 338 14.59 -16.41 -29.10
N THR B 339 15.52 -16.46 -30.06
CA THR B 339 15.20 -17.00 -31.38
C THR B 339 15.01 -18.51 -31.34
N GLY B 340 15.60 -19.19 -30.37
CA GLY B 340 15.49 -20.65 -30.25
C GLY B 340 16.76 -21.34 -29.81
N SER B 341 17.94 -20.77 -30.08
CA SER B 341 19.20 -21.40 -29.68
C SER B 341 19.43 -21.22 -28.17
N THR B 342 18.74 -22.05 -27.40
CA THR B 342 18.81 -21.98 -25.95
C THR B 342 20.12 -22.54 -25.38
N GLU B 343 20.96 -23.17 -26.21
CA GLU B 343 22.18 -23.76 -25.71
C GLU B 343 23.14 -22.73 -25.14
N LYS B 344 22.96 -21.45 -25.50
CA LYS B 344 23.80 -20.37 -24.98
C LYS B 344 22.98 -19.37 -24.17
N CYS B 345 21.76 -19.71 -23.83
CA CYS B 345 20.95 -18.89 -22.94
C CYS B 345 21.42 -19.07 -21.50
N PRO B 346 21.43 -18.00 -20.71
CA PRO B 346 21.93 -18.11 -19.33
C PRO B 346 21.08 -19.06 -18.48
N ARG B 347 21.76 -19.75 -17.57
CA ARG B 347 21.09 -20.62 -16.59
C ARG B 347 22.00 -20.80 -15.39
N GLU B 348 21.46 -20.57 -14.21
CA GLU B 348 22.20 -20.68 -12.96
C GLU B 348 21.60 -21.79 -12.11
N LEU B 349 22.45 -22.46 -11.33
CA LEU B 349 21.98 -23.47 -10.40
C LEU B 349 21.20 -22.81 -9.26
N VAL B 350 20.33 -23.58 -8.63
CA VAL B 350 19.42 -23.05 -7.63
C VAL B 350 19.97 -23.28 -6.22
N VAL B 351 21.17 -23.83 -6.12
CA VAL B 351 21.75 -24.11 -4.82
C VAL B 351 22.05 -22.80 -4.09
N SER B 352 21.80 -22.80 -2.78
CA SER B 352 22.08 -21.67 -1.90
C SER B 352 21.30 -20.43 -2.31
N SER B 353 20.17 -20.61 -3.00
CA SER B 353 19.33 -19.51 -3.42
C SER B 353 17.90 -20.00 -3.54
N HIS B 354 16.95 -19.06 -3.51
CA HIS B 354 15.54 -19.34 -3.70
C HIS B 354 15.14 -18.92 -5.10
N VAL B 355 14.42 -19.78 -5.79
CA VAL B 355 14.05 -19.55 -7.19
C VAL B 355 12.56 -19.80 -7.36
N PRO B 356 11.91 -19.12 -8.31
CA PRO B 356 10.48 -19.38 -8.54
C PRO B 356 10.26 -20.75 -9.17
N ARG B 357 9.48 -21.58 -8.50
CA ARG B 357 9.13 -22.90 -9.00
C ARG B 357 7.78 -22.92 -9.71
N PHE B 358 7.13 -21.77 -9.84
CA PHE B 358 5.86 -21.68 -10.55
C PHE B 358 5.73 -20.28 -11.15
N ALA B 359 4.85 -20.18 -12.15
CA ALA B 359 4.49 -18.90 -12.73
C ALA B 359 3.02 -18.94 -13.11
N LEU B 360 2.40 -17.77 -13.14
CA LEU B 360 0.99 -17.64 -13.49
C LEU B 360 0.85 -16.81 -14.75
N SER B 361 0.00 -17.25 -15.66
CA SER B 361 -0.23 -16.57 -16.92
C SER B 361 -1.68 -16.71 -17.32
N ASN B 362 -2.34 -15.57 -17.57
CA ASN B 362 -3.74 -15.51 -18.00
C ASN B 362 -4.64 -16.45 -17.20
N GLY B 363 -4.35 -16.61 -15.91
CA GLY B 363 -5.11 -17.49 -15.06
C GLY B 363 -4.71 -18.94 -15.11
N VAL B 364 -3.52 -19.25 -15.61
CA VAL B 364 -3.05 -20.63 -15.76
C VAL B 364 -1.70 -20.75 -15.05
N LEU B 365 -1.52 -21.85 -14.32
CA LEU B 365 -0.33 -22.07 -13.51
C LEU B 365 0.62 -22.99 -14.28
N PHE B 366 1.87 -22.56 -14.41
CA PHE B 366 2.94 -23.40 -14.93
C PHE B 366 3.86 -23.75 -13.77
N ALA B 367 4.04 -25.04 -13.53
CA ALA B 367 4.63 -25.53 -12.29
C ALA B 367 5.80 -26.46 -12.56
N ASN B 368 6.73 -26.49 -11.61
CA ASN B 368 7.78 -27.49 -11.57
C ASN B 368 7.36 -28.56 -10.57
N CYS B 369 7.12 -29.79 -11.06
CA CYS B 369 6.69 -30.89 -10.21
C CYS B 369 7.75 -31.98 -10.11
N ILE B 370 8.90 -31.80 -10.75
CA ILE B 370 10.00 -32.74 -10.58
C ILE B 370 10.83 -32.41 -9.34
N SER B 371 11.05 -31.12 -9.07
CA SER B 371 11.81 -30.70 -7.90
C SER B 371 11.02 -30.87 -6.60
N VAL B 372 9.74 -30.52 -6.60
CA VAL B 372 8.88 -30.67 -5.43
C VAL B 372 7.58 -31.34 -5.86
N THR B 373 6.89 -31.94 -4.89
CA THR B 373 5.64 -32.62 -5.17
C THR B 373 4.49 -31.62 -5.25
N CYS B 374 3.70 -31.73 -6.31
CA CYS B 374 2.57 -30.83 -6.54
C CYS B 374 1.27 -31.62 -6.43
N GLN B 375 0.39 -31.14 -5.57
CA GLN B 375 -0.91 -31.77 -5.35
C GLN B 375 -2.00 -30.71 -5.53
N CYS B 376 -3.23 -31.14 -5.34
CA CYS B 376 -4.38 -30.25 -5.40
C CYS B 376 -5.15 -30.36 -4.08
N GLN B 377 -5.30 -29.23 -3.39
CA GLN B 377 -5.94 -29.22 -2.08
C GLN B 377 -7.40 -29.67 -2.16
N THR B 378 -8.01 -29.53 -3.34
CA THR B 378 -9.39 -29.95 -3.51
C THR B 378 -9.55 -31.46 -3.32
N THR B 379 -8.54 -32.23 -3.73
CA THR B 379 -8.60 -33.68 -3.65
C THR B 379 -7.47 -34.30 -2.85
N GLY B 380 -6.35 -33.61 -2.66
CA GLY B 380 -5.25 -34.17 -1.91
C GLY B 380 -4.47 -35.26 -2.61
N ARG B 381 -4.46 -35.26 -3.94
CA ARG B 381 -3.73 -36.24 -4.72
C ARG B 381 -2.82 -35.55 -5.73
N ALA B 382 -1.80 -36.27 -6.17
CA ALA B 382 -0.83 -35.71 -7.10
C ALA B 382 -1.46 -35.46 -8.46
N ILE B 383 -0.89 -34.50 -9.18
CA ILE B 383 -1.40 -34.12 -10.50
C ILE B 383 -0.73 -34.97 -11.56
N SER B 384 -1.50 -35.35 -12.59
CA SER B 384 -0.96 -36.14 -13.68
C SER B 384 0.25 -35.45 -14.28
N GLN B 385 1.36 -36.19 -14.35
CA GLN B 385 2.63 -35.63 -14.77
C GLN B 385 3.25 -36.53 -15.84
N SER B 386 3.91 -35.91 -16.81
CA SER B 386 4.49 -36.65 -17.92
C SER B 386 5.87 -36.07 -18.24
N GLY B 387 6.71 -36.90 -18.85
CA GLY B 387 8.03 -36.47 -19.28
C GLY B 387 8.05 -35.72 -20.59
N GLU B 388 6.89 -35.54 -21.23
CA GLU B 388 6.82 -34.82 -22.49
C GLU B 388 7.21 -33.36 -22.33
N GLN B 389 6.91 -32.74 -21.19
CA GLN B 389 7.26 -31.35 -20.93
C GLN B 389 8.11 -31.27 -19.68
N THR B 390 9.03 -30.30 -19.66
CA THR B 390 9.84 -30.07 -18.48
C THR B 390 9.09 -29.29 -17.40
N LEU B 391 7.91 -28.75 -17.72
CA LEU B 391 7.11 -27.99 -16.79
C LEU B 391 5.68 -28.51 -16.83
N LEU B 392 4.93 -28.26 -15.76
CA LEU B 392 3.59 -28.80 -15.59
C LEU B 392 2.58 -27.67 -15.56
N MET B 393 1.44 -27.88 -16.22
CA MET B 393 0.42 -26.85 -16.40
C MET B 393 -0.83 -27.23 -15.62
N ILE B 394 -1.36 -26.29 -14.84
CA ILE B 394 -2.59 -26.46 -14.09
C ILE B 394 -3.50 -25.27 -14.39
N ASP B 395 -4.79 -25.52 -14.52
CA ASP B 395 -5.76 -24.48 -14.78
C ASP B 395 -6.94 -24.63 -13.83
N ASN B 396 -7.86 -23.67 -13.90
CA ASN B 396 -9.06 -23.72 -13.06
C ASN B 396 -9.93 -24.92 -13.42
N THR B 397 -9.82 -25.40 -14.65
CA THR B 397 -10.63 -26.55 -15.07
C THR B 397 -10.28 -27.79 -14.26
N THR B 398 -9.00 -28.00 -13.97
CA THR B 398 -8.59 -29.19 -13.22
C THR B 398 -8.69 -28.97 -11.71
N CYS B 399 -8.02 -27.93 -11.21
CA CYS B 399 -8.02 -27.65 -9.78
C CYS B 399 -8.29 -26.17 -9.55
N PRO B 400 -9.18 -25.83 -8.62
CA PRO B 400 -9.34 -24.42 -8.23
C PRO B 400 -8.29 -23.96 -7.24
N THR B 401 -7.59 -24.88 -6.57
CA THR B 401 -6.55 -24.52 -5.63
C THR B 401 -5.55 -25.67 -5.58
N ALA B 402 -4.31 -25.40 -5.98
CA ALA B 402 -3.26 -26.39 -6.07
C ALA B 402 -2.15 -26.05 -5.08
N VAL B 403 -1.55 -27.08 -4.48
CA VAL B 403 -0.48 -26.93 -3.51
C VAL B 403 0.81 -27.41 -4.14
N LEU B 404 1.90 -26.67 -3.92
CA LEU B 404 3.21 -27.00 -4.43
C LEU B 404 4.19 -26.98 -3.26
N GLY B 405 4.71 -28.15 -2.91
CA GLY B 405 5.45 -28.26 -1.67
C GLY B 405 4.55 -27.88 -0.51
N ASN B 406 4.79 -26.69 0.06
CA ASN B 406 3.87 -26.10 1.02
C ASN B 406 3.22 -24.82 0.50
N VAL B 407 3.42 -24.50 -0.78
CA VAL B 407 2.88 -23.28 -1.37
C VAL B 407 1.48 -23.58 -1.88
N ILE B 408 0.47 -22.99 -1.25
CA ILE B 408 -0.92 -23.18 -1.64
C ILE B 408 -1.32 -22.05 -2.57
N ILE B 409 -1.82 -22.40 -3.76
CA ILE B 409 -2.08 -21.44 -4.83
C ILE B 409 -3.54 -21.56 -5.22
N SER B 410 -4.25 -20.44 -5.25
CA SER B 410 -5.63 -20.43 -5.71
C SER B 410 -5.67 -20.15 -7.20
N LEU B 411 -6.12 -21.14 -7.98
CA LEU B 411 -6.24 -20.95 -9.42
C LEU B 411 -7.44 -20.11 -9.80
N GLY B 412 -8.37 -19.91 -8.88
CA GLY B 412 -9.53 -19.09 -9.09
C GLY B 412 -10.79 -19.80 -8.66
N LYS B 413 -11.80 -19.02 -8.28
CA LYS B 413 -13.07 -19.58 -7.84
C LYS B 413 -14.11 -18.47 -7.86
N TYR B 414 -15.22 -18.70 -8.55
CA TYR B 414 -16.31 -17.73 -8.60
C TYR B 414 -17.32 -18.03 -7.50
N LEU B 415 -17.37 -17.18 -6.50
CA LEU B 415 -18.39 -17.29 -5.47
C LEU B 415 -19.70 -16.66 -5.94
N GLY B 416 -20.76 -16.87 -5.17
CA GLY B 416 -22.06 -16.41 -5.59
C GLY B 416 -22.22 -14.91 -5.47
N SER B 417 -23.27 -14.41 -6.10
CA SER B 417 -23.59 -12.99 -6.03
C SER B 417 -24.31 -12.67 -4.72
N VAL B 418 -24.25 -11.40 -4.33
CA VAL B 418 -24.88 -10.93 -3.10
C VAL B 418 -25.55 -9.60 -3.38
N ASN B 419 -26.79 -9.46 -2.92
CA ASN B 419 -27.53 -8.22 -3.10
C ASN B 419 -27.03 -7.15 -2.14
N TYR B 420 -27.01 -5.90 -2.62
CA TYR B 420 -26.70 -4.78 -1.76
C TYR B 420 -27.80 -4.63 -0.71
N ASN B 421 -27.40 -4.50 0.56
CA ASN B 421 -28.32 -4.48 1.67
C ASN B 421 -28.50 -3.07 2.20
N SER B 422 -29.74 -2.62 2.26
CA SER B 422 -30.08 -1.33 2.83
C SER B 422 -31.54 -1.35 3.26
N GLU B 423 -31.89 -0.44 4.15
CA GLU B 423 -33.27 -0.38 4.65
C GLU B 423 -34.19 0.18 3.56
N GLY B 424 -35.38 -0.40 3.47
CA GLY B 424 -36.35 0.01 2.47
C GLY B 424 -37.09 1.28 2.85
N ILE B 425 -36.34 2.37 3.05
CA ILE B 425 -36.96 3.64 3.43
C ILE B 425 -37.63 4.25 2.22
N ALA B 426 -38.88 4.68 2.39
CA ALA B 426 -39.64 5.30 1.31
C ALA B 426 -40.56 6.39 1.85
N ILE C 23 20.53 -15.23 10.12
CA ILE C 23 21.16 -15.64 8.87
C ILE C 23 22.30 -14.68 8.53
N LEU C 24 21.93 -13.48 8.07
CA LEU C 24 22.92 -12.45 7.81
C LEU C 24 23.57 -12.00 9.11
N HIS C 25 24.86 -11.66 9.04
CA HIS C 25 25.58 -11.14 10.20
C HIS C 25 25.48 -9.62 10.17
N TYR C 26 24.38 -9.12 10.74
CA TYR C 26 24.07 -7.70 10.64
C TYR C 26 25.08 -6.82 11.37
N GLU C 27 25.66 -7.33 12.47
CA GLU C 27 26.63 -6.54 13.21
C GLU C 27 27.86 -6.23 12.37
N LYS C 28 28.35 -7.23 11.62
CA LYS C 28 29.50 -6.99 10.75
C LYS C 28 29.10 -6.22 9.51
N LEU C 29 27.83 -6.32 9.08
CA LEU C 29 27.37 -5.52 7.96
C LEU C 29 27.32 -4.04 8.31
N SER C 30 27.03 -3.72 9.57
CA SER C 30 27.02 -2.33 10.00
C SER C 30 28.41 -1.72 9.97
N LYS C 31 29.45 -2.55 10.07
CA LYS C 31 30.82 -2.05 10.02
C LYS C 31 31.18 -1.48 8.65
N ILE C 32 30.47 -1.87 7.60
CA ILE C 32 30.76 -1.36 6.27
C ILE C 32 29.55 -0.65 5.67
N GLY C 33 28.62 -0.25 6.54
CA GLY C 33 27.58 0.67 6.15
C GLY C 33 26.20 0.10 5.92
N LEU C 34 26.06 -1.21 5.78
CA LEU C 34 24.74 -1.79 5.51
C LEU C 34 23.89 -1.70 6.77
N VAL C 35 22.96 -0.74 6.76
CA VAL C 35 22.00 -0.63 7.86
C VAL C 35 20.83 -1.58 7.61
N LYS C 36 20.35 -2.21 8.68
CA LYS C 36 19.18 -3.06 8.57
C LYS C 36 17.94 -2.21 8.38
N GLY C 37 17.11 -2.56 7.40
CA GLY C 37 15.88 -1.86 7.12
C GLY C 37 14.67 -2.63 7.59
N VAL C 38 13.54 -2.37 6.91
CA VAL C 38 12.30 -3.05 7.26
C VAL C 38 12.32 -4.46 6.73
N THR C 39 12.00 -5.42 7.60
CA THR C 39 11.88 -6.82 7.22
C THR C 39 10.41 -7.13 6.99
N ARG C 40 10.08 -7.59 5.78
CA ARG C 40 8.71 -7.84 5.39
C ARG C 40 8.56 -9.27 4.95
N LYS C 41 7.39 -9.85 5.24
CA LYS C 41 7.11 -11.21 4.80
C LYS C 41 6.84 -11.23 3.31
N TYR C 42 7.16 -12.36 2.68
CA TYR C 42 7.05 -12.47 1.23
C TYR C 42 5.75 -13.19 0.89
N LYS C 43 4.85 -12.51 0.18
CA LYS C 43 3.54 -13.04 -0.16
C LYS C 43 3.34 -12.95 -1.66
N ILE C 44 2.75 -13.99 -2.24
CA ILE C 44 2.57 -14.10 -3.68
C ILE C 44 1.08 -14.06 -3.97
N LYS C 45 0.68 -13.18 -4.88
CA LYS C 45 -0.73 -12.96 -5.20
C LYS C 45 -1.13 -13.96 -6.29
N SER C 46 -1.94 -14.94 -5.89
CA SER C 46 -2.47 -15.92 -6.83
C SER C 46 -3.68 -15.33 -7.57
N ASN C 47 -4.40 -16.21 -8.25
CA ASN C 47 -5.60 -15.78 -8.97
C ASN C 47 -6.64 -15.29 -7.97
N PRO C 48 -7.39 -14.24 -8.30
CA PRO C 48 -8.29 -13.65 -7.31
C PRO C 48 -9.59 -14.41 -7.18
N LEU C 49 -10.09 -14.48 -5.94
CA LEU C 49 -11.44 -14.93 -5.71
C LEU C 49 -12.44 -13.89 -6.21
N THR C 50 -13.62 -14.35 -6.58
CA THR C 50 -14.55 -13.54 -7.35
C THR C 50 -15.93 -13.56 -6.71
N LYS C 51 -16.52 -12.37 -6.55
CA LYS C 51 -17.89 -12.22 -6.10
C LYS C 51 -18.56 -11.09 -6.87
N ASP C 52 -19.87 -11.16 -6.97
CA ASP C 52 -20.69 -10.12 -7.61
C ASP C 52 -21.58 -9.48 -6.56
N ILE C 53 -21.71 -8.16 -6.64
CA ILE C 53 -22.63 -7.43 -5.77
C ILE C 53 -23.64 -6.71 -6.66
N VAL C 54 -24.88 -7.21 -6.65
CA VAL C 54 -25.96 -6.55 -7.36
C VAL C 54 -26.38 -5.31 -6.58
N ILE C 55 -26.36 -4.17 -7.24
CA ILE C 55 -26.68 -2.89 -6.61
C ILE C 55 -28.01 -2.44 -7.18
N LYS C 56 -29.11 -2.87 -6.55
CA LYS C 56 -30.43 -2.42 -6.98
C LYS C 56 -30.54 -0.95 -6.61
N MET C 57 -30.18 -0.08 -7.55
CA MET C 57 -29.97 1.32 -7.24
C MET C 57 -31.28 2.09 -7.16
N ILE C 58 -32.40 1.43 -7.45
CA ILE C 58 -33.72 1.97 -7.17
C ILE C 58 -34.26 1.25 -5.94
N PRO C 59 -34.68 1.97 -4.89
CA PRO C 59 -35.18 1.29 -3.69
C PRO C 59 -36.61 0.82 -3.86
N ASN C 60 -37.18 0.34 -2.74
CA ASN C 60 -38.56 -0.12 -2.70
C ASN C 60 -39.45 1.08 -2.38
N VAL C 61 -39.90 1.75 -3.44
CA VAL C 61 -40.74 2.94 -3.27
C VAL C 61 -42.13 2.54 -2.80
N SER C 62 -42.83 3.47 -2.17
CA SER C 62 -44.17 3.22 -1.69
C SER C 62 -45.15 3.06 -2.84
N ASN C 63 -46.26 2.38 -2.58
CA ASN C 63 -47.25 2.10 -3.62
C ASN C 63 -48.15 3.30 -3.92
N MET C 64 -48.11 4.35 -3.10
CA MET C 64 -48.94 5.52 -3.34
C MET C 64 -48.46 6.24 -4.59
N SER C 65 -49.39 6.83 -5.34
CA SER C 65 -49.07 7.48 -6.59
C SER C 65 -49.50 8.95 -6.64
N GLN C 66 -50.26 9.41 -5.65
CA GLN C 66 -50.74 10.79 -5.66
C GLN C 66 -49.59 11.79 -5.56
N CYS C 67 -48.59 11.51 -4.71
CA CYS C 67 -47.50 12.42 -4.48
C CYS C 67 -46.15 11.72 -4.61
N THR C 68 -45.97 10.91 -5.65
CA THR C 68 -44.78 10.10 -5.82
C THR C 68 -44.13 10.26 -7.19
N GLY C 69 -44.93 10.43 -8.24
CA GLY C 69 -44.42 10.30 -9.59
C GLY C 69 -43.33 11.30 -9.94
N SER C 70 -43.50 12.56 -9.54
CA SER C 70 -42.54 13.58 -9.92
C SER C 70 -41.16 13.31 -9.33
N VAL C 71 -41.12 12.98 -8.04
CA VAL C 71 -39.85 12.67 -7.39
C VAL C 71 -39.23 11.43 -8.01
N MET C 72 -40.06 10.44 -8.34
CA MET C 72 -39.55 9.22 -8.97
C MET C 72 -38.89 9.54 -10.30
N GLU C 73 -39.54 10.37 -11.12
CA GLU C 73 -38.98 10.71 -12.43
C GLU C 73 -37.70 11.53 -12.30
N ASN C 74 -37.68 12.47 -11.35
CA ASN C 74 -36.45 13.25 -11.12
C ASN C 74 -35.31 12.34 -10.67
N TYR C 75 -35.62 11.38 -9.79
CA TYR C 75 -34.60 10.43 -9.36
C TYR C 75 -34.14 9.55 -10.52
N LYS C 76 -35.06 9.21 -11.42
CA LYS C 76 -34.69 8.39 -12.58
C LYS C 76 -33.75 9.15 -13.51
N THR C 77 -34.04 10.42 -13.77
CA THR C 77 -33.15 11.18 -14.66
C THR C 77 -31.82 11.47 -13.98
N ARG C 78 -31.83 11.73 -12.66
CA ARG C 78 -30.57 11.83 -11.92
C ARG C 78 -29.78 10.53 -12.00
N LEU C 79 -30.50 9.39 -11.99
CA LEU C 79 -29.84 8.09 -12.09
C LEU C 79 -29.24 7.90 -13.47
N ASN C 80 -29.96 8.32 -14.52
CA ASN C 80 -29.42 8.27 -15.87
C ASN C 80 -28.15 9.08 -15.99
N GLY C 81 -28.14 10.28 -15.40
CA GLY C 81 -26.94 11.10 -15.44
C GLY C 81 -25.72 10.39 -14.89
N ILE C 82 -25.92 9.49 -13.92
CA ILE C 82 -24.81 8.72 -13.36
C ILE C 82 -24.47 7.53 -14.26
N LEU C 83 -25.49 6.78 -14.67
CA LEU C 83 -25.29 5.47 -15.28
C LEU C 83 -24.93 5.52 -16.76
N THR C 84 -25.48 6.48 -17.51
CA THR C 84 -25.18 6.55 -18.94
C THR C 84 -23.69 6.68 -19.24
N PRO C 85 -22.90 7.51 -18.55
CA PRO C 85 -21.46 7.53 -18.83
C PRO C 85 -20.77 6.21 -18.57
N ILE C 86 -21.34 5.42 -17.64
CA ILE C 86 -20.71 4.11 -17.27
C ILE C 86 -20.98 3.11 -18.40
N LYS C 87 -22.26 2.77 -18.62
CA LYS C 87 -22.63 1.82 -19.68
C LYS C 87 -22.25 2.42 -21.05
N GLY C 88 -22.45 3.74 -21.21
CA GLY C 88 -22.16 4.41 -22.49
C GLY C 88 -20.70 4.26 -22.87
N ALA C 89 -19.79 4.41 -21.90
CA ALA C 89 -18.34 4.20 -22.16
C ALA C 89 -18.10 2.77 -22.65
N LYS C 171 -52.54 21.50 -0.67
CA LYS C 171 -51.45 20.67 -1.14
C LYS C 171 -50.33 20.59 -0.12
N ILE C 172 -50.63 21.00 1.11
CA ILE C 172 -49.63 20.94 2.18
C ILE C 172 -49.23 19.50 2.44
N SER C 173 -50.22 18.61 2.53
CA SER C 173 -49.93 17.19 2.77
C SER C 173 -49.21 16.54 1.59
N CYS C 174 -49.60 16.88 0.36
CA CYS C 174 -48.97 16.25 -0.80
C CYS C 174 -47.52 16.67 -0.92
N LYS C 175 -47.23 17.97 -0.79
CA LYS C 175 -45.85 18.43 -0.84
C LYS C 175 -45.04 17.87 0.33
N GLN C 176 -45.67 17.79 1.51
CA GLN C 176 -44.99 17.25 2.68
C GLN C 176 -44.64 15.77 2.49
N THR C 177 -45.56 14.99 1.93
CA THR C 177 -45.25 13.61 1.56
C THR C 177 -44.26 13.57 0.41
N GLU C 178 -44.34 14.55 -0.49
CA GLU C 178 -43.40 14.63 -1.60
C GLU C 178 -41.98 14.81 -1.11
N LEU C 179 -41.78 15.67 -0.10
CA LEU C 179 -40.44 15.94 0.39
C LEU C 179 -39.89 14.77 1.20
N SER C 180 -40.75 14.07 1.95
CA SER C 180 -40.29 12.94 2.74
C SER C 180 -39.73 11.83 1.86
N LEU C 181 -40.42 11.55 0.75
CA LEU C 181 -39.90 10.57 -0.22
C LEU C 181 -38.62 11.07 -0.87
N ASP C 182 -38.57 12.37 -1.20
CA ASP C 182 -37.41 12.91 -1.90
C ASP C 182 -36.15 12.80 -1.04
N LEU C 183 -36.25 13.13 0.24
CA LEU C 183 -35.09 13.02 1.11
C LEU C 183 -34.75 11.56 1.40
N ALA C 184 -35.76 10.68 1.40
CA ALA C 184 -35.50 9.26 1.57
C ALA C 184 -34.66 8.71 0.42
N LEU C 185 -34.97 9.13 -0.80
CA LEU C 185 -34.19 8.70 -1.96
C LEU C 185 -32.79 9.31 -1.92
N SER C 186 -32.68 10.58 -1.53
CA SER C 186 -31.38 11.24 -1.50
C SER C 186 -30.47 10.59 -0.47
N LYS C 187 -31.00 10.25 0.70
CA LYS C 187 -30.20 9.58 1.71
C LYS C 187 -29.76 8.21 1.24
N TYR C 188 -30.63 7.50 0.52
CA TYR C 188 -30.28 6.20 -0.02
C TYR C 188 -29.14 6.32 -1.03
N LEU C 189 -29.26 7.28 -1.95
CA LEU C 189 -28.23 7.42 -2.98
C LEU C 189 -26.93 7.93 -2.40
N SER C 190 -27.00 8.82 -1.41
CA SER C 190 -25.78 9.33 -0.80
C SER C 190 -25.00 8.23 -0.10
N ASP C 191 -25.69 7.32 0.60
CA ASP C 191 -25.00 6.21 1.24
C ASP C 191 -24.48 5.21 0.22
N LEU C 192 -25.27 4.93 -0.82
CA LEU C 192 -24.85 3.98 -1.85
C LEU C 192 -23.63 4.49 -2.59
N LEU C 193 -23.65 5.77 -2.98
CA LEU C 193 -22.50 6.36 -3.67
C LEU C 193 -21.30 6.53 -2.73
N PHE C 194 -21.50 6.37 -1.42
CA PHE C 194 -20.35 6.33 -0.53
C PHE C 194 -19.71 4.95 -0.52
N VAL C 195 -20.53 3.90 -0.43
CA VAL C 195 -20.00 2.54 -0.41
C VAL C 195 -19.43 2.17 -1.77
N PHE C 196 -20.18 2.44 -2.84
CA PHE C 196 -19.86 1.92 -4.17
C PHE C 196 -19.50 3.01 -5.17
N GLY C 197 -19.68 4.29 -4.83
CA GLY C 197 -19.40 5.37 -5.75
C GLY C 197 -18.02 5.38 -6.36
N PRO C 198 -16.97 5.07 -5.59
CA PRO C 198 -15.64 4.97 -6.21
C PRO C 198 -15.58 3.97 -7.36
N ASN C 199 -16.40 2.92 -7.31
CA ASN C 199 -16.48 2.00 -8.44
C ASN C 199 -17.28 2.60 -9.58
N LEU C 200 -18.29 3.41 -9.26
CA LEU C 200 -19.05 4.10 -10.30
C LEU C 200 -18.23 5.19 -10.97
N GLN C 201 -17.11 5.59 -10.35
CA GLN C 201 -16.29 6.65 -10.92
C GLN C 201 -15.13 6.11 -11.75
N ASP C 202 -14.63 4.93 -11.41
CA ASP C 202 -13.61 4.23 -12.20
C ASP C 202 -14.14 2.83 -12.46
N PRO C 203 -15.08 2.69 -13.41
CA PRO C 203 -15.77 1.40 -13.58
C PRO C 203 -14.85 0.24 -13.93
N VAL C 204 -13.78 0.48 -14.68
CA VAL C 204 -12.98 -0.64 -15.18
C VAL C 204 -12.25 -1.35 -14.05
N SER C 205 -11.57 -0.61 -13.17
CA SER C 205 -10.89 -1.22 -12.03
C SER C 205 -10.64 -0.19 -10.93
N ASN C 206 -11.40 -0.28 -9.84
CA ASN C 206 -11.23 0.61 -8.71
C ASN C 206 -11.23 -0.19 -7.42
N SER C 207 -10.41 0.25 -6.46
CA SER C 207 -10.33 -0.42 -5.17
C SER C 207 -11.66 -0.33 -4.43
N MET C 208 -12.01 -1.40 -3.74
CA MET C 208 -13.28 -1.44 -3.02
C MET C 208 -13.18 -0.72 -1.69
N THR C 209 -14.20 0.11 -1.41
CA THR C 209 -14.33 0.69 -0.08
C THR C 209 -14.60 -0.42 0.93
N ILE C 210 -14.14 -0.20 2.17
CA ILE C 210 -14.24 -1.24 3.18
C ILE C 210 -15.70 -1.55 3.50
N GLN C 211 -16.60 -0.60 3.24
CA GLN C 211 -18.02 -0.89 3.38
C GLN C 211 -18.48 -1.92 2.35
N ALA C 212 -18.04 -1.76 1.10
CA ALA C 212 -18.39 -2.73 0.06
C ALA C 212 -17.81 -4.10 0.37
N ILE C 213 -16.60 -4.14 0.91
CA ILE C 213 -15.98 -5.41 1.32
C ILE C 213 -16.84 -6.08 2.40
N SER C 214 -17.40 -5.27 3.30
CA SER C 214 -18.26 -5.83 4.35
C SER C 214 -19.62 -6.24 3.78
N GLN C 215 -20.21 -5.42 2.90
CA GLN C 215 -21.50 -5.78 2.32
C GLN C 215 -21.39 -7.01 1.45
N ALA C 216 -20.21 -7.28 0.89
CA ALA C 216 -20.01 -8.49 0.11
C ALA C 216 -20.21 -9.75 0.96
N PHE C 217 -19.99 -9.65 2.26
CA PHE C 217 -20.08 -10.79 3.16
C PHE C 217 -21.07 -10.53 4.30
N GLY C 218 -22.05 -9.65 4.06
CA GLY C 218 -23.06 -9.38 5.06
C GLY C 218 -22.56 -8.72 6.31
N GLY C 219 -21.42 -8.03 6.24
CA GLY C 219 -20.84 -7.40 7.41
C GLY C 219 -20.14 -8.35 8.36
N ASN C 220 -19.91 -9.59 7.96
CA ASN C 220 -19.28 -10.60 8.80
C ASN C 220 -17.84 -10.78 8.35
N TYR C 221 -16.91 -10.26 9.15
CA TYR C 221 -15.50 -10.40 8.81
C TYR C 221 -14.94 -11.77 9.14
N GLU C 222 -15.58 -12.48 10.08
CA GLU C 222 -15.17 -13.86 10.34
C GLU C 222 -15.50 -14.76 9.15
N THR C 223 -16.63 -14.50 8.50
CA THR C 223 -16.95 -15.22 7.26
C THR C 223 -15.96 -14.88 6.16
N LEU C 224 -15.53 -13.62 6.10
CA LEU C 224 -14.58 -13.18 5.08
C LEU C 224 -13.27 -13.95 5.18
N LEU C 225 -12.72 -14.04 6.40
CA LEU C 225 -11.44 -14.72 6.57
C LEU C 225 -11.57 -16.21 6.33
N ARG C 226 -12.72 -16.79 6.68
CA ARG C 226 -12.91 -18.23 6.50
C ARG C 226 -13.09 -18.57 5.03
N THR C 227 -13.91 -17.80 4.31
CA THR C 227 -14.21 -18.12 2.92
C THR C 227 -13.00 -17.90 2.02
N LEU C 228 -12.30 -16.78 2.19
CA LEU C 228 -11.17 -16.46 1.34
C LEU C 228 -9.84 -16.97 1.88
N GLY C 229 -9.84 -17.57 3.07
CA GLY C 229 -8.60 -18.07 3.63
C GLY C 229 -7.66 -17.00 4.11
N TYR C 230 -8.15 -15.79 4.36
CA TYR C 230 -7.29 -14.69 4.77
C TYR C 230 -6.92 -14.81 6.24
N ALA C 231 -5.64 -14.69 6.54
CA ALA C 231 -5.23 -14.44 7.91
C ALA C 231 -5.52 -12.97 8.25
N THR C 232 -5.47 -12.67 9.55
CA THR C 232 -5.62 -11.28 9.98
C THR C 232 -4.53 -10.40 9.36
N GLU C 233 -3.31 -10.93 9.25
CA GLU C 233 -2.23 -10.19 8.61
C GLU C 233 -2.49 -9.99 7.12
N ASP C 234 -2.94 -11.04 6.44
CA ASP C 234 -3.16 -10.95 4.99
C ASP C 234 -4.24 -9.93 4.67
N PHE C 235 -5.33 -9.93 5.44
CA PHE C 235 -6.40 -8.96 5.20
C PHE C 235 -5.92 -7.53 5.42
N ASP C 236 -5.12 -7.31 6.45
CA ASP C 236 -4.59 -5.97 6.70
C ASP C 236 -3.66 -5.53 5.56
N ASP C 237 -2.84 -6.45 5.05
CA ASP C 237 -1.94 -6.10 3.96
C ASP C 237 -2.71 -5.73 2.69
N LEU C 238 -3.79 -6.45 2.41
CA LEU C 238 -4.60 -6.14 1.23
C LEU C 238 -5.27 -4.79 1.36
N LEU C 239 -5.82 -4.48 2.54
CA LEU C 239 -6.56 -3.24 2.72
C LEU C 239 -5.66 -2.03 2.58
N GLU C 240 -4.45 -2.09 3.15
CA GLU C 240 -3.57 -0.93 3.09
C GLU C 240 -2.84 -0.84 1.76
N SER C 241 -2.87 -1.91 0.97
CA SER C 241 -2.33 -1.87 -0.38
C SER C 241 -3.38 -1.59 -1.43
N ASP C 242 -4.65 -1.44 -1.04
CA ASP C 242 -5.75 -1.16 -1.96
C ASP C 242 -5.85 -2.21 -3.06
N SER C 243 -5.80 -3.49 -2.69
CA SER C 243 -5.75 -4.57 -3.67
C SER C 243 -7.10 -5.22 -3.92
N ILE C 244 -8.05 -5.10 -3.01
CA ILE C 244 -9.40 -5.62 -3.24
C ILE C 244 -10.10 -4.63 -4.16
N THR C 245 -10.17 -4.96 -5.44
CA THR C 245 -10.65 -4.05 -6.47
C THR C 245 -11.91 -4.61 -7.10
N GLY C 246 -12.85 -3.71 -7.41
CA GLY C 246 -14.07 -4.10 -8.09
C GLY C 246 -14.14 -3.55 -9.51
N GLN C 247 -14.98 -4.16 -10.31
CA GLN C 247 -15.19 -3.76 -11.70
C GLN C 247 -16.67 -3.81 -12.02
N ILE C 248 -17.20 -2.75 -12.64
CA ILE C 248 -18.60 -2.73 -13.02
C ILE C 248 -18.77 -3.59 -14.26
N ILE C 249 -19.55 -4.66 -14.15
CA ILE C 249 -19.72 -5.61 -15.23
C ILE C 249 -21.12 -5.63 -15.82
N TYR C 250 -22.02 -4.79 -15.33
CA TYR C 250 -23.37 -4.73 -15.87
C TYR C 250 -24.05 -3.45 -15.43
N VAL C 251 -24.69 -2.77 -16.38
CA VAL C 251 -25.50 -1.59 -16.12
C VAL C 251 -26.82 -1.75 -16.86
N ASP C 252 -27.92 -1.68 -16.12
CA ASP C 252 -29.26 -1.81 -16.69
C ASP C 252 -29.98 -0.49 -16.51
N LEU C 253 -30.54 0.05 -17.60
CA LEU C 253 -31.23 1.33 -17.57
C LEU C 253 -32.75 1.19 -17.56
N SER C 254 -33.29 0.03 -17.91
CA SER C 254 -34.72 -0.20 -17.77
C SER C 254 -35.10 -0.48 -16.33
N SER C 255 -34.37 -1.37 -15.68
CA SER C 255 -34.44 -1.56 -14.23
C SER C 255 -33.07 -1.17 -13.67
N TYR C 256 -33.01 -0.04 -12.99
CA TYR C 256 -31.73 0.57 -12.62
C TYR C 256 -31.04 -0.28 -11.58
N TYR C 257 -30.04 -1.05 -12.02
CA TYR C 257 -29.15 -1.75 -11.11
C TYR C 257 -27.83 -2.00 -11.81
N ILE C 258 -26.78 -2.16 -11.02
CA ILE C 258 -25.44 -2.44 -11.53
C ILE C 258 -24.85 -3.57 -10.72
N ILE C 259 -23.96 -4.32 -11.37
CA ILE C 259 -23.26 -5.44 -10.76
C ILE C 259 -21.77 -5.13 -10.72
N VAL C 260 -21.19 -5.14 -9.52
CA VAL C 260 -19.77 -4.86 -9.33
C VAL C 260 -19.08 -6.17 -9.02
N ARG C 261 -18.13 -6.53 -9.87
CA ARG C 261 -17.37 -7.77 -9.72
C ARG C 261 -16.20 -7.49 -8.77
N VAL C 262 -16.32 -7.96 -7.53
CA VAL C 262 -15.29 -7.74 -6.52
C VAL C 262 -14.25 -8.84 -6.65
N TYR C 263 -13.02 -8.45 -6.96
CA TYR C 263 -11.91 -9.39 -7.05
C TYR C 263 -11.22 -9.43 -5.70
N PHE C 264 -11.21 -10.60 -5.07
CA PHE C 264 -10.56 -10.77 -3.78
C PHE C 264 -9.23 -11.48 -4.02
N PRO C 265 -8.09 -10.79 -3.94
CA PRO C 265 -6.81 -11.43 -4.24
C PRO C 265 -6.43 -12.45 -3.18
N ILE C 266 -5.86 -13.56 -3.62
CA ILE C 266 -5.43 -14.63 -2.73
C ILE C 266 -3.92 -14.50 -2.54
N LEU C 267 -3.50 -14.26 -1.30
CA LEU C 267 -2.05 -14.06 -1.03
C LEU C 267 -1.38 -15.40 -0.72
N THR C 268 -0.07 -15.50 -0.95
CA THR C 268 0.68 -16.75 -0.64
C THR C 268 1.95 -16.39 0.14
N GLU C 269 1.79 -16.01 1.41
CA GLU C 269 2.97 -15.69 2.26
C GLU C 269 3.86 -16.93 2.36
N ILE C 270 5.14 -16.80 2.01
CA ILE C 270 6.09 -17.95 2.09
C ILE C 270 6.25 -18.33 3.56
N GLN C 271 6.47 -19.61 3.85
CA GLN C 271 6.55 -20.06 5.28
C GLN C 271 7.65 -19.29 6.01
N GLN C 272 8.83 -19.13 5.39
CA GLN C 272 9.95 -18.49 6.12
C GLN C 272 10.75 -17.57 5.19
N ALA C 273 10.11 -16.99 4.16
CA ALA C 273 10.82 -16.04 3.31
C ALA C 273 10.58 -14.63 3.85
N TYR C 274 11.66 -13.88 4.03
CA TYR C 274 11.61 -12.50 4.51
C TYR C 274 12.32 -11.59 3.53
N ILE C 275 11.74 -10.43 3.29
CA ILE C 275 12.37 -9.41 2.45
C ILE C 275 13.17 -8.47 3.35
N GLN C 276 14.49 -8.52 3.23
CA GLN C 276 15.38 -7.71 4.06
C GLN C 276 15.82 -6.49 3.27
N GLU C 277 15.47 -5.30 3.78
CA GLU C 277 15.86 -4.06 3.13
C GLU C 277 17.22 -3.61 3.64
N LEU C 278 18.19 -3.49 2.74
CA LEU C 278 19.53 -3.06 3.08
C LEU C 278 19.73 -1.62 2.62
N LEU C 279 20.12 -0.74 3.54
CA LEU C 279 20.33 0.68 3.27
C LEU C 279 21.81 1.01 3.41
N PRO C 280 22.54 1.10 2.31
CA PRO C 280 23.94 1.49 2.40
C PRO C 280 24.09 2.92 2.92
N VAL C 281 25.09 3.12 3.77
CA VAL C 281 25.44 4.43 4.30
C VAL C 281 26.96 4.54 4.30
N SER C 282 27.45 5.72 3.91
CA SER C 282 28.89 5.93 3.82
C SER C 282 29.55 5.78 5.19
N PHE C 283 30.75 5.22 5.17
CA PHE C 283 31.54 5.01 6.38
C PHE C 283 32.97 5.46 6.11
N ASN C 284 33.66 5.85 7.16
CA ASN C 284 35.03 6.35 7.06
C ASN C 284 36.01 5.25 7.47
N ASN C 285 37.01 5.01 6.63
CA ASN C 285 38.04 4.02 6.91
C ASN C 285 39.30 4.41 6.17
N ASP C 286 40.45 4.26 6.84
CA ASP C 286 41.75 4.61 6.28
C ASP C 286 41.80 6.07 5.83
N ASN C 287 41.19 6.96 6.62
CA ASN C 287 41.14 8.39 6.34
C ASN C 287 40.50 8.69 4.99
N SER C 288 39.54 7.86 4.59
CA SER C 288 38.79 8.07 3.36
C SER C 288 37.38 7.54 3.56
N GLU C 289 36.45 8.03 2.74
CA GLU C 289 35.05 7.68 2.86
C GLU C 289 34.68 6.67 1.77
N TRP C 290 33.98 5.61 2.17
CA TRP C 290 33.61 4.53 1.28
C TRP C 290 32.11 4.27 1.40
N ILE C 291 31.55 3.72 0.33
CA ILE C 291 30.16 3.27 0.31
C ILE C 291 30.12 1.85 -0.22
N SER C 292 29.36 1.00 0.46
CA SER C 292 29.21 -0.39 0.07
C SER C 292 28.07 -0.54 -0.93
N ILE C 293 28.36 -1.18 -2.07
CA ILE C 293 27.38 -1.36 -3.14
C ILE C 293 26.74 -2.72 -2.92
N VAL C 294 25.51 -2.71 -2.41
CA VAL C 294 24.75 -3.93 -2.17
C VAL C 294 23.31 -3.71 -2.60
N PRO C 295 22.60 -4.79 -2.94
CA PRO C 295 21.18 -4.66 -3.29
C PRO C 295 20.39 -4.04 -2.15
N ASN C 296 19.45 -3.17 -2.52
CA ASN C 296 18.59 -2.54 -1.52
C ASN C 296 17.66 -3.54 -0.86
N PHE C 297 17.18 -4.54 -1.59
CA PHE C 297 16.28 -5.55 -1.05
C PHE C 297 16.88 -6.93 -1.29
N ILE C 298 16.88 -7.76 -0.25
CA ILE C 298 17.39 -9.12 -0.33
C ILE C 298 16.36 -10.05 0.25
N LEU C 299 16.24 -11.24 -0.34
CA LEU C 299 15.29 -12.24 0.11
C LEU C 299 16.02 -13.33 0.88
N VAL C 300 15.59 -13.59 2.11
CA VAL C 300 16.18 -14.60 2.97
C VAL C 300 15.09 -15.59 3.37
N ARG C 301 15.36 -16.87 3.16
CA ARG C 301 14.43 -17.94 3.54
C ARG C 301 15.26 -19.08 4.11
N ASN C 302 15.23 -19.24 5.43
CA ASN C 302 16.10 -20.18 6.14
C ASN C 302 17.54 -19.83 5.75
N THR C 303 18.35 -20.79 5.31
CA THR C 303 19.70 -20.47 4.86
C THR C 303 19.74 -19.98 3.41
N LEU C 304 18.59 -19.89 2.75
CA LEU C 304 18.57 -19.48 1.34
C LEU C 304 18.51 -17.96 1.24
N ILE C 305 19.43 -17.39 0.47
CA ILE C 305 19.46 -15.95 0.21
C ILE C 305 19.37 -15.73 -1.29
N SER C 306 18.52 -14.78 -1.69
CA SER C 306 18.29 -14.53 -3.10
C SER C 306 17.98 -13.06 -3.33
N ASN C 307 18.36 -12.57 -4.51
CA ASN C 307 17.99 -11.23 -4.94
C ASN C 307 16.51 -11.18 -5.30
N ILE C 308 15.93 -9.99 -5.25
CA ILE C 308 14.55 -9.78 -5.65
C ILE C 308 14.40 -8.37 -6.23
N GLU C 309 13.56 -8.25 -7.25
CA GLU C 309 13.29 -6.97 -7.90
C GLU C 309 11.84 -6.58 -7.58
N ILE C 310 11.69 -5.79 -6.52
CA ILE C 310 10.37 -5.47 -5.99
C ILE C 310 9.70 -4.31 -6.72
N GLY C 311 10.30 -3.83 -7.81
CA GLY C 311 9.75 -2.69 -8.53
C GLY C 311 8.32 -2.89 -9.00
N PHE C 312 7.87 -4.14 -9.14
CA PHE C 312 6.52 -4.42 -9.60
C PHE C 312 5.58 -4.82 -8.47
N CYS C 313 6.11 -5.27 -7.34
CA CYS C 313 5.28 -5.68 -6.21
C CYS C 313 4.81 -4.48 -5.40
N LEU C 314 3.94 -4.77 -4.42
CA LEU C 314 3.35 -3.78 -3.55
C LEU C 314 4.02 -3.83 -2.20
N ILE C 315 4.47 -2.67 -1.70
CA ILE C 315 5.10 -2.62 -0.39
C ILE C 315 4.03 -2.39 0.68
N THR C 316 3.99 -3.28 1.65
CA THR C 316 3.11 -3.17 2.80
C THR C 316 3.98 -3.17 4.05
N LYS C 317 3.50 -2.51 5.10
CA LYS C 317 4.28 -2.38 6.32
C LYS C 317 4.71 -3.73 6.88
N ARG C 318 3.92 -4.78 6.63
CA ARG C 318 4.22 -6.10 7.15
C ARG C 318 4.58 -7.12 6.07
N SER C 319 4.42 -6.79 4.79
CA SER C 319 4.61 -7.80 3.76
C SER C 319 4.94 -7.16 2.43
N VAL C 320 5.37 -8.00 1.49
CA VAL C 320 5.61 -7.60 0.10
C VAL C 320 4.73 -8.47 -0.78
N ILE C 321 3.78 -7.84 -1.47
CA ILE C 321 2.80 -8.55 -2.29
C ILE C 321 3.33 -8.53 -3.73
N CYS C 322 3.94 -9.63 -4.15
CA CYS C 322 4.42 -9.79 -5.51
C CYS C 322 3.42 -10.63 -6.29
N ASN C 323 3.04 -10.17 -7.49
CA ASN C 323 2.11 -10.93 -8.30
C ASN C 323 2.67 -12.30 -8.65
N GLN C 324 3.99 -12.43 -8.69
CA GLN C 324 4.64 -13.70 -8.91
C GLN C 324 6.05 -13.62 -8.35
N ASP C 325 6.67 -14.78 -8.15
CA ASP C 325 7.97 -14.85 -7.49
C ASP C 325 9.04 -14.25 -8.40
N TYR C 326 9.65 -13.16 -7.97
CA TYR C 326 10.77 -12.54 -8.66
C TYR C 326 12.11 -12.87 -8.02
N ALA C 327 12.18 -13.95 -7.25
CA ALA C 327 13.45 -14.35 -6.66
C ALA C 327 14.44 -14.73 -7.74
N THR C 328 15.72 -14.40 -7.52
CA THR C 328 16.77 -14.65 -8.48
C THR C 328 17.96 -15.25 -7.75
N PRO C 329 18.69 -16.17 -8.39
CA PRO C 329 19.89 -16.71 -7.75
C PRO C 329 20.90 -15.62 -7.44
N MET C 330 21.58 -15.76 -6.31
CA MET C 330 22.46 -14.74 -5.76
C MET C 330 23.91 -15.22 -5.83
N THR C 331 24.80 -14.31 -6.22
CA THR C 331 26.20 -14.67 -6.43
C THR C 331 26.83 -15.15 -5.12
N ASN C 332 27.69 -16.16 -5.22
CA ASN C 332 28.36 -16.70 -4.05
C ASN C 332 29.13 -15.63 -3.30
N ASN C 333 29.77 -14.71 -4.03
CA ASN C 333 30.49 -13.62 -3.38
C ASN C 333 29.55 -12.73 -2.59
N MET C 334 28.37 -12.43 -3.15
CA MET C 334 27.40 -11.61 -2.44
C MET C 334 26.83 -12.36 -1.23
N ARG C 335 26.59 -13.66 -1.38
CA ARG C 335 26.13 -14.46 -0.24
C ARG C 335 27.21 -14.55 0.83
N GLU C 336 28.47 -14.66 0.43
CA GLU C 336 29.56 -14.75 1.39
C GLU C 336 29.64 -13.51 2.27
N CYS C 337 29.53 -12.32 1.66
CA CYS C 337 29.62 -11.09 2.43
C CYS C 337 28.41 -10.93 3.34
N LEU C 338 27.21 -11.17 2.82
CA LEU C 338 26.02 -11.01 3.64
C LEU C 338 25.94 -12.08 4.72
N THR C 339 26.56 -13.25 4.50
CA THR C 339 26.66 -14.25 5.55
C THR C 339 27.56 -13.79 6.68
N GLY C 340 28.50 -12.89 6.41
CA GLY C 340 29.38 -12.39 7.45
C GLY C 340 30.79 -12.08 6.99
N SER C 341 31.19 -12.60 5.83
CA SER C 341 32.51 -12.29 5.29
C SER C 341 32.50 -10.90 4.67
N THR C 342 32.48 -9.87 5.51
CA THR C 342 32.27 -8.51 5.05
C THR C 342 33.45 -7.96 4.25
N GLU C 343 34.57 -8.68 4.22
CA GLU C 343 35.76 -8.15 3.55
C GLU C 343 35.62 -8.11 2.04
N LYS C 344 34.62 -8.76 1.47
CA LYS C 344 34.52 -8.87 0.02
C LYS C 344 33.22 -8.31 -0.54
N CYS C 345 32.57 -7.38 0.16
CA CYS C 345 31.45 -6.67 -0.43
C CYS C 345 31.97 -5.60 -1.39
N PRO C 346 31.23 -5.28 -2.45
CA PRO C 346 31.64 -4.17 -3.32
C PRO C 346 31.65 -2.86 -2.55
N ARG C 347 32.70 -2.07 -2.77
CA ARG C 347 32.80 -0.76 -2.14
C ARG C 347 33.49 0.19 -3.10
N GLU C 348 33.02 1.44 -3.10
CA GLU C 348 33.53 2.47 -3.99
C GLU C 348 33.85 3.72 -3.20
N LEU C 349 34.96 4.36 -3.52
CA LEU C 349 35.31 5.62 -2.89
C LEU C 349 34.31 6.70 -3.32
N VAL C 350 33.92 7.56 -2.36
CA VAL C 350 32.84 8.51 -2.61
C VAL C 350 33.29 9.79 -3.28
N VAL C 351 34.56 9.88 -3.69
CA VAL C 351 35.06 11.11 -4.29
C VAL C 351 34.33 11.38 -5.59
N SER C 352 34.17 12.67 -5.91
CA SER C 352 33.49 13.15 -7.11
C SER C 352 32.11 12.53 -7.29
N SER C 353 31.42 12.22 -6.19
CA SER C 353 30.10 11.62 -6.25
C SER C 353 29.33 11.92 -4.96
N HIS C 354 28.01 11.74 -5.04
CA HIS C 354 27.15 11.85 -3.88
C HIS C 354 26.73 10.46 -3.41
N VAL C 355 26.82 10.24 -2.11
CA VAL C 355 26.46 8.98 -1.49
C VAL C 355 25.57 9.24 -0.28
N PRO C 356 24.70 8.31 0.10
CA PRO C 356 23.85 8.54 1.28
C PRO C 356 24.62 8.45 2.58
N ARG C 357 24.59 9.53 3.36
CA ARG C 357 25.21 9.56 4.67
C ARG C 357 24.19 9.41 5.79
N PHE C 358 22.94 9.09 5.46
CA PHE C 358 21.90 8.93 6.46
C PHE C 358 20.87 7.93 5.96
N ALA C 359 20.39 7.10 6.87
CA ALA C 359 19.35 6.12 6.58
C ALA C 359 18.30 6.18 7.67
N LEU C 360 17.04 5.99 7.28
CA LEU C 360 15.91 6.01 8.19
C LEU C 360 15.32 4.61 8.25
N SER C 361 15.40 3.97 9.42
CA SER C 361 14.90 2.62 9.63
C SER C 361 13.86 2.66 10.74
N ASN C 362 12.58 2.61 10.35
CA ASN C 362 11.43 2.62 11.24
C ASN C 362 11.59 3.59 12.42
N GLY C 363 11.84 4.86 12.12
CA GLY C 363 11.97 5.87 13.14
C GLY C 363 13.36 6.01 13.74
N VAL C 364 14.34 5.29 13.21
CA VAL C 364 15.71 5.33 13.73
C VAL C 364 16.61 5.84 12.62
N LEU C 365 17.39 6.87 12.94
CA LEU C 365 18.26 7.53 11.97
C LEU C 365 19.70 7.09 12.21
N PHE C 366 20.32 6.52 11.18
CA PHE C 366 21.73 6.17 11.21
C PHE C 366 22.52 7.19 10.42
N ALA C 367 23.52 7.79 11.06
CA ALA C 367 24.24 8.91 10.48
C ALA C 367 25.73 8.64 10.45
N ASN C 368 26.38 9.11 9.39
CA ASN C 368 27.84 9.11 9.30
C ASN C 368 28.30 10.45 9.87
N CYS C 369 28.53 10.48 11.19
CA CYS C 369 28.86 11.71 11.89
C CYS C 369 30.37 11.98 11.87
N ILE C 370 31.14 11.20 11.14
CA ILE C 370 32.58 11.44 11.02
C ILE C 370 32.89 12.36 9.85
N SER C 371 32.44 11.98 8.65
CA SER C 371 32.67 12.81 7.46
C SER C 371 31.96 14.15 7.57
N VAL C 372 30.72 14.16 8.05
CA VAL C 372 29.94 15.37 8.20
C VAL C 372 29.56 15.54 9.66
N THR C 373 29.61 16.77 10.15
CA THR C 373 29.28 17.03 11.55
C THR C 373 27.77 17.01 11.74
N CYS C 374 27.31 16.19 12.69
CA CYS C 374 25.88 16.01 12.95
C CYS C 374 25.52 16.65 14.28
N GLN C 375 24.43 17.42 14.26
CA GLN C 375 24.00 18.16 15.43
C GLN C 375 22.50 17.99 15.61
N CYS C 376 21.97 18.59 16.67
CA CYS C 376 20.54 18.64 16.93
C CYS C 376 20.02 20.04 16.66
N GLN C 377 18.94 20.15 15.89
CA GLN C 377 18.37 21.44 15.55
C GLN C 377 17.62 22.07 16.72
N THR C 378 17.12 21.27 17.65
CA THR C 378 16.41 21.82 18.80
C THR C 378 17.36 22.30 19.89
N THR C 379 18.63 21.90 19.83
CA THR C 379 19.59 22.27 20.86
C THR C 379 20.84 22.93 20.33
N GLY C 380 21.39 22.50 19.20
CA GLY C 380 22.53 23.16 18.61
C GLY C 380 23.88 22.61 19.02
N ARG C 381 23.94 21.46 19.68
CA ARG C 381 25.20 20.83 20.04
C ARG C 381 25.37 19.54 19.25
N ALA C 382 26.63 19.10 19.14
CA ALA C 382 26.93 17.85 18.47
C ALA C 382 26.42 16.67 19.28
N ILE C 383 26.44 15.50 18.66
CA ILE C 383 25.98 14.26 19.30
C ILE C 383 27.20 13.37 19.54
N SER C 384 27.29 12.82 20.75
CA SER C 384 28.43 12.00 21.13
C SER C 384 28.49 10.73 20.31
N GLN C 385 29.69 10.36 19.86
CA GLN C 385 29.94 9.13 19.13
C GLN C 385 31.06 8.36 19.79
N SER C 386 30.79 7.09 20.10
CA SER C 386 31.83 6.20 20.60
C SER C 386 32.62 5.64 19.42
N GLY C 387 33.93 5.43 19.64
CA GLY C 387 34.78 4.91 18.58
C GLY C 387 34.43 3.50 18.14
N GLU C 388 33.71 2.76 18.97
CA GLU C 388 33.34 1.39 18.62
C GLU C 388 32.32 1.35 17.49
N GLN C 389 31.51 2.39 17.35
CA GLN C 389 30.46 2.43 16.34
C GLN C 389 30.92 3.27 15.15
N THR C 390 30.86 2.68 13.96
CA THR C 390 31.21 3.42 12.75
C THR C 390 30.03 4.22 12.21
N LEU C 391 28.82 3.93 12.69
CA LEU C 391 27.62 4.69 12.37
C LEU C 391 26.96 5.14 13.66
N LEU C 392 26.28 6.28 13.61
CA LEU C 392 25.70 6.90 14.79
C LEU C 392 24.18 6.81 14.73
N MET C 393 23.57 6.51 15.87
CA MET C 393 22.14 6.24 15.96
C MET C 393 21.43 7.39 16.65
N ILE C 394 20.33 7.85 16.05
CA ILE C 394 19.48 8.89 16.63
C ILE C 394 18.04 8.41 16.58
N ASP C 395 17.26 8.80 17.59
CA ASP C 395 15.84 8.50 17.64
C ASP C 395 15.10 9.72 18.17
N ASN C 396 13.77 9.66 18.12
CA ASN C 396 12.97 10.76 18.65
C ASN C 396 13.17 10.91 20.16
N THR C 397 13.71 9.88 20.81
CA THR C 397 14.01 9.97 22.23
C THR C 397 15.10 11.00 22.51
N THR C 398 16.12 11.05 21.65
CA THR C 398 17.24 11.97 21.83
C THR C 398 17.05 13.28 21.07
N CYS C 399 16.71 13.20 19.77
CA CYS C 399 16.51 14.36 18.93
C CYS C 399 15.21 14.22 18.16
N PRO C 400 14.35 15.23 18.17
CA PRO C 400 13.15 15.20 17.31
C PRO C 400 13.46 15.67 15.91
N THR C 401 14.57 16.40 15.75
CA THR C 401 15.07 16.84 14.46
C THR C 401 16.58 17.03 14.56
N ALA C 402 17.30 16.44 13.61
CA ALA C 402 18.75 16.42 13.64
C ALA C 402 19.31 16.96 12.33
N VAL C 403 20.25 17.90 12.42
CA VAL C 403 20.95 18.41 11.25
C VAL C 403 22.20 17.57 11.05
N LEU C 404 22.43 17.14 9.81
CA LEU C 404 23.56 16.29 9.44
C LEU C 404 24.34 17.01 8.36
N GLY C 405 25.42 17.67 8.75
CA GLY C 405 26.08 18.59 7.85
C GLY C 405 25.20 19.79 7.62
N ASN C 406 24.61 19.90 6.44
CA ASN C 406 23.59 20.89 6.17
C ASN C 406 22.21 20.26 5.94
N VAL C 407 22.10 18.93 6.10
CA VAL C 407 20.86 18.21 5.85
C VAL C 407 20.05 18.20 7.13
N ILE C 408 18.88 18.85 7.11
CA ILE C 408 18.02 18.94 8.28
C ILE C 408 17.02 17.79 8.29
N ILE C 409 17.41 16.66 8.87
CA ILE C 409 16.52 15.51 8.97
C ILE C 409 15.66 15.64 10.22
N SER C 410 14.37 15.36 10.07
CA SER C 410 13.42 15.42 11.18
C SER C 410 12.90 14.03 11.47
N LEU C 411 12.53 13.81 12.73
CA LEU C 411 12.02 12.53 13.18
C LEU C 411 10.58 12.68 13.65
N GLY C 412 10.07 11.61 14.25
CA GLY C 412 8.64 11.52 14.53
C GLY C 412 8.13 12.39 15.65
N LYS C 413 8.16 13.70 15.46
CA LYS C 413 7.48 14.60 16.38
C LYS C 413 5.97 14.47 16.20
N TYR C 414 5.24 14.49 17.32
CA TYR C 414 3.79 14.35 17.30
C TYR C 414 3.15 15.64 17.82
N LEU C 415 2.28 16.24 17.02
CA LEU C 415 1.56 17.43 17.42
C LEU C 415 0.20 17.06 17.98
N GLY C 416 -0.42 18.01 18.68
CA GLY C 416 -1.65 17.74 19.40
C GLY C 416 -2.82 17.48 18.46
N SER C 417 -3.94 17.09 19.06
CA SER C 417 -5.13 16.80 18.30
C SER C 417 -5.89 18.08 17.97
N VAL C 418 -6.89 17.95 17.10
CA VAL C 418 -7.74 19.05 16.70
C VAL C 418 -9.13 18.52 16.40
N ASN C 419 -10.13 19.38 16.59
CA ASN C 419 -11.50 19.01 16.26
C ASN C 419 -11.76 19.16 14.77
N TYR C 420 -12.85 18.58 14.31
CA TYR C 420 -13.22 18.66 12.89
C TYR C 420 -13.64 20.07 12.50
N ASN C 421 -13.94 20.93 13.47
CA ASN C 421 -14.40 22.30 13.22
C ASN C 421 -15.70 22.30 12.40
N SER C 422 -16.70 21.63 12.95
CA SER C 422 -17.98 21.48 12.25
C SER C 422 -18.74 22.80 12.22
N GLU C 423 -19.65 22.90 11.25
CA GLU C 423 -20.56 24.03 11.20
C GLU C 423 -21.59 24.00 12.32
N GLY C 424 -21.80 22.84 12.94
CA GLY C 424 -22.81 22.71 13.97
C GLY C 424 -24.22 22.87 13.48
N ILE C 425 -24.56 22.26 12.34
CA ILE C 425 -25.91 22.38 11.79
C ILE C 425 -26.88 21.59 12.65
N ALA C 426 -27.97 22.24 13.06
CA ALA C 426 -28.98 21.60 13.89
C ALA C 426 -30.35 22.21 13.63
N ALA D 1 38.03 19.89 35.28
CA ALA D 1 37.57 21.24 35.58
C ALA D 1 37.78 21.56 37.05
N VAL D 2 38.17 22.80 37.34
CA VAL D 2 38.47 23.21 38.71
C VAL D 2 37.64 24.43 39.09
N GLN D 3 37.74 25.51 38.31
CA GLN D 3 37.14 26.77 38.71
C GLN D 3 36.70 27.54 37.49
N LEU D 4 35.77 28.47 37.71
CA LEU D 4 35.27 29.38 36.68
C LEU D 4 35.18 30.80 37.23
N GLN D 5 36.26 31.26 37.85
CA GLN D 5 36.27 32.57 38.49
C GLN D 5 36.01 33.68 37.49
N GLN D 6 35.30 34.71 37.94
CA GLN D 6 34.94 35.85 37.10
C GLN D 6 35.59 37.13 37.63
N SER D 7 35.42 38.20 36.87
CA SER D 7 35.98 39.49 37.25
C SER D 7 35.13 40.15 38.33
N GLY D 8 35.63 41.28 38.85
CA GLY D 8 34.91 41.99 39.89
C GLY D 8 33.65 42.65 39.38
N ALA D 9 32.77 42.97 40.31
CA ALA D 9 31.51 43.61 39.97
C ALA D 9 31.73 45.06 39.51
N GLU D 10 30.67 45.67 39.00
CA GLU D 10 30.77 47.01 38.45
C GLU D 10 29.41 47.68 38.48
N LEU D 11 29.41 49.00 38.37
CA LEU D 11 28.20 49.79 38.28
C LEU D 11 28.28 50.67 37.04
N MET D 12 27.26 50.59 36.19
CA MET D 12 27.27 51.26 34.90
C MET D 12 25.99 52.08 34.74
N ARG D 13 26.07 53.09 33.88
CA ARG D 13 24.92 53.92 33.56
C ARG D 13 24.02 53.22 32.56
N PRO D 14 22.73 53.56 32.54
CA PRO D 14 21.82 52.96 31.55
C PRO D 14 22.26 53.29 30.12
N GLY D 15 22.08 52.32 29.23
CA GLY D 15 22.43 52.48 27.83
C GLY D 15 23.88 52.21 27.49
N ALA D 16 24.70 51.83 28.47
CA ALA D 16 26.11 51.57 28.21
C ALA D 16 26.33 50.11 27.82
N SER D 17 27.60 49.75 27.66
CA SER D 17 28.03 48.39 27.37
C SER D 17 29.10 47.98 28.37
N MET D 18 29.14 46.70 28.71
CA MET D 18 30.04 46.20 29.74
C MET D 18 30.42 44.77 29.38
N LYS D 19 31.67 44.41 29.69
CA LYS D 19 32.28 43.19 29.18
C LYS D 19 32.53 42.21 30.31
N ILE D 20 31.67 41.19 30.42
CA ILE D 20 31.72 40.21 31.48
C ILE D 20 32.71 39.11 31.09
N SER D 21 33.52 38.67 32.05
CA SER D 21 34.52 37.65 31.81
C SER D 21 34.35 36.49 32.78
N CYS D 22 34.84 35.31 32.38
CA CYS D 22 34.83 34.11 33.21
C CYS D 22 36.07 33.27 32.88
N LYS D 23 37.13 33.45 33.67
CA LYS D 23 38.34 32.67 33.51
C LYS D 23 38.15 31.27 34.09
N ALA D 24 38.48 30.25 33.29
CA ALA D 24 38.30 28.86 33.68
C ALA D 24 39.56 28.06 33.37
N THR D 25 39.93 27.17 34.28
CA THR D 25 41.11 26.32 34.12
C THR D 25 40.78 24.92 34.60
N GLY D 26 41.81 24.07 34.60
CA GLY D 26 41.69 22.72 35.11
C GLY D 26 41.17 21.69 34.13
N TYR D 27 40.97 22.05 32.87
CA TYR D 27 40.47 21.12 31.87
C TYR D 27 40.78 21.67 30.49
N THR D 28 40.57 20.83 29.48
CA THR D 28 40.72 21.26 28.09
C THR D 28 39.66 22.30 27.80
N PHE D 29 40.07 23.57 27.70
CA PHE D 29 39.12 24.66 27.72
C PHE D 29 38.25 24.69 26.47
N SER D 30 38.78 24.22 25.33
CA SER D 30 38.04 24.31 24.08
C SER D 30 36.92 23.27 24.01
N SER D 31 37.02 22.18 24.76
CA SER D 31 36.09 21.07 24.59
C SER D 31 34.69 21.38 25.12
N TYR D 32 34.60 21.96 26.31
CA TYR D 32 33.33 22.08 27.02
C TYR D 32 32.71 23.45 26.77
N TRP D 33 31.41 23.46 26.46
CA TRP D 33 30.69 24.71 26.27
C TRP D 33 30.65 25.51 27.57
N ILE D 34 30.70 26.84 27.43
CA ILE D 34 30.59 27.75 28.56
C ILE D 34 29.21 28.40 28.50
N ASP D 35 28.44 28.23 29.57
CA ASP D 35 27.07 28.73 29.62
C ASP D 35 27.00 30.00 30.45
N TRP D 36 26.03 30.85 30.12
CA TRP D 36 25.89 32.19 30.66
C TRP D 36 24.47 32.36 31.19
N VAL D 37 24.35 32.53 32.51
CA VAL D 37 23.06 32.46 33.19
C VAL D 37 22.87 33.70 34.05
N LYS D 38 21.70 34.32 33.92
CA LYS D 38 21.31 35.50 34.69
C LYS D 38 20.35 35.11 35.81
N GLN D 39 20.48 35.80 36.94
CA GLN D 39 19.63 35.56 38.11
C GLN D 39 19.02 36.88 38.59
N ARG D 40 17.76 37.11 38.26
CA ARG D 40 17.01 38.18 38.90
C ARG D 40 16.30 37.62 40.14
N PRO D 41 16.46 38.25 41.31
CA PRO D 41 15.83 37.70 42.52
C PRO D 41 14.32 37.66 42.47
N GLY D 42 13.68 38.45 41.61
CA GLY D 42 12.23 38.47 41.56
C GLY D 42 11.61 37.27 40.88
N HIS D 43 12.33 36.62 39.96
CA HIS D 43 11.77 35.49 39.21
C HIS D 43 12.68 34.28 39.10
N GLY D 44 13.98 34.39 39.38
CA GLY D 44 14.85 33.24 39.36
C GLY D 44 15.83 33.26 38.20
N LEU D 45 16.55 32.15 38.08
CA LEU D 45 17.59 32.04 37.06
C LEU D 45 17.01 32.05 35.67
N GLU D 46 17.74 32.65 34.74
CA GLU D 46 17.37 32.65 33.33
C GLU D 46 18.61 32.34 32.49
N TRP D 47 18.42 31.56 31.44
CA TRP D 47 19.54 31.21 30.57
C TRP D 47 19.70 32.26 29.47
N ILE D 48 20.89 32.86 29.39
CA ILE D 48 21.17 33.87 28.37
C ILE D 48 21.62 33.21 27.07
N GLY D 49 22.70 32.45 27.11
CA GLY D 49 23.21 31.81 25.93
C GLY D 49 24.42 30.96 26.26
N GLU D 50 24.92 30.28 25.23
CA GLU D 50 26.06 29.39 25.35
C GLU D 50 27.07 29.70 24.25
N ILE D 51 28.34 29.49 24.57
CA ILE D 51 29.43 29.66 23.62
C ILE D 51 30.37 28.47 23.72
N LEU D 52 30.75 27.92 22.56
CA LEU D 52 31.68 26.81 22.53
C LEU D 52 33.08 27.36 22.32
N PRO D 53 34.00 27.21 23.29
CA PRO D 53 35.35 27.76 23.12
C PRO D 53 36.10 27.22 21.92
N GLY D 54 35.90 25.96 21.56
CA GLY D 54 36.62 25.38 20.43
C GLY D 54 36.24 25.93 19.08
N SER D 55 35.30 26.87 19.02
CA SER D 55 34.87 27.47 17.77
C SER D 55 34.25 28.82 18.09
N GLY D 56 33.53 29.38 17.13
CA GLY D 56 32.73 30.58 17.35
C GLY D 56 31.25 30.31 17.49
N ASP D 57 30.84 29.05 17.71
CA ASP D 57 29.43 28.71 17.77
C ASP D 57 28.79 29.30 19.02
N THR D 58 27.66 29.98 18.83
CA THR D 58 26.91 30.55 19.94
C THR D 58 25.42 30.27 19.72
N ASN D 59 24.72 30.09 20.83
CA ASN D 59 23.27 29.98 20.82
C ASN D 59 22.71 30.98 21.83
N TYR D 60 21.51 31.48 21.54
CA TYR D 60 20.99 32.63 22.27
C TYR D 60 19.55 32.38 22.69
N ASN D 61 19.19 32.95 23.85
CA ASN D 61 17.79 33.06 24.21
C ASN D 61 17.15 34.17 23.38
N GLU D 62 15.97 33.90 22.82
CA GLU D 62 15.37 34.83 21.88
C GLU D 62 15.05 36.17 22.52
N ASN D 63 14.60 36.18 23.78
CA ASN D 63 14.36 37.45 24.46
C ASN D 63 15.65 38.16 24.82
N PHE D 64 16.77 37.45 24.87
CA PHE D 64 18.07 38.05 25.14
C PHE D 64 18.95 38.17 23.90
N LYS D 65 18.38 38.00 22.70
CA LYS D 65 19.19 38.01 21.48
C LYS D 65 19.85 39.37 21.27
N GLY D 66 19.11 40.45 21.48
CA GLY D 66 19.64 41.78 21.20
C GLY D 66 20.45 42.41 22.31
N LYS D 67 20.70 41.68 23.40
CA LYS D 67 21.40 42.25 24.55
C LYS D 67 22.75 41.60 24.83
N ALA D 68 23.00 40.40 24.32
CA ALA D 68 24.20 39.65 24.67
C ALA D 68 25.06 39.41 23.44
N ALA D 69 26.37 39.33 23.65
CA ALA D 69 27.33 39.07 22.59
C ALA D 69 28.55 38.42 23.22
N PHE D 70 28.83 37.17 22.86
CA PHE D 70 29.88 36.43 23.54
C PHE D 70 31.17 36.47 22.72
N THR D 71 32.27 36.11 23.38
CA THR D 71 33.58 36.06 22.75
C THR D 71 34.48 35.17 23.60
N ALA D 72 35.27 34.33 22.92
CA ALA D 72 36.15 33.40 23.60
C ALA D 72 37.58 33.64 23.16
N ASP D 73 38.51 33.45 24.09
CA ASP D 73 39.95 33.61 23.84
C ASP D 73 40.63 32.33 24.34
N THR D 74 40.83 31.38 23.43
CA THR D 74 41.43 30.10 23.81
C THR D 74 42.87 30.25 24.26
N SER D 75 43.56 31.31 23.84
CA SER D 75 44.95 31.52 24.22
C SER D 75 45.12 31.78 25.71
N SER D 76 44.14 32.41 26.36
CA SER D 76 44.20 32.70 27.78
C SER D 76 43.17 31.93 28.59
N ASN D 77 42.46 30.98 27.99
CA ASN D 77 41.42 30.20 28.66
C ASN D 77 40.38 31.10 29.31
N THR D 78 39.97 32.16 28.61
CA THR D 78 39.04 33.14 29.14
C THR D 78 37.84 33.27 28.19
N ALA D 79 36.64 33.19 28.74
CA ALA D 79 35.42 33.45 28.00
C ALA D 79 34.86 34.81 28.37
N TYR D 80 34.15 35.42 27.44
CA TYR D 80 33.65 36.78 27.62
C TYR D 80 32.20 36.89 27.18
N MET D 81 31.46 37.76 27.85
CA MET D 81 30.15 38.21 27.40
C MET D 81 30.20 39.73 27.29
N GLN D 82 29.76 40.26 26.16
CA GLN D 82 29.65 41.70 25.97
C GLN D 82 28.18 42.07 25.89
N LEU D 83 27.66 42.66 26.97
CA LEU D 83 26.29 43.14 27.02
C LEU D 83 26.22 44.55 26.45
N THR D 84 25.29 44.76 25.53
CA THR D 84 25.13 46.04 24.85
C THR D 84 23.77 46.63 25.18
N SER D 85 23.72 47.96 25.24
CA SER D 85 22.50 48.69 25.59
C SER D 85 21.98 48.25 26.96
N LEU D 86 22.79 48.47 27.99
CA LEU D 86 22.40 48.10 29.34
C LEU D 86 21.18 48.90 29.79
N THR D 87 20.25 48.20 30.43
CA THR D 87 19.03 48.81 30.94
C THR D 87 18.96 48.57 32.45
N SER D 88 17.95 49.16 33.08
CA SER D 88 17.80 49.02 34.52
C SER D 88 17.56 47.57 34.94
N GLU D 89 16.96 46.77 34.05
CA GLU D 89 16.71 45.36 34.37
C GLU D 89 18.00 44.56 34.49
N ASP D 90 19.10 45.04 33.92
CA ASP D 90 20.39 44.36 34.01
C ASP D 90 21.16 44.72 35.27
N SER D 91 20.47 45.23 36.30
CA SER D 91 21.10 45.52 37.59
C SER D 91 21.01 44.29 38.49
N ALA D 92 21.49 43.17 37.96
CA ALA D 92 21.40 41.88 38.65
C ALA D 92 22.72 41.14 38.51
N VAL D 93 22.74 39.90 38.98
CA VAL D 93 23.93 39.06 39.00
C VAL D 93 23.93 38.16 37.77
N PHE D 94 25.13 37.82 37.28
CA PHE D 94 25.29 36.98 36.11
C PHE D 94 26.32 35.89 36.39
N TYR D 95 26.00 34.67 35.96
CA TYR D 95 26.79 33.49 36.29
C TYR D 95 27.32 32.81 35.04
N CYS D 96 28.55 32.32 35.13
CA CYS D 96 29.14 31.49 34.09
C CYS D 96 29.15 30.03 34.52
N ALA D 97 28.79 29.16 33.59
CA ALA D 97 28.67 27.74 33.89
C ALA D 97 29.36 26.94 32.80
N ARG D 98 30.07 25.90 33.23
CA ARG D 98 30.69 24.95 32.30
C ARG D 98 29.70 23.83 32.02
N GLY D 99 29.10 23.84 30.84
CA GLY D 99 28.19 22.79 30.45
C GLY D 99 28.92 21.56 29.97
N GLY D 100 28.16 20.67 29.34
CA GLY D 100 28.75 19.47 28.77
C GLY D 100 29.38 19.73 27.43
N ARG D 101 29.71 18.65 26.71
CA ARG D 101 30.34 18.78 25.40
C ARG D 101 29.36 18.63 24.26
N TYR D 102 28.29 17.86 24.44
CA TYR D 102 27.44 17.44 23.34
C TYR D 102 25.98 17.68 23.69
N HIS D 103 25.10 17.24 22.79
CA HIS D 103 23.66 17.34 23.03
C HIS D 103 23.26 16.44 24.19
N GLY D 104 22.26 16.90 24.96
CA GLY D 104 21.84 16.18 26.13
C GLY D 104 22.76 16.36 27.32
N GLN D 105 23.72 17.28 27.24
CA GLN D 105 24.61 17.61 28.33
C GLN D 105 24.57 19.09 28.66
N GLY D 106 23.38 19.69 28.60
CA GLY D 106 23.23 21.10 28.89
C GLY D 106 23.09 21.39 30.36
N PHE D 107 23.69 20.55 31.21
CA PHE D 107 23.71 20.75 32.64
C PHE D 107 25.07 21.31 33.03
N PHE D 108 25.09 22.01 34.17
CA PHE D 108 26.25 22.79 34.60
C PHE D 108 26.82 22.19 35.88
N ASP D 109 27.85 21.37 35.72
CA ASP D 109 28.53 20.78 36.87
C ASP D 109 29.19 21.86 37.73
N TYR D 110 29.78 22.87 37.09
CA TYR D 110 30.57 23.88 37.77
C TYR D 110 30.03 25.26 37.44
N TRP D 111 29.93 26.11 38.45
CA TRP D 111 29.47 27.48 38.31
C TRP D 111 30.55 28.45 38.76
N GLY D 112 30.54 29.63 38.15
CA GLY D 112 31.38 30.71 38.63
C GLY D 112 30.73 31.48 39.77
N GLN D 113 31.53 32.32 40.41
CA GLN D 113 31.02 33.12 41.51
C GLN D 113 30.05 34.18 40.99
N GLY D 114 29.23 34.70 41.90
CA GLY D 114 28.23 35.68 41.52
C GLY D 114 28.79 37.09 41.37
N THR D 115 28.66 37.64 40.17
CA THR D 115 29.08 39.01 39.90
C THR D 115 27.86 39.83 39.50
N THR D 116 27.62 40.92 40.23
CA THR D 116 26.41 41.71 40.06
C THR D 116 26.73 42.98 39.28
N LEU D 117 26.33 43.00 38.02
CA LEU D 117 26.37 44.24 37.24
C LEU D 117 25.26 45.15 37.72
N THR D 118 25.60 46.41 37.98
CA THR D 118 24.67 47.37 38.55
C THR D 118 24.37 48.47 37.54
N VAL D 119 23.10 48.82 37.39
CA VAL D 119 22.66 49.88 36.48
C VAL D 119 21.90 50.91 37.30
N SER D 120 22.45 52.12 37.37
CA SER D 120 21.83 53.21 38.10
C SER D 120 22.43 54.53 37.63
N SER D 121 21.75 55.62 37.97
CA SER D 121 22.22 56.95 37.59
C SER D 121 23.32 57.43 38.54
N ALA E 1 9.20 27.84 23.95
CA ALA E 1 10.07 27.62 25.10
C ALA E 1 9.36 26.82 26.19
N ILE E 2 10.00 25.74 26.64
CA ILE E 2 9.42 24.91 27.68
C ILE E 2 9.49 25.66 29.02
N GLN E 3 8.54 25.36 29.90
CA GLN E 3 8.44 26.00 31.20
C GLN E 3 8.57 24.96 32.31
N MET E 4 9.48 25.22 33.26
CA MET E 4 9.67 24.34 34.40
C MET E 4 8.73 24.80 35.52
N THR E 5 7.65 24.05 35.72
CA THR E 5 6.65 24.38 36.74
C THR E 5 7.02 23.64 38.02
N GLN E 6 7.70 24.34 38.92
CA GLN E 6 8.19 23.75 40.17
C GLN E 6 7.29 24.15 41.33
N SER E 7 6.88 23.18 42.12
CA SER E 7 6.03 23.38 43.28
C SER E 7 6.61 22.60 44.44
N PRO E 8 6.40 23.06 45.69
CA PRO E 8 5.71 24.29 46.09
C PRO E 8 6.61 25.52 46.00
N ALA E 9 6.05 26.72 46.08
CA ALA E 9 6.88 27.92 46.12
C ALA E 9 7.74 27.98 47.38
N SER E 10 7.18 27.58 48.52
CA SER E 10 7.92 27.51 49.76
C SER E 10 7.61 26.19 50.44
N LEU E 11 8.59 25.67 51.18
CA LEU E 11 8.46 24.37 51.84
C LEU E 11 9.29 24.36 53.11
N SER E 12 8.72 23.81 54.18
CA SER E 12 9.37 23.73 55.47
C SER E 12 9.21 22.33 56.05
N ALA E 13 10.23 21.87 56.77
CA ALA E 13 10.22 20.54 57.37
C ALA E 13 11.24 20.50 58.49
N SER E 14 11.16 19.44 59.28
CA SER E 14 12.07 19.26 60.41
C SER E 14 13.32 18.50 59.99
N VAL E 15 14.38 18.64 60.80
CA VAL E 15 15.63 17.94 60.51
C VAL E 15 15.41 16.43 60.59
N GLY E 16 15.98 15.70 59.62
CA GLY E 16 15.82 14.28 59.55
C GLY E 16 14.57 13.79 58.87
N GLU E 17 13.70 14.70 58.41
CA GLU E 17 12.47 14.32 57.75
C GLU E 17 12.64 14.31 56.24
N THR E 18 12.03 13.32 55.58
CA THR E 18 12.09 13.22 54.14
C THR E 18 11.25 14.32 53.51
N VAL E 19 11.84 15.06 52.57
CA VAL E 19 11.18 16.17 51.90
C VAL E 19 11.26 15.96 50.40
N THR E 20 10.16 16.26 49.71
CA THR E 20 10.06 16.02 48.28
C THR E 20 9.67 17.30 47.55
N ILE E 21 10.41 17.62 46.49
CA ILE E 21 10.10 18.73 45.60
C ILE E 21 9.93 18.19 44.19
N THR E 22 8.83 18.58 43.56
CA THR E 22 8.48 18.07 42.24
C THR E 22 8.26 19.22 41.27
N CYS E 23 8.82 19.09 40.07
CA CYS E 23 8.69 20.11 39.03
C CYS E 23 8.30 19.44 37.71
N ARG E 24 7.35 20.04 37.01
CA ARG E 24 6.78 19.46 35.80
C ARG E 24 7.21 20.27 34.58
N PRO E 25 7.90 19.67 33.61
CA PRO E 25 8.13 20.37 32.34
C PRO E 25 6.86 20.41 31.52
N SER E 26 6.61 21.56 30.88
CA SER E 26 5.41 21.71 30.05
C SER E 26 5.48 20.87 28.79
N GLU E 27 6.66 20.38 28.40
CA GLU E 27 6.81 19.53 27.24
C GLU E 27 7.81 18.43 27.59
N ASN E 28 7.76 17.34 26.84
CA ASN E 28 8.66 16.22 27.10
C ASN E 28 10.11 16.65 27.04
N VAL E 29 10.88 16.21 28.03
CA VAL E 29 12.30 16.55 28.12
C VAL E 29 13.11 15.28 28.30
N HIS E 30 12.45 14.13 28.23
CA HIS E 30 13.11 12.83 28.40
C HIS E 30 13.84 12.81 29.76
N ILE E 31 14.92 12.03 29.87
CA ILE E 31 15.71 12.02 31.10
C ILE E 31 16.53 13.30 31.25
N TYR E 32 16.45 14.21 30.29
CA TYR E 32 17.32 15.38 30.22
C TYR E 32 16.80 16.48 31.14
N LEU E 33 17.21 16.41 32.41
CA LEU E 33 16.76 17.34 33.44
C LEU E 33 17.79 17.40 34.56
N ALA E 34 17.76 18.47 35.34
CA ALA E 34 18.74 18.70 36.40
C ALA E 34 18.12 19.49 37.54
N TRP E 35 18.73 19.37 38.71
CA TRP E 35 18.36 20.12 39.90
C TRP E 35 19.59 20.79 40.49
N TYR E 36 19.43 22.03 40.94
CA TYR E 36 20.53 22.81 41.46
C TYR E 36 20.20 23.31 42.87
N GLN E 37 21.25 23.52 43.67
CA GLN E 37 21.12 23.99 45.04
C GLN E 37 21.93 25.27 45.21
N GLN E 38 21.34 26.25 45.87
CA GLN E 38 21.96 27.55 46.03
C GLN E 38 21.56 28.13 47.38
N LYS E 39 22.47 28.90 47.96
CA LYS E 39 22.24 29.62 49.20
C LYS E 39 22.57 31.09 49.00
N GLN E 40 22.03 31.91 49.90
CA GLN E 40 22.21 33.36 49.80
C GLN E 40 23.69 33.73 49.79
N GLY E 41 24.14 34.31 48.68
CA GLY E 41 25.52 34.71 48.53
C GLY E 41 26.47 33.62 48.12
N LYS E 42 25.98 32.54 47.51
CA LYS E 42 26.81 31.42 47.10
C LYS E 42 26.51 31.05 45.65
N SER E 43 27.52 30.49 44.99
CA SER E 43 27.32 30.00 43.63
C SER E 43 26.60 28.66 43.67
N PRO E 44 25.69 28.40 42.73
CA PRO E 44 24.94 27.14 42.76
C PRO E 44 25.83 25.94 42.55
N GLN E 45 25.44 24.82 43.15
CA GLN E 45 26.12 23.55 43.00
C GLN E 45 25.13 22.51 42.49
N LEU E 46 25.52 21.79 41.45
CA LEU E 46 24.64 20.81 40.85
C LEU E 46 24.50 19.59 41.75
N LEU E 47 23.27 19.08 41.85
CA LEU E 47 22.96 17.92 42.66
C LEU E 47 22.54 16.72 41.82
N VAL E 48 21.56 16.91 40.94
CA VAL E 48 21.07 15.89 40.04
C VAL E 48 21.32 16.40 38.62
N TYR E 49 22.05 15.62 37.81
CA TYR E 49 22.35 16.05 36.45
C TYR E 49 21.52 15.32 35.40
N ASN E 50 21.10 14.09 35.68
CA ASN E 50 20.06 13.43 34.91
C ASN E 50 19.04 12.89 35.89
N ALA E 51 17.79 12.78 35.43
CA ALA E 51 16.64 12.61 36.32
C ALA E 51 16.89 11.59 37.43
N LYS E 52 17.67 10.54 37.13
CA LYS E 52 17.90 9.47 38.10
C LYS E 52 19.33 9.42 38.64
N THR E 53 20.18 10.40 38.32
CA THR E 53 21.60 10.33 38.64
C THR E 53 22.00 11.50 39.53
N LEU E 54 22.80 11.19 40.56
CA LEU E 54 23.30 12.23 41.45
C LEU E 54 24.65 12.76 40.95
N ALA E 55 24.95 14.00 41.29
CA ALA E 55 26.21 14.61 40.89
C ALA E 55 27.35 14.22 41.83
N ASP E 56 28.57 14.54 41.40
CA ASP E 56 29.75 14.21 42.21
C ASP E 56 29.77 15.03 43.49
N GLY E 57 30.11 14.36 44.59
CA GLY E 57 30.17 15.00 45.89
C GLY E 57 28.84 15.15 46.60
N VAL E 58 27.74 14.82 45.94
CA VAL E 58 26.42 14.96 46.55
C VAL E 58 26.19 13.85 47.56
N PRO E 59 25.78 14.14 48.78
CA PRO E 59 25.47 13.07 49.74
C PRO E 59 24.31 12.21 49.25
N SER E 60 24.31 10.95 49.68
CA SER E 60 23.30 10.00 49.23
C SER E 60 21.90 10.36 49.71
N ARG E 61 21.77 11.29 50.66
CA ARG E 61 20.44 11.70 51.12
C ARG E 61 19.60 12.27 49.99
N PHE E 62 20.21 12.98 49.05
CA PHE E 62 19.49 13.49 47.90
C PHE E 62 19.14 12.35 46.94
N SER E 63 17.98 12.45 46.31
CA SER E 63 17.53 11.43 45.38
C SER E 63 16.60 12.05 44.35
N GLY E 64 16.63 11.49 43.15
CA GLY E 64 15.76 11.94 42.08
C GLY E 64 15.21 10.79 41.27
N SER E 65 13.94 10.90 40.85
CA SER E 65 13.32 9.86 40.06
C SER E 65 12.36 10.50 39.07
N ALA E 66 12.17 9.83 37.94
CA ALA E 66 11.31 10.31 36.86
C ALA E 66 10.02 9.51 36.88
N SER E 67 8.90 10.19 37.09
CA SER E 67 7.60 9.55 37.04
C SER E 67 7.15 9.42 35.58
N GLY E 68 5.87 9.09 35.40
CA GLY E 68 5.32 8.99 34.06
C GLY E 68 5.42 10.29 33.29
N THR E 69 5.11 11.42 33.94
CA THR E 69 5.21 12.72 33.32
C THR E 69 5.87 13.78 34.19
N GLN E 70 6.32 13.44 35.40
CA GLN E 70 6.81 14.43 36.35
C GLN E 70 8.17 14.00 36.88
N PHE E 71 8.96 14.98 37.30
CA PHE E 71 10.28 14.76 37.87
C PHE E 71 10.26 15.21 39.33
N SER E 72 10.81 14.37 40.21
CA SER E 72 10.73 14.62 41.64
C SER E 72 12.13 14.60 42.25
N LEU E 73 12.36 15.54 43.16
CA LEU E 73 13.59 15.60 43.93
C LEU E 73 13.26 15.31 45.39
N LYS E 74 13.98 14.35 45.98
CA LYS E 74 13.68 13.89 47.33
C LYS E 74 14.96 13.79 48.14
N ILE E 75 14.92 14.31 49.36
CA ILE E 75 16.01 14.19 50.32
C ILE E 75 15.59 13.20 51.39
N ASN E 76 16.37 12.12 51.54
CA ASN E 76 15.99 11.05 52.46
C ASN E 76 15.97 11.53 53.91
N SER E 77 16.95 12.34 54.30
CA SER E 77 17.04 12.82 55.69
C SER E 77 17.49 14.27 55.62
N LEU E 78 16.53 15.18 55.76
CA LEU E 78 16.84 16.60 55.67
C LEU E 78 17.70 17.05 56.85
N GLN E 79 18.67 17.90 56.58
CA GLN E 79 19.57 18.47 57.57
C GLN E 79 19.65 19.97 57.34
N PRO E 80 20.03 20.74 58.37
CA PRO E 80 20.03 22.21 58.22
C PRO E 80 20.90 22.72 57.09
N GLU E 81 22.01 22.04 56.78
CA GLU E 81 22.88 22.50 55.70
C GLU E 81 22.24 22.32 54.33
N ASP E 82 21.13 21.60 54.25
CA ASP E 82 20.43 21.38 52.99
C ASP E 82 19.43 22.49 52.66
N PHE E 83 19.41 23.55 53.44
CA PHE E 83 18.51 24.67 53.18
C PHE E 83 19.01 25.47 51.98
N GLY E 84 18.14 26.35 51.50
CA GLY E 84 18.46 27.21 50.37
C GLY E 84 17.42 27.13 49.27
N SER E 85 17.85 27.46 48.06
CA SER E 85 17.00 27.48 46.88
C SER E 85 17.30 26.29 46.00
N TYR E 86 16.26 25.63 45.52
CA TYR E 86 16.39 24.42 44.70
C TYR E 86 15.64 24.63 43.39
N TYR E 87 16.41 24.87 42.31
CA TYR E 87 15.84 25.10 41.00
C TYR E 87 16.02 23.86 40.14
N CYS E 88 14.95 23.46 39.45
CA CYS E 88 15.07 22.40 38.46
C CYS E 88 15.21 23.03 37.07
N GLN E 89 15.96 22.35 36.21
CA GLN E 89 16.28 22.90 34.90
C GLN E 89 16.20 21.80 33.85
N HIS E 90 15.69 22.17 32.68
CA HIS E 90 15.70 21.26 31.54
C HIS E 90 16.73 21.71 30.52
N PHE E 91 17.27 20.74 29.78
CA PHE E 91 18.18 21.03 28.68
C PHE E 91 17.86 20.17 27.45
N TRP E 92 16.57 19.97 27.17
CA TRP E 92 16.14 19.23 26.00
C TRP E 92 16.17 20.11 24.74
N SER E 93 15.72 21.36 24.86
CA SER E 93 15.66 22.26 23.72
C SER E 93 15.99 23.68 24.16
N ILE E 94 16.51 24.45 23.21
CA ILE E 94 16.81 25.88 23.41
C ILE E 94 15.49 26.65 23.45
N PRO E 95 15.32 27.57 24.40
CA PRO E 95 16.23 27.95 25.49
C PRO E 95 16.08 27.06 26.72
N TYR E 96 17.19 26.76 27.40
CA TYR E 96 17.09 26.04 28.67
C TYR E 96 16.33 26.88 29.68
N THR E 97 15.39 26.25 30.37
CA THR E 97 14.50 26.93 31.30
C THR E 97 14.79 26.48 32.73
N PHE E 98 15.06 27.45 33.60
CA PHE E 98 15.17 27.18 35.03
C PHE E 98 13.82 27.40 35.70
N GLY E 99 13.47 26.48 36.60
CA GLY E 99 12.24 26.61 37.34
C GLY E 99 12.29 27.72 38.38
N GLY E 100 11.10 28.10 38.84
CA GLY E 100 11.01 29.10 39.88
C GLY E 100 11.74 28.73 41.15
N GLY E 101 11.67 27.47 41.55
CA GLY E 101 12.40 26.98 42.70
C GLY E 101 11.52 26.82 43.93
N THR E 102 12.09 26.12 44.91
CA THR E 102 11.44 25.89 46.19
C THR E 102 12.41 26.25 47.30
N LYS E 103 12.10 27.30 48.06
CA LYS E 103 12.93 27.70 49.18
C LYS E 103 12.71 26.72 50.33
N LEU E 104 13.78 26.06 50.76
CA LEU E 104 13.71 25.06 51.82
C LEU E 104 14.21 25.67 53.12
N GLU E 105 13.37 25.63 54.14
CA GLU E 105 13.69 26.21 55.44
C GLU E 105 13.43 25.16 56.53
N ILE E 106 14.32 25.13 57.52
CA ILE E 106 14.18 24.18 58.62
C ILE E 106 13.08 24.66 59.56
N LYS E 107 12.19 23.75 59.93
CA LYS E 107 11.09 24.05 60.83
C LYS E 107 11.62 24.43 62.22
N ALA F 1 -6.01 -55.94 -9.49
CA ALA F 1 -6.55 -56.13 -10.84
C ALA F 1 -7.25 -57.49 -10.96
N VAL F 2 -6.62 -58.52 -10.42
CA VAL F 2 -7.19 -59.86 -10.49
C VAL F 2 -8.08 -60.14 -9.29
N GLN F 3 -7.63 -59.78 -8.09
CA GLN F 3 -8.38 -60.06 -6.88
C GLN F 3 -8.31 -58.88 -5.93
N LEU F 4 -9.46 -58.57 -5.32
CA LEU F 4 -9.56 -57.58 -4.25
C LEU F 4 -10.30 -58.20 -3.07
N GLN F 5 -9.90 -59.42 -2.71
CA GLN F 5 -10.62 -60.20 -1.70
C GLN F 5 -10.54 -59.54 -0.33
N GLN F 6 -11.65 -59.57 0.39
CA GLN F 6 -11.72 -59.07 1.75
C GLN F 6 -11.86 -60.21 2.75
N SER F 7 -11.56 -59.92 4.01
CA SER F 7 -11.77 -60.90 5.07
C SER F 7 -13.26 -61.08 5.34
N GLY F 8 -13.62 -62.29 5.76
CA GLY F 8 -15.01 -62.66 5.88
C GLY F 8 -15.75 -61.89 6.96
N ALA F 9 -17.07 -62.14 7.01
CA ALA F 9 -17.92 -61.44 7.96
C ALA F 9 -17.58 -61.83 9.39
N GLU F 10 -17.81 -60.91 10.32
CA GLU F 10 -17.45 -61.10 11.71
C GLU F 10 -18.43 -60.36 12.60
N LEU F 11 -18.54 -60.82 13.84
CA LEU F 11 -19.52 -60.30 14.80
C LEU F 11 -18.80 -59.65 15.98
N MET F 12 -19.14 -58.39 16.25
CA MET F 12 -18.60 -57.65 17.38
C MET F 12 -19.75 -56.94 18.11
N ARG F 13 -19.54 -56.69 19.39
CA ARG F 13 -20.54 -56.01 20.20
C ARG F 13 -20.46 -54.50 20.00
N PRO F 14 -21.57 -53.79 20.23
CA PRO F 14 -21.53 -52.32 20.10
C PRO F 14 -20.53 -51.71 21.07
N GLY F 15 -19.87 -50.64 20.61
CA GLY F 15 -18.84 -49.98 21.38
C GLY F 15 -17.45 -50.54 21.19
N ALA F 16 -17.31 -51.64 20.46
CA ALA F 16 -16.00 -52.23 20.22
C ALA F 16 -15.36 -51.63 18.97
N SER F 17 -14.30 -52.27 18.51
CA SER F 17 -13.57 -51.84 17.32
C SER F 17 -13.27 -53.06 16.45
N MET F 18 -13.05 -52.80 15.16
CA MET F 18 -12.79 -53.87 14.21
C MET F 18 -11.78 -53.40 13.17
N LYS F 19 -11.13 -54.37 12.52
CA LYS F 19 -10.10 -54.10 11.52
C LYS F 19 -10.43 -54.91 10.27
N ILE F 20 -10.70 -54.21 9.16
CA ILE F 20 -11.03 -54.86 7.89
C ILE F 20 -9.76 -54.99 7.05
N SER F 21 -9.79 -55.91 6.09
CA SER F 21 -8.63 -56.16 5.24
C SER F 21 -9.06 -56.34 3.80
N CYS F 22 -8.12 -56.11 2.89
CA CYS F 22 -8.36 -56.26 1.46
C CYS F 22 -7.04 -56.66 0.79
N LYS F 23 -7.06 -57.78 0.07
CA LYS F 23 -5.86 -58.31 -0.58
C LYS F 23 -5.93 -57.99 -2.07
N ALA F 24 -4.92 -57.29 -2.58
CA ALA F 24 -4.88 -56.86 -3.98
C ALA F 24 -3.67 -57.47 -4.67
N THR F 25 -3.88 -58.03 -5.85
CA THR F 25 -2.82 -58.62 -6.65
C THR F 25 -3.01 -58.26 -8.11
N GLY F 26 -1.95 -58.46 -8.89
CA GLY F 26 -2.02 -58.29 -10.33
C GLY F 26 -1.53 -56.98 -10.89
N TYR F 27 -0.91 -56.13 -10.06
CA TYR F 27 -0.43 -54.84 -10.52
C TYR F 27 0.52 -54.27 -9.47
N THR F 28 1.02 -53.07 -9.74
CA THR F 28 1.89 -52.37 -8.82
C THR F 28 1.04 -51.78 -7.69
N PHE F 29 1.12 -52.41 -6.51
CA PHE F 29 0.23 -52.03 -5.41
C PHE F 29 0.56 -50.64 -4.88
N SER F 30 1.85 -50.29 -4.86
CA SER F 30 2.27 -49.06 -4.18
C SER F 30 1.81 -47.80 -4.91
N SER F 31 1.34 -47.93 -6.14
CA SER F 31 1.01 -46.76 -6.95
C SER F 31 -0.45 -46.33 -6.84
N TYR F 32 -1.38 -47.26 -6.68
CA TYR F 32 -2.81 -46.97 -6.81
C TYR F 32 -3.45 -46.84 -5.43
N TRP F 33 -4.24 -45.79 -5.27
CA TRP F 33 -4.97 -45.58 -4.02
C TRP F 33 -6.02 -46.66 -3.84
N ILE F 34 -6.15 -47.15 -2.60
CA ILE F 34 -7.20 -48.08 -2.22
C ILE F 34 -8.23 -47.33 -1.40
N ASP F 35 -9.37 -47.02 -2.02
CA ASP F 35 -10.41 -46.21 -1.41
C ASP F 35 -11.53 -47.12 -0.90
N TRP F 36 -11.95 -46.91 0.33
CA TRP F 36 -12.99 -47.71 0.96
C TRP F 36 -14.31 -46.96 0.91
N VAL F 37 -15.34 -47.64 0.42
CA VAL F 37 -16.66 -47.05 0.21
C VAL F 37 -17.69 -47.90 0.94
N LYS F 38 -18.55 -47.24 1.71
CA LYS F 38 -19.49 -47.93 2.60
C LYS F 38 -20.89 -47.99 2.00
N GLN F 39 -21.59 -49.08 2.28
CA GLN F 39 -22.94 -49.29 1.75
C GLN F 39 -23.81 -49.90 2.85
N ARG F 40 -24.65 -49.08 3.46
CA ARG F 40 -25.70 -49.60 4.32
C ARG F 40 -26.73 -50.34 3.45
N PRO F 41 -27.39 -51.37 3.97
CA PRO F 41 -28.15 -52.27 3.08
C PRO F 41 -29.32 -51.61 2.36
N GLY F 42 -29.83 -50.49 2.84
CA GLY F 42 -31.05 -49.95 2.26
C GLY F 42 -31.00 -48.55 1.70
N HIS F 43 -29.90 -47.82 1.89
CA HIS F 43 -29.87 -46.41 1.53
C HIS F 43 -28.70 -45.99 0.65
N GLY F 44 -28.18 -46.88 -0.19
CA GLY F 44 -27.19 -46.47 -1.17
C GLY F 44 -25.76 -46.70 -0.74
N LEU F 45 -24.87 -45.91 -1.35
CA LEU F 45 -23.44 -46.10 -1.18
C LEU F 45 -22.82 -44.81 -0.63
N GLU F 46 -21.80 -44.96 0.22
CA GLU F 46 -21.20 -43.81 0.90
C GLU F 46 -19.70 -44.00 0.97
N TRP F 47 -18.95 -42.92 0.75
CA TRP F 47 -17.50 -42.94 0.70
C TRP F 47 -16.93 -42.72 2.09
N ILE F 48 -15.81 -43.38 2.39
CA ILE F 48 -15.17 -43.28 3.70
C ILE F 48 -13.86 -42.52 3.61
N GLY F 49 -12.90 -43.05 2.86
CA GLY F 49 -11.59 -42.44 2.77
C GLY F 49 -10.71 -43.23 1.83
N GLU F 50 -9.45 -42.79 1.74
CA GLU F 50 -8.49 -43.42 0.84
C GLU F 50 -7.13 -43.46 1.50
N ILE F 51 -6.31 -44.41 1.06
CA ILE F 51 -4.93 -44.55 1.54
C ILE F 51 -4.04 -44.88 0.35
N LEU F 52 -2.88 -44.22 0.28
CA LEU F 52 -1.91 -44.51 -0.75
C LEU F 52 -0.85 -45.43 -0.19
N PRO F 53 -0.77 -46.69 -0.63
CA PRO F 53 0.14 -47.64 0.01
C PRO F 53 1.61 -47.29 -0.13
N GLY F 54 2.03 -46.79 -1.30
CA GLY F 54 3.45 -46.55 -1.53
C GLY F 54 4.00 -45.34 -0.80
N SER F 55 3.15 -44.43 -0.36
CA SER F 55 3.61 -43.25 0.36
C SER F 55 2.98 -43.07 1.74
N GLY F 56 1.90 -43.77 2.06
CA GLY F 56 1.30 -43.65 3.37
C GLY F 56 0.36 -42.48 3.53
N ASP F 57 0.17 -41.67 2.48
CA ASP F 57 -0.78 -40.56 2.57
C ASP F 57 -2.21 -41.06 2.60
N THR F 58 -3.03 -40.41 3.42
CA THR F 58 -4.41 -40.81 3.60
C THR F 58 -5.32 -39.59 3.53
N ASN F 59 -6.57 -39.83 3.13
CA ASN F 59 -7.61 -38.82 3.13
C ASN F 59 -8.84 -39.40 3.78
N TYR F 60 -9.66 -38.54 4.38
CA TYR F 60 -10.76 -38.99 5.22
C TYR F 60 -12.00 -38.14 4.96
N ASN F 61 -13.16 -38.72 5.24
CA ASN F 61 -14.41 -37.99 5.20
C ASN F 61 -14.68 -37.34 6.55
N GLU F 62 -15.45 -36.25 6.54
CA GLU F 62 -15.73 -35.54 7.79
C GLU F 62 -16.52 -36.41 8.76
N ASN F 63 -17.50 -37.17 8.26
CA ASN F 63 -18.29 -38.04 9.12
C ASN F 63 -17.52 -39.26 9.61
N PHE F 64 -16.34 -39.54 9.04
CA PHE F 64 -15.59 -40.74 9.38
C PHE F 64 -14.19 -40.47 9.89
N LYS F 65 -13.88 -39.24 10.30
CA LYS F 65 -12.52 -38.93 10.75
C LYS F 65 -12.14 -39.76 11.97
N GLY F 66 -13.01 -39.82 12.97
CA GLY F 66 -12.76 -40.61 14.15
C GLY F 66 -13.26 -42.03 14.01
N LYS F 67 -14.13 -42.25 13.03
CA LYS F 67 -14.72 -43.57 12.84
C LYS F 67 -13.84 -44.50 12.01
N ALA F 68 -12.80 -43.97 11.35
CA ALA F 68 -12.01 -44.77 10.43
C ALA F 68 -10.52 -44.50 10.63
N ALA F 69 -9.71 -45.49 10.30
CA ALA F 69 -8.26 -45.37 10.34
C ALA F 69 -7.67 -46.43 9.42
N PHE F 70 -6.78 -46.01 8.52
CA PHE F 70 -6.29 -46.89 7.47
C PHE F 70 -4.87 -47.39 7.77
N THR F 71 -4.47 -48.41 7.01
CA THR F 71 -3.14 -49.00 7.08
C THR F 71 -2.95 -49.87 5.84
N ALA F 72 -1.79 -49.74 5.21
CA ALA F 72 -1.52 -50.44 3.95
C ALA F 72 -0.22 -51.22 4.10
N ASP F 73 -0.34 -52.54 4.28
CA ASP F 73 0.82 -53.42 4.40
C ASP F 73 1.28 -53.81 3.00
N THR F 74 2.17 -52.98 2.44
CA THR F 74 2.72 -53.23 1.12
C THR F 74 3.54 -54.52 1.07
N SER F 75 4.15 -54.92 2.20
CA SER F 75 4.96 -56.13 2.22
C SER F 75 4.15 -57.39 1.93
N SER F 76 2.83 -57.35 2.11
CA SER F 76 1.98 -58.50 1.83
C SER F 76 0.83 -58.17 0.89
N ASN F 77 0.87 -57.01 0.23
CA ASN F 77 -0.17 -56.59 -0.71
C ASN F 77 -1.54 -56.56 -0.05
N THR F 78 -1.59 -56.18 1.23
CA THR F 78 -2.82 -56.20 2.00
C THR F 78 -3.15 -54.80 2.49
N ALA F 79 -4.38 -54.35 2.23
CA ALA F 79 -4.86 -53.10 2.79
C ALA F 79 -5.58 -53.36 4.11
N TYR F 80 -5.90 -52.28 4.83
CA TYR F 80 -6.54 -52.39 6.12
C TYR F 80 -7.36 -51.14 6.41
N MET F 81 -8.25 -51.26 7.38
CA MET F 81 -9.03 -50.13 7.87
C MET F 81 -9.49 -50.44 9.29
N GLN F 82 -9.25 -49.52 10.22
CA GLN F 82 -9.74 -49.70 11.57
C GLN F 82 -10.97 -48.85 11.81
N LEU F 83 -12.01 -49.48 12.37
CA LEU F 83 -13.26 -48.82 12.68
C LEU F 83 -13.47 -48.83 14.20
N THR F 84 -13.81 -47.67 14.76
CA THR F 84 -13.97 -47.51 16.20
C THR F 84 -15.36 -46.99 16.52
N SER F 85 -15.73 -47.15 17.80
CA SER F 85 -17.04 -46.70 18.31
C SER F 85 -18.19 -47.28 17.50
N LEU F 86 -18.14 -48.59 17.27
CA LEU F 86 -19.13 -49.26 16.43
C LEU F 86 -20.49 -49.30 17.14
N THR F 87 -21.54 -49.01 16.39
CA THR F 87 -22.92 -49.11 16.85
C THR F 87 -23.72 -49.88 15.82
N SER F 88 -25.04 -49.94 16.04
CA SER F 88 -25.91 -50.58 15.05
C SER F 88 -25.87 -49.86 13.71
N GLU F 89 -25.63 -48.55 13.73
CA GLU F 89 -25.53 -47.79 12.48
C GLU F 89 -24.25 -48.08 11.73
N ASP F 90 -23.25 -48.69 12.38
CA ASP F 90 -22.01 -49.07 11.73
C ASP F 90 -22.08 -50.45 11.08
N SER F 91 -23.17 -51.18 11.26
CA SER F 91 -23.33 -52.49 10.66
C SER F 91 -23.71 -52.32 9.20
N ALA F 92 -22.74 -52.47 8.31
CA ALA F 92 -22.96 -52.30 6.88
C ALA F 92 -21.87 -53.06 6.14
N VAL F 93 -21.87 -52.90 4.82
CA VAL F 93 -20.90 -53.59 3.97
C VAL F 93 -19.84 -52.61 3.51
N PHE F 94 -18.57 -53.01 3.62
CA PHE F 94 -17.44 -52.14 3.37
C PHE F 94 -16.63 -52.69 2.20
N TYR F 95 -16.34 -51.82 1.23
CA TYR F 95 -15.81 -52.22 -0.06
C TYR F 95 -14.47 -51.56 -0.29
N CYS F 96 -13.47 -52.35 -0.70
CA CYS F 96 -12.17 -51.80 -1.08
C CYS F 96 -12.12 -51.63 -2.60
N ALA F 97 -11.74 -50.43 -3.02
CA ALA F 97 -11.80 -50.05 -4.43
C ALA F 97 -10.44 -49.51 -4.87
N ARG F 98 -10.06 -49.89 -6.08
CA ARG F 98 -8.78 -49.48 -6.64
C ARG F 98 -8.92 -48.12 -7.31
N GLY F 99 -8.61 -47.06 -6.57
CA GLY F 99 -8.60 -45.73 -7.16
C GLY F 99 -7.41 -45.55 -8.08
N GLY F 100 -7.46 -44.50 -8.88
CA GLY F 100 -6.41 -44.24 -9.85
C GLY F 100 -5.15 -43.71 -9.21
N ARG F 101 -4.12 -43.56 -10.05
CA ARG F 101 -2.82 -43.12 -9.55
C ARG F 101 -2.85 -41.66 -9.10
N TYR F 102 -3.39 -40.78 -9.94
CA TYR F 102 -3.24 -39.34 -9.75
C TYR F 102 -4.62 -38.68 -9.59
N HIS F 103 -4.61 -37.36 -9.56
CA HIS F 103 -5.84 -36.59 -9.47
C HIS F 103 -6.64 -36.73 -10.77
N GLY F 104 -7.97 -36.67 -10.64
CA GLY F 104 -8.83 -36.90 -11.77
C GLY F 104 -9.05 -38.36 -12.08
N GLN F 105 -8.57 -39.25 -11.20
CA GLN F 105 -8.74 -40.69 -11.37
C GLN F 105 -9.40 -41.29 -10.13
N GLY F 106 -10.43 -40.62 -9.60
CA GLY F 106 -11.10 -41.09 -8.41
C GLY F 106 -12.13 -42.17 -8.69
N PHE F 107 -12.30 -42.51 -9.96
CA PHE F 107 -13.20 -43.59 -10.35
C PHE F 107 -12.63 -44.93 -9.93
N PHE F 108 -13.51 -45.90 -9.73
CA PHE F 108 -13.19 -47.15 -9.04
C PHE F 108 -13.23 -48.29 -10.04
N ASP F 109 -12.04 -48.71 -10.51
CA ASP F 109 -11.96 -49.74 -11.53
C ASP F 109 -12.44 -51.10 -11.00
N TYR F 110 -11.92 -51.52 -9.86
CA TYR F 110 -12.24 -52.84 -9.33
C TYR F 110 -12.67 -52.70 -7.89
N TRP F 111 -13.56 -53.60 -7.45
CA TRP F 111 -14.18 -53.50 -6.13
C TRP F 111 -13.99 -54.82 -5.40
N GLY F 112 -14.15 -54.77 -4.08
CA GLY F 112 -14.03 -55.96 -3.27
C GLY F 112 -15.20 -56.92 -3.46
N GLN F 113 -14.99 -58.16 -3.00
CA GLN F 113 -16.02 -59.17 -3.16
C GLN F 113 -17.21 -58.96 -2.23
N GLY F 114 -17.03 -58.24 -1.12
CA GLY F 114 -18.15 -57.92 -0.26
C GLY F 114 -18.32 -58.79 0.95
N THR F 115 -18.05 -58.23 2.14
CA THR F 115 -18.31 -58.89 3.41
C THR F 115 -18.99 -57.90 4.34
N THR F 116 -19.86 -58.43 5.19
CA THR F 116 -20.78 -57.62 5.99
C THR F 116 -20.25 -57.43 7.39
N LEU F 117 -20.07 -56.18 7.80
CA LEU F 117 -19.79 -55.87 9.19
C LEU F 117 -21.09 -55.95 9.99
N THR F 118 -21.08 -56.75 11.06
CA THR F 118 -22.30 -57.04 11.83
C THR F 118 -22.08 -56.61 13.28
N VAL F 119 -22.71 -55.51 13.67
CA VAL F 119 -22.64 -55.00 15.03
C VAL F 119 -24.00 -55.20 15.66
N SER F 120 -24.05 -55.97 16.75
CA SER F 120 -25.30 -56.23 17.45
C SER F 120 -24.97 -56.66 18.87
N SER F 121 -25.97 -56.55 19.74
CA SER F 121 -25.82 -56.92 21.14
C SER F 121 -25.68 -58.43 21.31
N ALA G 1 -19.58 -30.06 1.42
CA ALA G 1 -19.34 -31.17 0.52
C ALA G 1 -20.27 -31.11 -0.69
N ILE G 2 -19.77 -31.56 -1.85
CA ILE G 2 -20.59 -31.58 -3.05
C ILE G 2 -21.72 -32.58 -2.90
N GLN G 3 -22.90 -32.20 -3.35
CA GLN G 3 -24.08 -33.07 -3.32
C GLN G 3 -24.40 -33.51 -4.75
N MET G 4 -24.99 -34.69 -4.87
CA MET G 4 -25.25 -35.32 -6.16
C MET G 4 -26.74 -35.62 -6.27
N THR G 5 -27.39 -35.02 -7.26
CA THR G 5 -28.81 -35.28 -7.51
C THR G 5 -28.96 -36.23 -8.68
N GLN G 6 -29.49 -37.43 -8.41
CA GLN G 6 -29.67 -38.45 -9.42
C GLN G 6 -31.16 -38.78 -9.54
N SER G 7 -31.67 -38.72 -10.76
CA SER G 7 -33.07 -38.99 -11.05
C SER G 7 -33.19 -39.82 -12.30
N PRO G 8 -34.20 -40.69 -12.39
CA PRO G 8 -35.20 -41.01 -11.37
C PRO G 8 -34.69 -42.00 -10.33
N ALA G 9 -35.37 -42.12 -9.19
CA ALA G 9 -34.98 -43.12 -8.20
C ALA G 9 -35.21 -44.53 -8.70
N SER G 10 -36.33 -44.76 -9.41
CA SER G 10 -36.59 -46.05 -10.03
C SER G 10 -36.99 -45.80 -11.48
N LEU G 11 -36.61 -46.74 -12.35
CA LEU G 11 -36.82 -46.57 -13.78
C LEU G 11 -37.19 -47.91 -14.39
N SER G 12 -38.28 -47.93 -15.15
CA SER G 12 -38.80 -49.17 -15.74
C SER G 12 -38.66 -49.10 -17.26
N ALA G 13 -38.03 -50.14 -17.83
CA ALA G 13 -37.87 -50.23 -19.27
C ALA G 13 -37.96 -51.70 -19.67
N SER G 14 -38.51 -51.95 -20.85
CA SER G 14 -38.73 -53.32 -21.32
C SER G 14 -37.55 -53.81 -22.13
N VAL G 15 -37.64 -55.07 -22.56
CA VAL G 15 -36.59 -55.66 -23.39
C VAL G 15 -36.59 -54.99 -24.76
N GLY G 16 -35.42 -54.55 -25.19
CA GLY G 16 -35.28 -53.84 -26.44
C GLY G 16 -35.53 -52.35 -26.37
N GLU G 17 -35.90 -51.83 -25.20
CA GLU G 17 -36.16 -50.41 -25.05
C GLU G 17 -34.84 -49.66 -24.85
N THR G 18 -34.85 -48.38 -25.22
CA THR G 18 -33.72 -47.48 -25.00
C THR G 18 -34.01 -46.64 -23.76
N VAL G 19 -33.11 -46.69 -22.79
CA VAL G 19 -33.33 -46.07 -21.49
C VAL G 19 -32.12 -45.20 -21.14
N THR G 20 -32.38 -44.12 -20.41
CA THR G 20 -31.34 -43.16 -20.04
C THR G 20 -31.52 -42.75 -18.58
N ILE G 21 -30.41 -42.72 -17.85
CA ILE G 21 -30.39 -42.29 -16.46
C ILE G 21 -29.45 -41.10 -16.33
N THR G 22 -29.89 -40.08 -15.60
CA THR G 22 -29.16 -38.82 -15.50
C THR G 22 -28.88 -38.47 -14.05
N CYS G 23 -27.80 -37.75 -13.83
CA CYS G 23 -27.42 -37.27 -12.51
C CYS G 23 -26.82 -35.88 -12.64
N ARG G 24 -26.97 -35.08 -11.57
CA ARG G 24 -26.46 -33.72 -11.55
C ARG G 24 -25.71 -33.46 -10.25
N PRO G 25 -24.48 -32.97 -10.31
CA PRO G 25 -23.81 -32.55 -9.08
C PRO G 25 -24.24 -31.15 -8.65
N SER G 26 -24.06 -30.87 -7.36
CA SER G 26 -24.41 -29.56 -6.83
C SER G 26 -23.42 -28.48 -7.23
N GLU G 27 -22.29 -28.85 -7.82
CA GLU G 27 -21.29 -27.89 -8.25
C GLU G 27 -20.55 -28.47 -9.45
N ASN G 28 -19.87 -27.60 -10.20
CA ASN G 28 -19.11 -28.05 -11.39
C ASN G 28 -18.09 -29.10 -10.96
N VAL G 29 -18.09 -30.25 -11.63
CA VAL G 29 -17.12 -31.34 -11.28
C VAL G 29 -16.26 -31.64 -12.51
N HIS G 30 -16.39 -30.84 -13.58
CA HIS G 30 -15.64 -31.17 -14.83
C HIS G 30 -16.11 -32.53 -15.34
N ILE G 31 -15.34 -33.16 -16.22
CA ILE G 31 -15.70 -34.51 -16.77
C ILE G 31 -15.52 -35.55 -15.67
N TYR G 32 -15.33 -35.12 -14.42
CA TYR G 32 -15.07 -36.07 -13.34
C TYR G 32 -16.39 -36.61 -12.80
N LEU G 33 -16.87 -37.66 -13.46
CA LEU G 33 -18.12 -38.32 -13.08
C LEU G 33 -18.09 -39.75 -13.59
N ALA G 34 -18.46 -40.69 -12.73
CA ALA G 34 -18.37 -42.11 -13.03
C ALA G 34 -19.71 -42.79 -12.78
N TRP G 35 -19.96 -43.87 -13.52
CA TRP G 35 -21.18 -44.66 -13.41
C TRP G 35 -20.82 -46.10 -13.08
N TYR G 36 -21.48 -46.65 -12.07
CA TYR G 36 -21.25 -48.04 -11.65
C TYR G 36 -22.57 -48.81 -11.71
N GLN G 37 -22.45 -50.12 -11.91
CA GLN G 37 -23.60 -51.01 -11.95
C GLN G 37 -23.53 -51.99 -10.80
N GLN G 38 -24.58 -52.00 -9.97
CA GLN G 38 -24.64 -52.87 -8.81
C GLN G 38 -25.88 -53.75 -8.88
N LYS G 39 -25.71 -55.03 -8.55
CA LYS G 39 -26.82 -55.95 -8.39
C LYS G 39 -26.73 -56.58 -7.01
N GLN G 40 -27.85 -57.12 -6.55
CA GLN G 40 -27.91 -57.69 -5.21
C GLN G 40 -26.89 -58.82 -5.06
N GLY G 41 -26.10 -58.74 -3.99
CA GLY G 41 -25.10 -59.74 -3.70
C GLY G 41 -23.78 -59.56 -4.42
N LYS G 42 -23.62 -58.50 -5.20
CA LYS G 42 -22.40 -58.26 -5.96
C LYS G 42 -21.95 -56.82 -5.80
N SER G 43 -20.67 -56.58 -6.06
CA SER G 43 -20.10 -55.25 -5.95
C SER G 43 -20.48 -54.40 -7.16
N PRO G 44 -20.52 -53.08 -7.00
CA PRO G 44 -20.67 -52.21 -8.16
C PRO G 44 -19.51 -52.37 -9.13
N GLN G 45 -19.81 -52.21 -10.42
CA GLN G 45 -18.83 -52.41 -11.48
C GLN G 45 -18.78 -51.18 -12.36
N LEU G 46 -17.57 -50.73 -12.67
CA LEU G 46 -17.37 -49.49 -13.42
C LEU G 46 -17.83 -49.67 -14.86
N LEU G 47 -18.63 -48.72 -15.34
CA LEU G 47 -19.10 -48.72 -16.72
C LEU G 47 -18.53 -47.54 -17.51
N VAL G 48 -18.75 -46.32 -17.04
CA VAL G 48 -18.25 -45.12 -17.67
C VAL G 48 -17.56 -44.27 -16.60
N TYR G 49 -16.25 -44.11 -16.72
CA TYR G 49 -15.44 -43.55 -15.64
C TYR G 49 -15.25 -42.05 -15.79
N ASN G 50 -14.93 -41.56 -16.97
CA ASN G 50 -14.98 -40.14 -17.23
C ASN G 50 -16.39 -39.75 -17.66
N ALA G 51 -16.56 -38.49 -18.05
CA ALA G 51 -17.87 -38.02 -18.46
C ALA G 51 -18.43 -38.82 -19.62
N LYS G 52 -17.59 -39.18 -20.59
CA LYS G 52 -18.04 -39.81 -21.83
C LYS G 52 -17.15 -40.97 -22.29
N THR G 53 -16.41 -41.60 -21.40
CA THR G 53 -15.49 -42.67 -21.77
C THR G 53 -15.92 -43.97 -21.12
N LEU G 54 -16.01 -45.03 -21.91
CA LEU G 54 -16.41 -46.34 -21.40
C LEU G 54 -15.23 -47.07 -20.80
N ALA G 55 -15.50 -47.87 -19.76
CA ALA G 55 -14.46 -48.64 -19.10
C ALA G 55 -14.16 -49.92 -19.88
N ASP G 56 -13.04 -50.54 -19.52
CA ASP G 56 -12.62 -51.77 -20.19
C ASP G 56 -13.62 -52.89 -19.92
N GLY G 57 -13.98 -53.63 -20.98
CA GLY G 57 -14.90 -54.73 -20.88
C GLY G 57 -16.37 -54.35 -20.87
N VAL G 58 -16.68 -53.07 -20.92
CA VAL G 58 -18.08 -52.63 -20.89
C VAL G 58 -18.70 -52.85 -22.26
N PRO G 59 -19.90 -53.43 -22.33
CA PRO G 59 -20.56 -53.58 -23.63
C PRO G 59 -20.87 -52.24 -24.27
N SER G 60 -20.87 -52.22 -25.60
CA SER G 60 -21.09 -50.97 -26.35
C SER G 60 -22.50 -50.43 -26.19
N ARG G 61 -23.42 -51.21 -25.61
CA ARG G 61 -24.78 -50.73 -25.41
C ARG G 61 -24.82 -49.52 -24.48
N PHE G 62 -23.83 -49.38 -23.62
CA PHE G 62 -23.78 -48.28 -22.68
C PHE G 62 -23.06 -47.07 -23.28
N SER G 63 -23.55 -45.89 -22.97
CA SER G 63 -22.93 -44.64 -23.42
C SER G 63 -23.36 -43.53 -22.49
N GLY G 64 -22.59 -42.45 -22.51
CA GLY G 64 -22.85 -41.32 -21.63
C GLY G 64 -22.65 -40.00 -22.36
N SER G 65 -23.12 -38.94 -21.70
CA SER G 65 -23.00 -37.59 -22.25
C SER G 65 -22.69 -36.63 -21.11
N ALA G 66 -22.07 -35.50 -21.46
CA ALA G 66 -21.65 -34.52 -20.47
C ALA G 66 -22.10 -33.14 -20.89
N SER G 67 -22.60 -32.37 -19.92
CA SER G 67 -22.99 -30.99 -20.10
C SER G 67 -22.32 -30.14 -19.02
N GLY G 68 -22.74 -28.88 -18.92
CA GLY G 68 -22.24 -28.01 -17.87
C GLY G 68 -22.56 -28.50 -16.48
N THR G 69 -23.78 -28.98 -16.26
CA THR G 69 -24.16 -29.57 -14.98
C THR G 69 -24.85 -30.91 -15.20
N GLN G 70 -25.40 -31.12 -16.39
CA GLN G 70 -26.14 -32.33 -16.68
C GLN G 70 -25.21 -33.45 -17.11
N PHE G 71 -25.39 -34.63 -16.50
CA PHE G 71 -24.70 -35.84 -16.90
C PHE G 71 -25.73 -36.96 -17.02
N SER G 72 -25.70 -37.67 -18.14
CA SER G 72 -26.68 -38.71 -18.41
C SER G 72 -25.98 -39.95 -18.94
N LEU G 73 -26.55 -41.11 -18.63
CA LEU G 73 -26.05 -42.40 -19.09
C LEU G 73 -27.17 -43.09 -19.87
N LYS G 74 -26.90 -43.40 -21.13
CA LYS G 74 -27.91 -43.95 -22.03
C LYS G 74 -27.59 -45.41 -22.34
N ILE G 75 -28.61 -46.25 -22.28
CA ILE G 75 -28.49 -47.67 -22.61
C ILE G 75 -29.36 -47.96 -23.82
N ASN G 76 -28.78 -48.60 -24.83
CA ASN G 76 -29.48 -48.92 -26.07
C ASN G 76 -29.68 -50.42 -26.17
N SER G 77 -30.85 -50.83 -26.66
CA SER G 77 -31.22 -52.24 -26.79
C SER G 77 -31.08 -52.96 -25.46
N LEU G 78 -31.90 -52.55 -24.50
CA LEU G 78 -31.83 -53.07 -23.15
C LEU G 78 -32.02 -54.58 -23.13
N GLN G 79 -31.17 -55.26 -22.37
CA GLN G 79 -31.16 -56.71 -22.26
C GLN G 79 -31.43 -57.10 -20.82
N PRO G 80 -31.88 -58.33 -20.58
CA PRO G 80 -32.26 -58.73 -19.21
C PRO G 80 -31.15 -58.59 -18.19
N GLU G 81 -29.88 -58.72 -18.59
CA GLU G 81 -28.78 -58.60 -17.65
C GLU G 81 -28.53 -57.16 -17.22
N ASP G 82 -29.20 -56.19 -17.83
CA ASP G 82 -28.96 -54.78 -17.52
C ASP G 82 -29.74 -54.29 -16.31
N PHE G 83 -30.48 -55.16 -15.62
CA PHE G 83 -31.14 -54.77 -14.40
C PHE G 83 -30.12 -54.53 -13.30
N GLY G 84 -30.56 -53.91 -12.22
CA GLY G 84 -29.70 -53.62 -11.09
C GLY G 84 -29.70 -52.16 -10.71
N SER G 85 -28.67 -51.78 -9.96
CA SER G 85 -28.54 -50.43 -9.42
C SER G 85 -27.42 -49.69 -10.13
N TYR G 86 -27.70 -48.45 -10.52
CA TYR G 86 -26.74 -47.58 -11.17
C TYR G 86 -26.43 -46.39 -10.26
N TYR G 87 -25.14 -46.17 -10.00
CA TYR G 87 -24.70 -45.09 -9.14
C TYR G 87 -23.85 -44.10 -9.92
N CYS G 88 -24.04 -42.82 -9.63
CA CYS G 88 -23.30 -41.73 -10.25
C CYS G 88 -22.46 -41.05 -9.18
N GLN G 89 -21.14 -40.98 -9.40
CA GLN G 89 -20.22 -40.52 -8.37
C GLN G 89 -19.26 -39.49 -8.96
N HIS G 90 -18.93 -38.47 -8.17
CA HIS G 90 -17.94 -37.48 -8.57
C HIS G 90 -16.65 -37.65 -7.79
N PHE G 91 -15.56 -37.23 -8.39
CA PHE G 91 -14.25 -37.17 -7.75
C PHE G 91 -13.61 -35.81 -7.96
N TRP G 92 -14.39 -34.75 -7.76
CA TRP G 92 -13.89 -33.40 -7.90
C TRP G 92 -13.27 -32.90 -6.60
N SER G 93 -13.93 -33.17 -5.47
CA SER G 93 -13.49 -32.65 -4.18
C SER G 93 -13.71 -33.71 -3.10
N ILE G 94 -12.91 -33.61 -2.05
CA ILE G 94 -13.09 -34.47 -0.87
C ILE G 94 -14.26 -33.95 -0.05
N PRO G 95 -15.21 -34.80 0.39
CA PRO G 95 -15.33 -36.24 0.12
C PRO G 95 -16.01 -36.53 -1.21
N TYR G 96 -15.74 -37.69 -1.80
CA TYR G 96 -16.42 -38.08 -3.04
C TYR G 96 -17.86 -38.46 -2.72
N THR G 97 -18.81 -37.84 -3.43
CA THR G 97 -20.22 -38.04 -3.17
C THR G 97 -20.83 -38.94 -4.23
N PHE G 98 -21.48 -40.01 -3.80
CA PHE G 98 -22.24 -40.88 -4.68
C PHE G 98 -23.66 -40.36 -4.84
N GLY G 99 -24.29 -40.76 -5.95
CA GLY G 99 -25.68 -40.40 -6.17
C GLY G 99 -26.62 -41.27 -5.35
N GLY G 100 -27.91 -40.98 -5.49
CA GLY G 100 -28.92 -41.74 -4.78
C GLY G 100 -29.13 -43.15 -5.29
N GLY G 101 -28.73 -43.43 -6.53
CA GLY G 101 -28.90 -44.76 -7.10
C GLY G 101 -30.21 -44.92 -7.84
N THR G 102 -30.20 -45.69 -8.92
CA THR G 102 -31.39 -45.95 -9.72
C THR G 102 -31.56 -47.45 -9.89
N LYS G 103 -32.76 -47.94 -9.57
CA LYS G 103 -33.07 -49.37 -9.72
C LYS G 103 -33.80 -49.57 -11.05
N LEU G 104 -33.12 -50.19 -12.01
CA LEU G 104 -33.73 -50.49 -13.29
C LEU G 104 -34.43 -51.84 -13.21
N GLU G 105 -35.62 -51.90 -13.81
CA GLU G 105 -36.45 -53.11 -13.80
C GLU G 105 -36.65 -53.56 -15.24
N ILE G 106 -36.43 -54.85 -15.49
CA ILE G 106 -36.61 -55.42 -16.83
C ILE G 106 -38.05 -55.86 -16.99
N LYS G 107 -38.70 -55.39 -18.06
CA LYS G 107 -40.08 -55.75 -18.34
C LYS G 107 -40.16 -56.68 -19.54
#